data_4KPQ
#
_entry.id   4KPQ
#
_cell.length_a   75.106
_cell.length_b   77.061
_cell.length_c   76.474
_cell.angle_alpha   85.50
_cell.angle_beta   82.55
_cell.angle_gamma   87.37
#
_symmetry.space_group_name_H-M   'P 1'
#
loop_
_entity.id
_entity.type
_entity.pdbx_description
1 polymer Hemagglutinin
2 polymer Hemagglutinin
3 non-polymer 2-acetamido-2-deoxy-beta-D-glucopyranose
4 water water
#
loop_
_entity_poly.entity_id
_entity_poly.type
_entity_poly.pdbx_seq_one_letter_code
_entity_poly.pdbx_strand_id
1 'polypeptide(L)'
;IQDRICVGYLSTNSSERVDTLLENGVPVTSSIDLIETNHTGTYCSLNGVSPVHLGDCSFEGWIVGNPACTSNFGIREWSY
LIEDPAAPHGLCYPGELNNNGELRHLFSGIRSFSRTELIPPTSWGEVLDGTTSACRDNTGTNSFYRNLVWFIKKNNRYPV
ISKTYNNTTGRDVLVLWGIHHPVSVDETKTLYVNSDPYTLVSTKSWSEKYKLETGVRPGYNGQRSWMKIYWSLIHPGEMI
TFESNGGFLAPRYGYIIEEYGKGRIFQSRIRMSRCNTKCQTSVGGINTNRTFQNIDKNALGDCPKYIKSGQLKLATGLRN
VPAISNR
;
A,C,E
2 'polypeptide(L)'
;GLFGAIAGFIEGGWPGLINGWYGFQHQNEQGTGIAADKESTQKAIDQITTKINNIIDKMNGNYDSIRGEFNQVEKRINML
ADRIDDAVTDIWSYNAKLLVLLENDKTLDMHDANVKNLHEQVRRELKDNAIDEGNGCFELLHKCNDSCMETIRNGTYDHT
EYAEESKLKRQEIDG
;
B,D,F
#
# COMPACT_ATOMS: atom_id res chain seq x y z
N ILE A 1 -26.30 23.99 59.98
CA ILE A 1 -26.54 22.93 59.01
C ILE A 1 -25.89 21.61 59.43
N GLN A 2 -25.81 20.67 58.50
CA GLN A 2 -25.28 19.34 58.78
C GLN A 2 -23.88 19.13 58.21
N ASP A 3 -23.25 18.03 58.60
CA ASP A 3 -21.99 17.60 58.02
C ASP A 3 -22.25 17.08 56.63
N ARG A 4 -21.31 17.31 55.71
CA ARG A 4 -21.52 16.91 54.33
C ARG A 4 -20.21 16.52 53.64
N ILE A 5 -20.30 15.58 52.70
CA ILE A 5 -19.15 15.18 51.90
C ILE A 5 -19.53 15.13 50.42
N CYS A 6 -18.64 15.61 49.55
CA CYS A 6 -18.95 15.72 48.14
C CYS A 6 -17.93 15.02 47.24
N VAL A 7 -18.41 14.55 46.09
CA VAL A 7 -17.55 13.93 45.08
C VAL A 7 -17.38 14.92 43.92
N GLY A 8 -16.14 15.10 43.48
CA GLY A 8 -15.86 16.04 42.40
C GLY A 8 -14.67 15.67 41.55
N TYR A 9 -14.29 16.56 40.64
CA TYR A 9 -13.20 16.31 39.71
C TYR A 9 -12.33 17.54 39.47
N LEU A 10 -11.21 17.34 38.78
CA LEU A 10 -10.21 18.38 38.59
C LEU A 10 -10.62 19.44 37.57
N SER A 11 -10.32 20.70 37.89
CA SER A 11 -10.41 21.80 36.95
C SER A 11 -9.09 22.57 37.00
N THR A 12 -8.68 23.13 35.87
CA THR A 12 -7.42 23.86 35.81
C THR A 12 -7.53 25.17 35.03
N ASN A 13 -6.42 25.87 34.94
CA ASN A 13 -6.31 27.05 34.08
C ASN A 13 -5.65 26.66 32.76
N SER A 14 -6.43 26.08 31.86
CA SER A 14 -5.90 25.66 30.57
C SER A 14 -6.73 26.18 29.41
N SER A 15 -6.03 26.55 28.33
CA SER A 15 -6.67 26.84 27.07
C SER A 15 -6.52 25.62 26.15
N GLU A 16 -5.92 24.58 26.72
CA GLU A 16 -5.72 23.31 26.03
C GLU A 16 -7.02 22.73 25.52
N ARG A 17 -7.04 22.37 24.24
CA ARG A 17 -8.24 21.83 23.61
C ARG A 17 -7.91 20.66 22.71
N VAL A 18 -8.84 19.71 22.63
CA VAL A 18 -8.72 18.59 21.72
C VAL A 18 -10.02 18.46 20.95
N ASP A 19 -9.97 17.75 19.83
CA ASP A 19 -11.17 17.42 19.09
C ASP A 19 -11.53 15.97 19.37
N THR A 20 -12.82 15.68 19.50
CA THR A 20 -13.26 14.29 19.58
C THR A 20 -14.10 14.00 18.36
N LEU A 21 -14.53 12.75 18.21
CA LEU A 21 -15.34 12.38 17.06
C LEU A 21 -16.69 13.09 17.10
N LEU A 22 -17.20 13.32 18.31
CA LEU A 22 -18.53 13.91 18.48
C LEU A 22 -18.49 15.41 18.73
N GLU A 23 -17.33 15.96 19.03
CA GLU A 23 -17.26 17.38 19.38
C GLU A 23 -15.93 18.04 19.04
N ASN A 24 -15.99 19.29 18.59
CA ASN A 24 -14.79 20.06 18.26
C ASN A 24 -14.37 20.99 19.38
N GLY A 25 -13.06 21.09 19.60
CA GLY A 25 -12.50 22.03 20.55
C GLY A 25 -12.99 21.87 21.98
N VAL A 26 -12.84 20.66 22.52
CA VAL A 26 -13.24 20.37 23.89
C VAL A 26 -12.10 20.69 24.84
N PRO A 27 -12.36 21.53 25.85
CA PRO A 27 -11.37 21.88 26.87
C PRO A 27 -10.98 20.65 27.69
N VAL A 28 -9.68 20.42 27.85
CA VAL A 28 -9.20 19.31 28.67
C VAL A 28 -8.08 19.78 29.61
N THR A 29 -7.88 19.05 30.69
CA THR A 29 -6.89 19.44 31.69
C THR A 29 -5.46 19.16 31.23
N SER A 30 -5.29 18.15 30.38
CA SER A 30 -3.98 17.81 29.86
C SER A 30 -4.05 16.96 28.58
N SER A 31 -3.05 17.11 27.72
CA SER A 31 -2.99 16.38 26.46
C SER A 31 -1.56 16.29 25.94
N ILE A 32 -1.33 15.40 24.98
CA ILE A 32 -0.01 15.26 24.37
C ILE A 32 -0.08 15.36 22.84
N ASP A 33 1.07 15.69 22.23
CA ASP A 33 1.17 15.79 20.78
C ASP A 33 1.66 14.47 20.17
N LEU A 34 0.97 14.01 19.13
CA LEU A 34 1.35 12.76 18.47
C LEU A 34 2.36 12.96 17.35
N ILE A 35 2.39 14.16 16.78
CA ILE A 35 3.17 14.41 15.57
C ILE A 35 4.41 15.23 15.85
N GLU A 36 5.56 14.73 15.39
CA GLU A 36 6.81 15.46 15.54
C GLU A 36 6.92 16.54 14.48
N THR A 37 7.21 17.77 14.92
CA THR A 37 7.28 18.91 14.03
C THR A 37 8.64 19.59 14.08
N ASN A 38 9.52 19.09 14.94
CA ASN A 38 10.84 19.69 15.11
C ASN A 38 11.98 18.86 14.54
N HIS A 39 12.90 19.52 13.85
CA HIS A 39 14.05 18.86 13.23
C HIS A 39 15.29 19.73 13.33
N THR A 40 16.45 19.16 13.00
CA THR A 40 17.73 19.86 13.14
C THR A 40 17.94 20.89 12.03
N GLY A 41 17.33 20.63 10.87
CA GLY A 41 17.50 21.50 9.71
C GLY A 41 18.83 21.26 9.03
N THR A 42 19.49 20.15 9.39
CA THR A 42 20.82 19.84 8.89
C THR A 42 20.96 18.38 8.46
N TYR A 43 22.03 18.09 7.73
CA TYR A 43 22.39 16.70 7.45
C TYR A 43 23.18 16.14 8.62
N CYS A 44 22.65 15.08 9.24
CA CYS A 44 23.30 14.48 10.40
C CYS A 44 23.77 13.07 10.07
N SER A 45 24.53 12.49 10.97
CA SER A 45 24.85 11.08 10.87
C SER A 45 23.58 10.31 11.14
N LEU A 46 23.41 9.17 10.48
CA LEU A 46 22.20 8.37 10.64
C LEU A 46 22.51 7.11 11.43
N ASN A 47 22.08 7.11 12.69
CA ASN A 47 22.29 5.98 13.59
C ASN A 47 23.75 5.59 13.72
N GLY A 48 24.61 6.59 13.90
CA GLY A 48 26.03 6.39 14.11
C GLY A 48 26.85 6.37 12.84
N VAL A 49 26.18 6.35 11.70
CA VAL A 49 26.86 6.27 10.41
C VAL A 49 26.80 7.58 9.63
N SER A 50 27.96 8.17 9.39
CA SER A 50 28.04 9.43 8.66
C SER A 50 27.72 9.23 7.18
N PRO A 51 27.10 10.24 6.55
CA PRO A 51 26.86 10.17 5.10
C PRO A 51 28.12 10.51 4.32
N VAL A 52 27.98 10.70 3.02
CA VAL A 52 29.08 11.16 2.19
C VAL A 52 28.63 12.30 1.30
N HIS A 53 29.29 13.44 1.43
CA HIS A 53 29.02 14.58 0.56
C HIS A 53 29.83 14.41 -0.72
N LEU A 54 29.21 14.68 -1.86
CA LEU A 54 29.87 14.47 -3.15
C LEU A 54 30.57 15.73 -3.65
N GLY A 55 30.57 16.77 -2.82
CA GLY A 55 31.25 18.02 -3.14
C GLY A 55 30.72 18.70 -4.38
N ASP A 56 31.60 18.90 -5.36
CA ASP A 56 31.23 19.56 -6.59
C ASP A 56 31.00 18.54 -7.71
N CYS A 57 30.92 17.27 -7.33
CA CYS A 57 30.79 16.20 -8.31
C CYS A 57 29.43 15.52 -8.27
N SER A 58 28.93 15.16 -9.45
CA SER A 58 27.74 14.34 -9.55
C SER A 58 28.11 12.92 -9.16
N PHE A 59 27.11 12.08 -8.92
CA PHE A 59 27.34 10.69 -8.55
C PHE A 59 28.11 9.94 -9.63
N GLU A 60 27.79 10.22 -10.90
CA GLU A 60 28.42 9.57 -12.02
C GLU A 60 29.94 9.78 -12.04
N GLY A 61 30.35 11.04 -11.93
CA GLY A 61 31.76 11.38 -11.90
C GLY A 61 32.48 10.84 -10.68
N TRP A 62 31.75 10.75 -9.57
CA TRP A 62 32.31 10.25 -8.32
C TRP A 62 32.56 8.75 -8.39
N ILE A 63 31.62 8.03 -9.01
CA ILE A 63 31.68 6.56 -9.03
C ILE A 63 32.69 6.01 -10.03
N VAL A 64 33.06 6.80 -11.03
CA VAL A 64 34.04 6.37 -12.02
C VAL A 64 35.43 6.95 -11.73
N GLY A 65 35.48 7.94 -10.85
CA GLY A 65 36.74 8.49 -10.40
C GLY A 65 37.24 9.68 -11.21
N ASN A 66 36.37 10.66 -11.43
CA ASN A 66 36.76 11.94 -12.02
C ASN A 66 37.89 12.54 -11.18
N PRO A 67 39.06 12.77 -11.80
CA PRO A 67 40.25 13.29 -11.11
C PRO A 67 39.97 14.58 -10.32
N ALA A 68 38.98 15.34 -10.73
CA ALA A 68 38.62 16.58 -10.03
C ALA A 68 37.77 16.32 -8.80
N CYS A 69 37.26 15.10 -8.68
CA CYS A 69 36.49 14.71 -7.50
C CYS A 69 37.41 14.19 -6.42
N THR A 70 36.98 14.34 -5.17
CA THR A 70 37.69 13.74 -4.05
C THR A 70 37.56 12.22 -4.14
N SER A 71 38.65 11.52 -3.88
CA SER A 71 38.69 10.08 -4.04
C SER A 71 37.85 9.34 -3.01
N ASN A 72 37.25 8.22 -3.43
CA ASN A 72 36.45 7.41 -2.52
C ASN A 72 37.24 6.23 -1.97
N PHE A 73 38.57 6.31 -2.08
CA PHE A 73 39.46 5.24 -1.68
C PHE A 73 39.41 4.93 -0.19
N GLY A 74 39.19 5.95 0.62
CA GLY A 74 39.21 5.80 2.07
C GLY A 74 37.85 5.53 2.71
N ILE A 75 36.81 5.52 1.89
CA ILE A 75 35.45 5.33 2.41
C ILE A 75 35.23 3.88 2.83
N ARG A 76 34.60 3.70 3.98
CA ARG A 76 34.32 2.37 4.52
C ARG A 76 32.82 2.05 4.49
N GLU A 77 32.01 3.10 4.49
CA GLU A 77 30.56 2.97 4.61
C GLU A 77 29.89 4.32 4.45
N TRP A 78 28.61 4.32 4.13
CA TRP A 78 27.80 5.52 4.18
C TRP A 78 26.31 5.22 4.34
N SER A 79 25.64 6.06 5.13
CA SER A 79 24.21 5.90 5.39
C SER A 79 23.38 6.47 4.25
N TYR A 80 23.84 7.60 3.70
CA TYR A 80 23.21 8.20 2.53
C TYR A 80 24.19 9.10 1.77
N LEU A 81 23.75 9.61 0.62
CA LEU A 81 24.60 10.48 -0.19
C LEU A 81 24.05 11.89 -0.27
N ILE A 82 24.95 12.87 -0.34
CA ILE A 82 24.56 14.26 -0.53
C ILE A 82 25.12 14.77 -1.84
N GLU A 83 24.23 15.18 -2.74
CA GLU A 83 24.64 15.59 -4.08
C GLU A 83 24.09 16.95 -4.46
N ASP A 84 24.93 17.80 -5.02
CA ASP A 84 24.47 19.07 -5.57
C ASP A 84 23.90 18.83 -6.96
N PRO A 85 22.62 19.17 -7.17
CA PRO A 85 21.92 18.95 -8.44
C PRO A 85 22.57 19.70 -9.62
N ALA A 86 23.24 20.81 -9.33
CA ALA A 86 23.94 21.56 -10.37
C ALA A 86 25.45 21.44 -10.21
N ALA A 87 25.91 20.23 -9.90
CA ALA A 87 27.34 19.97 -9.71
C ALA A 87 28.11 20.12 -11.01
N PRO A 88 29.18 20.94 -10.98
CA PRO A 88 29.99 21.23 -12.16
C PRO A 88 30.73 20.00 -12.71
N HIS A 89 31.16 19.10 -11.85
CA HIS A 89 31.92 17.94 -12.28
C HIS A 89 31.09 16.66 -12.39
N GLY A 90 31.32 15.93 -13.47
CA GLY A 90 30.68 14.65 -13.70
C GLY A 90 31.59 13.78 -14.54
N LEU A 91 31.06 13.25 -15.64
CA LEU A 91 31.91 12.59 -16.61
C LEU A 91 32.70 13.68 -17.34
N CYS A 92 33.96 13.85 -16.96
CA CYS A 92 34.79 14.92 -17.50
C CYS A 92 35.01 14.79 -19.01
N TYR A 93 35.17 13.55 -19.46
CA TYR A 93 35.23 13.29 -20.89
C TYR A 93 33.81 13.02 -21.38
N PRO A 94 33.43 13.66 -22.51
CA PRO A 94 32.11 13.50 -23.12
C PRO A 94 31.66 12.05 -23.18
N GLY A 95 30.66 11.70 -22.37
CA GLY A 95 30.15 10.35 -22.33
C GLY A 95 28.94 10.16 -21.46
N GLU A 96 28.48 8.92 -21.37
CA GLU A 96 27.33 8.57 -20.55
C GLU A 96 27.59 7.31 -19.75
N LEU A 97 27.04 7.25 -18.55
CA LEU A 97 27.10 6.03 -17.75
C LEU A 97 25.83 5.23 -18.00
N ASN A 98 25.99 4.03 -18.54
CA ASN A 98 24.84 3.18 -18.83
C ASN A 98 24.14 2.69 -17.57
N ASN A 99 22.82 2.71 -17.59
CA ASN A 99 22.00 2.19 -16.49
C ASN A 99 22.33 2.86 -15.16
N ASN A 100 22.55 4.17 -15.19
CA ASN A 100 22.97 4.94 -14.01
C ASN A 100 21.88 5.04 -12.95
N GLY A 101 20.62 4.94 -13.37
CA GLY A 101 19.51 4.94 -12.45
C GLY A 101 19.57 3.81 -11.44
N GLU A 102 19.78 2.60 -11.93
CA GLU A 102 19.95 1.42 -11.07
C GLU A 102 21.13 1.58 -10.14
N LEU A 103 22.25 2.05 -10.71
CA LEU A 103 23.48 2.18 -9.95
C LEU A 103 23.31 3.19 -8.81
N ARG A 104 22.64 4.29 -9.12
CA ARG A 104 22.31 5.30 -8.12
C ARG A 104 21.53 4.69 -6.97
N HIS A 105 20.58 3.82 -7.32
CA HIS A 105 19.72 3.19 -6.33
C HIS A 105 20.51 2.25 -5.43
N LEU A 106 21.40 1.50 -6.04
CA LEU A 106 22.20 0.50 -5.33
C LEU A 106 23.27 1.16 -4.46
N PHE A 107 23.65 2.38 -4.80
CA PHE A 107 24.70 3.08 -4.06
C PHE A 107 24.17 4.22 -3.20
N SER A 108 22.86 4.24 -2.98
CA SER A 108 22.23 5.27 -2.16
C SER A 108 22.70 5.18 -0.72
N GLY A 109 23.01 3.96 -0.28
CA GLY A 109 23.49 3.72 1.07
C GLY A 109 24.06 2.31 1.19
N ILE A 110 25.31 2.23 1.63
CA ILE A 110 26.00 0.93 1.74
C ILE A 110 26.67 0.78 3.11
N ARG A 111 26.45 -0.35 3.75
CA ARG A 111 27.00 -0.58 5.09
C ARG A 111 28.45 -1.05 5.07
N SER A 112 28.82 -1.80 4.03
CA SER A 112 30.20 -2.24 3.85
C SER A 112 30.73 -1.89 2.47
N PHE A 113 31.71 -0.99 2.43
CA PHE A 113 32.25 -0.49 1.17
C PHE A 113 33.77 -0.44 1.20
N SER A 114 34.40 -0.84 0.10
CA SER A 114 35.84 -0.75 -0.04
C SER A 114 36.25 -0.86 -1.50
N ARG A 115 37.03 0.11 -1.98
CA ARG A 115 37.55 0.06 -3.33
C ARG A 115 38.64 -1.00 -3.39
N THR A 116 38.78 -1.65 -4.55
CA THR A 116 39.82 -2.66 -4.72
C THR A 116 40.29 -2.70 -6.18
N GLU A 117 41.52 -3.14 -6.37
CA GLU A 117 42.10 -3.23 -7.71
C GLU A 117 41.80 -4.60 -8.32
N LEU A 118 40.89 -4.60 -9.29
CA LEU A 118 40.46 -5.83 -9.95
C LEU A 118 41.62 -6.47 -10.72
N ILE A 119 42.19 -5.69 -11.63
CA ILE A 119 43.25 -6.16 -12.51
C ILE A 119 44.37 -5.13 -12.55
N PRO A 120 45.62 -5.58 -12.41
CA PRO A 120 46.76 -4.66 -12.48
C PRO A 120 46.80 -3.91 -13.81
N PRO A 121 46.93 -2.58 -13.75
CA PRO A 121 46.92 -1.67 -14.90
C PRO A 121 48.06 -1.93 -15.90
N THR A 122 49.08 -2.65 -15.49
CA THR A 122 50.21 -2.93 -16.37
C THR A 122 50.26 -4.40 -16.81
N SER A 123 49.36 -5.20 -16.23
CA SER A 123 49.32 -6.63 -16.51
C SER A 123 48.55 -6.96 -17.79
N TRP A 124 48.16 -5.93 -18.54
CA TRP A 124 47.31 -6.11 -19.71
C TRP A 124 48.08 -6.50 -20.97
N GLY A 125 49.29 -5.97 -21.11
CA GLY A 125 50.12 -6.29 -22.26
C GLY A 125 50.82 -5.08 -22.83
N GLU A 126 50.97 -5.07 -24.15
CA GLU A 126 51.69 -3.98 -24.82
C GLU A 126 50.77 -2.84 -25.23
N VAL A 127 50.38 -2.02 -24.25
CA VAL A 127 49.53 -0.85 -24.51
C VAL A 127 49.94 0.32 -23.63
N LEU A 128 49.67 1.52 -24.09
CA LEU A 128 49.96 2.73 -23.31
C LEU A 128 48.71 3.26 -22.62
N ASP A 129 48.91 4.10 -21.60
CA ASP A 129 47.81 4.74 -20.90
C ASP A 129 47.56 6.11 -21.50
N GLY A 130 46.30 6.39 -21.82
CA GLY A 130 45.93 7.66 -22.40
C GLY A 130 45.38 8.64 -21.39
N THR A 131 45.91 9.86 -21.40
CA THR A 131 45.40 10.94 -20.56
C THR A 131 44.85 12.03 -21.47
N THR A 132 44.05 12.93 -20.91
CA THR A 132 43.40 13.95 -21.74
C THR A 132 43.24 15.28 -21.02
N SER A 133 43.16 16.35 -21.82
CA SER A 133 42.97 17.70 -21.29
C SER A 133 41.56 17.87 -20.72
N ALA A 134 40.68 16.93 -21.04
CA ALA A 134 39.31 16.96 -20.55
C ALA A 134 39.22 16.49 -19.10
N CYS A 135 40.16 15.62 -18.71
CA CYS A 135 40.15 15.04 -17.37
C CYS A 135 41.41 15.40 -16.58
N ARG A 136 41.65 16.69 -16.41
CA ARG A 136 42.80 17.15 -15.63
C ARG A 136 42.58 16.90 -14.15
N ASP A 137 43.67 16.70 -13.41
CA ASP A 137 43.59 16.42 -11.98
C ASP A 137 43.62 17.68 -11.13
N ASN A 138 43.81 17.50 -9.83
CA ASN A 138 43.86 18.61 -8.88
C ASN A 138 44.99 19.59 -9.19
N THR A 139 46.01 19.09 -9.87
CA THR A 139 47.18 19.91 -10.20
C THR A 139 46.95 20.75 -11.44
N GLY A 140 46.50 20.09 -12.51
CA GLY A 140 46.35 20.73 -13.81
C GLY A 140 46.95 19.83 -14.87
N THR A 141 47.48 18.70 -14.42
CA THR A 141 48.09 17.71 -15.30
C THR A 141 47.01 16.89 -16.00
N ASN A 142 47.25 16.52 -17.25
CA ASN A 142 46.34 15.64 -17.98
C ASN A 142 46.25 14.28 -17.29
N SER A 143 45.02 13.81 -17.09
CA SER A 143 44.79 12.53 -16.44
C SER A 143 43.57 11.82 -17.04
N PHE A 144 42.94 10.98 -16.23
CA PHE A 144 41.78 10.21 -16.66
C PHE A 144 41.11 9.63 -15.42
N TYR A 145 39.95 9.01 -15.61
CA TYR A 145 39.21 8.39 -14.51
C TYR A 145 40.10 7.42 -13.73
N ARG A 146 39.96 7.43 -12.41
CA ARG A 146 40.78 6.59 -11.55
C ARG A 146 40.46 5.11 -11.72
N ASN A 147 39.18 4.81 -11.91
CA ASN A 147 38.70 3.44 -11.98
C ASN A 147 38.89 2.78 -13.34
N LEU A 148 39.17 3.60 -14.36
CA LEU A 148 39.36 3.09 -15.71
C LEU A 148 40.74 3.43 -16.26
N VAL A 149 41.24 2.61 -17.18
CA VAL A 149 42.47 2.93 -17.89
C VAL A 149 42.26 2.95 -19.40
N TRP A 150 42.54 4.10 -20.00
CA TRP A 150 42.33 4.27 -21.43
C TRP A 150 43.51 3.71 -22.22
N PHE A 151 43.35 2.49 -22.71
CA PHE A 151 44.42 1.83 -23.45
C PHE A 151 44.51 2.28 -24.90
N ILE A 152 45.72 2.65 -25.32
CA ILE A 152 45.98 3.08 -26.68
C ILE A 152 47.14 2.32 -27.29
N LYS A 153 47.45 2.62 -28.55
CA LYS A 153 48.50 1.92 -29.27
C LYS A 153 49.88 2.18 -28.67
N LYS A 154 50.70 1.14 -28.62
CA LYS A 154 52.09 1.24 -28.17
C LYS A 154 53.01 0.74 -29.26
N ASN A 155 53.94 1.59 -29.69
CA ASN A 155 54.83 1.28 -30.80
C ASN A 155 54.07 0.91 -32.08
N ASN A 156 53.05 1.72 -32.38
CA ASN A 156 52.25 1.57 -33.61
C ASN A 156 51.53 0.24 -33.70
N ARG A 157 51.37 -0.44 -32.57
CA ARG A 157 50.73 -1.75 -32.54
C ARG A 157 49.77 -1.88 -31.36
N TYR A 158 48.53 -2.30 -31.64
CA TYR A 158 47.58 -2.59 -30.58
C TYR A 158 47.26 -4.08 -30.60
N PRO A 159 47.87 -4.84 -29.68
CA PRO A 159 47.66 -6.30 -29.61
C PRO A 159 46.32 -6.64 -28.99
N VAL A 160 45.85 -7.86 -29.21
CA VAL A 160 44.64 -8.35 -28.55
C VAL A 160 44.92 -8.60 -27.07
N ILE A 161 44.42 -7.71 -26.21
CA ILE A 161 44.62 -7.83 -24.78
C ILE A 161 43.45 -8.55 -24.10
N SER A 162 43.77 -9.39 -23.13
CA SER A 162 42.74 -10.18 -22.46
C SER A 162 43.11 -10.52 -21.02
N LYS A 163 42.36 -9.94 -20.08
CA LYS A 163 42.53 -10.26 -18.66
C LYS A 163 41.17 -10.57 -18.03
N THR A 164 41.18 -11.33 -16.94
CA THR A 164 39.94 -11.71 -16.29
C THR A 164 39.99 -11.47 -14.78
N TYR A 165 38.81 -11.31 -14.18
CA TYR A 165 38.73 -11.07 -12.74
C TYR A 165 37.99 -12.19 -12.02
N ASN A 166 38.50 -12.57 -10.86
CA ASN A 166 37.90 -13.64 -10.06
C ASN A 166 37.38 -13.07 -8.75
N ASN A 167 36.06 -13.10 -8.56
CA ASN A 167 35.48 -12.59 -7.33
C ASN A 167 35.73 -13.54 -6.17
N THR A 168 36.77 -13.24 -5.40
CA THR A 168 37.18 -14.08 -4.28
C THR A 168 36.89 -13.41 -2.94
N THR A 169 36.29 -12.23 -3.01
CA THR A 169 36.06 -11.41 -1.82
C THR A 169 34.99 -11.96 -0.89
N GLY A 170 34.11 -12.82 -1.44
CA GLY A 170 33.02 -13.37 -0.67
C GLY A 170 31.78 -12.48 -0.66
N ARG A 171 31.94 -11.26 -1.18
CA ARG A 171 30.83 -10.33 -1.28
C ARG A 171 30.61 -9.90 -2.73
N ASP A 172 29.57 -9.10 -2.95
CA ASP A 172 29.30 -8.57 -4.28
C ASP A 172 30.34 -7.51 -4.64
N VAL A 173 30.76 -7.53 -5.91
CA VAL A 173 31.76 -6.60 -6.38
C VAL A 173 31.28 -5.85 -7.62
N LEU A 174 31.31 -4.53 -7.54
CA LEU A 174 30.94 -3.70 -8.68
C LEU A 174 32.11 -3.48 -9.61
N VAL A 175 31.92 -3.79 -10.89
CA VAL A 175 32.97 -3.62 -11.89
C VAL A 175 32.54 -2.60 -12.94
N LEU A 176 33.46 -1.74 -13.36
CA LEU A 176 33.19 -0.75 -14.39
C LEU A 176 34.15 -0.89 -15.56
N TRP A 177 33.61 -0.84 -16.78
CA TRP A 177 34.43 -0.73 -17.98
C TRP A 177 33.79 0.24 -18.95
N GLY A 178 34.45 0.51 -20.06
CA GLY A 178 33.95 1.51 -21.00
C GLY A 178 34.36 1.31 -22.44
N ILE A 179 33.57 1.90 -23.34
CA ILE A 179 33.85 1.87 -24.76
C ILE A 179 34.02 3.29 -25.27
N HIS A 180 35.10 3.54 -26.00
CA HIS A 180 35.33 4.85 -26.59
C HIS A 180 34.98 4.88 -28.07
N HIS A 181 34.06 5.77 -28.44
CA HIS A 181 33.65 5.91 -29.83
C HIS A 181 34.26 7.18 -30.43
N PRO A 182 35.30 7.02 -31.26
CA PRO A 182 36.05 8.13 -31.86
C PRO A 182 35.21 8.92 -32.86
N VAL A 183 35.70 10.10 -33.24
CA VAL A 183 34.97 10.98 -34.15
C VAL A 183 34.89 10.44 -35.56
N SER A 184 35.86 9.61 -35.94
CA SER A 184 35.91 9.06 -37.30
C SER A 184 36.78 7.81 -37.31
N VAL A 185 36.69 7.04 -38.38
CA VAL A 185 37.51 5.84 -38.53
C VAL A 185 38.99 6.21 -38.57
N ASP A 186 39.27 7.47 -38.88
CA ASP A 186 40.64 7.97 -38.90
C ASP A 186 41.19 8.06 -37.48
N GLU A 187 40.35 8.47 -36.54
CA GLU A 187 40.78 8.62 -35.16
C GLU A 187 40.97 7.28 -34.45
N THR A 188 40.14 6.30 -34.78
CA THR A 188 40.31 4.97 -34.20
C THR A 188 41.56 4.31 -34.78
N LYS A 189 41.96 4.75 -35.98
CA LYS A 189 43.20 4.30 -36.56
C LYS A 189 44.38 4.97 -35.86
N THR A 190 44.25 6.27 -35.61
CA THR A 190 45.30 7.02 -34.93
C THR A 190 45.49 6.51 -33.51
N LEU A 191 44.38 6.15 -32.86
CA LEU A 191 44.43 5.74 -31.46
C LEU A 191 44.69 4.23 -31.29
N TYR A 192 44.06 3.41 -32.13
CA TYR A 192 44.08 1.97 -31.93
C TYR A 192 44.59 1.16 -33.13
N VAL A 193 45.04 1.85 -34.17
CA VAL A 193 45.51 1.22 -35.41
C VAL A 193 44.47 0.33 -36.10
N ASN A 194 44.04 -0.71 -35.39
CA ASN A 194 43.11 -1.70 -35.91
C ASN A 194 41.84 -1.09 -36.49
N SER A 195 41.46 -1.56 -37.68
CA SER A 195 40.21 -1.13 -38.28
C SER A 195 39.07 -1.93 -37.66
N ASP A 196 37.99 -1.24 -37.31
CA ASP A 196 36.81 -1.88 -36.72
C ASP A 196 37.16 -2.71 -35.48
N PRO A 197 37.70 -2.07 -34.43
CA PRO A 197 38.06 -2.82 -33.23
C PRO A 197 36.83 -3.27 -32.46
N TYR A 198 37.01 -4.23 -31.55
CA TYR A 198 35.90 -4.76 -30.75
C TYR A 198 36.30 -4.90 -29.30
N THR A 199 35.32 -5.09 -28.44
CA THR A 199 35.56 -5.47 -27.06
C THR A 199 34.54 -6.53 -26.66
N LEU A 200 35.02 -7.64 -26.10
CA LEU A 200 34.14 -8.71 -25.68
C LEU A 200 34.22 -8.89 -24.18
N VAL A 201 33.08 -8.72 -23.52
CA VAL A 201 33.01 -8.89 -22.07
C VAL A 201 32.06 -10.04 -21.73
N SER A 202 32.52 -10.96 -20.91
CA SER A 202 31.72 -12.15 -20.61
C SER A 202 31.89 -12.68 -19.20
N THR A 203 30.81 -13.24 -18.67
CA THR A 203 30.86 -14.05 -17.47
C THR A 203 30.47 -15.45 -17.89
N LYS A 204 29.98 -16.25 -16.94
CA LYS A 204 29.51 -17.60 -17.29
C LYS A 204 27.99 -17.61 -17.43
N SER A 205 27.38 -16.44 -17.33
CA SER A 205 25.93 -16.30 -17.42
C SER A 205 25.53 -15.37 -18.55
N TRP A 206 26.44 -14.48 -18.95
CA TRP A 206 26.16 -13.54 -20.04
C TRP A 206 27.43 -13.14 -20.80
N SER A 207 27.22 -12.60 -22.00
CA SER A 207 28.33 -12.17 -22.84
C SER A 207 27.88 -11.01 -23.73
N GLU A 208 28.65 -9.94 -23.73
CA GLU A 208 28.35 -8.76 -24.56
C GLU A 208 29.50 -8.46 -25.49
N LYS A 209 29.19 -8.14 -26.74
CA LYS A 209 30.23 -7.71 -27.68
C LYS A 209 30.00 -6.28 -28.13
N TYR A 210 31.02 -5.45 -27.95
CA TYR A 210 30.93 -4.03 -28.28
C TYR A 210 31.74 -3.69 -29.52
N LYS A 211 31.14 -2.91 -30.42
CA LYS A 211 31.86 -2.36 -31.55
C LYS A 211 31.81 -0.83 -31.49
N LEU A 212 32.61 -0.16 -32.32
CA LEU A 212 32.69 1.29 -32.26
C LEU A 212 31.65 1.99 -33.13
N GLU A 213 31.08 3.07 -32.60
CA GLU A 213 30.09 3.86 -33.32
C GLU A 213 30.65 5.25 -33.61
N THR A 214 31.42 5.36 -34.67
CA THR A 214 32.14 6.58 -35.01
C THR A 214 31.20 7.71 -35.43
N GLY A 215 31.56 8.93 -35.04
CA GLY A 215 30.78 10.10 -35.39
C GLY A 215 31.13 11.30 -34.52
N VAL A 216 30.72 12.48 -34.96
CA VAL A 216 30.98 13.71 -34.20
C VAL A 216 29.80 14.08 -33.29
N ARG A 217 30.06 14.15 -32.00
CA ARG A 217 29.03 14.51 -31.03
C ARG A 217 29.15 15.98 -30.63
N PRO A 218 28.02 16.61 -30.29
CA PRO A 218 28.07 17.99 -29.79
C PRO A 218 28.58 18.01 -28.35
N GLY A 219 29.85 17.67 -28.17
CA GLY A 219 30.40 17.43 -26.85
C GLY A 219 30.69 18.66 -26.02
N TYR A 220 31.46 18.47 -24.95
CA TYR A 220 31.86 19.54 -24.06
C TYR A 220 33.34 19.42 -23.72
N ASN A 221 33.87 20.41 -23.01
CA ASN A 221 35.31 20.57 -22.86
C ASN A 221 35.95 20.65 -24.24
N GLY A 222 37.00 19.86 -24.47
CA GLY A 222 37.69 19.93 -25.75
C GLY A 222 37.21 18.93 -26.77
N GLN A 223 36.70 17.78 -26.30
CA GLN A 223 36.52 16.62 -27.17
C GLN A 223 35.22 16.59 -27.97
N ARG A 224 35.15 15.70 -28.96
CA ARG A 224 33.99 15.62 -29.82
C ARG A 224 33.60 14.16 -30.07
N SER A 225 34.33 13.25 -29.45
CA SER A 225 34.03 11.83 -29.53
C SER A 225 33.07 11.46 -28.40
N TRP A 226 32.87 10.17 -28.19
CA TRP A 226 31.91 9.73 -27.18
C TRP A 226 32.32 8.45 -26.45
N MET A 227 32.13 8.45 -25.13
CA MET A 227 32.43 7.27 -24.31
C MET A 227 31.16 6.71 -23.69
N LYS A 228 31.07 5.39 -23.62
CA LYS A 228 29.97 4.75 -22.94
C LYS A 228 30.51 3.83 -21.84
N ILE A 229 30.13 4.12 -20.61
CA ILE A 229 30.62 3.38 -19.47
C ILE A 229 29.56 2.40 -18.95
N TYR A 230 29.93 1.13 -18.86
CA TYR A 230 29.01 0.10 -18.41
C TYR A 230 29.45 -0.45 -17.06
N TRP A 231 28.57 -1.18 -16.40
CA TRP A 231 28.90 -1.79 -15.12
C TRP A 231 28.17 -3.11 -14.90
N SER A 232 28.67 -3.89 -13.96
CA SER A 232 28.05 -5.17 -13.61
C SER A 232 28.42 -5.57 -12.20
N LEU A 233 27.47 -6.14 -11.48
CA LEU A 233 27.73 -6.68 -10.16
C LEU A 233 28.19 -8.13 -10.28
N ILE A 234 29.43 -8.39 -9.88
CA ILE A 234 29.95 -9.74 -9.90
C ILE A 234 29.71 -10.40 -8.55
N HIS A 235 28.98 -11.52 -8.58
CA HIS A 235 28.61 -12.22 -7.36
C HIS A 235 29.76 -13.11 -6.88
N PRO A 236 29.80 -13.42 -5.58
CA PRO A 236 30.85 -14.27 -5.00
C PRO A 236 31.03 -15.57 -5.77
N GLY A 237 32.24 -15.80 -6.27
CA GLY A 237 32.56 -17.02 -6.99
C GLY A 237 32.40 -16.90 -8.49
N GLU A 238 32.00 -15.72 -8.95
CA GLU A 238 31.82 -15.48 -10.39
C GLU A 238 33.04 -14.80 -10.99
N MET A 239 33.20 -14.92 -12.29
CA MET A 239 34.34 -14.33 -12.99
C MET A 239 33.93 -13.61 -14.26
N ILE A 240 34.60 -12.50 -14.55
CA ILE A 240 34.32 -11.69 -15.73
C ILE A 240 35.59 -11.46 -16.55
N THR A 241 35.54 -11.80 -17.83
CA THR A 241 36.72 -11.68 -18.70
C THR A 241 36.57 -10.57 -19.73
N PHE A 242 37.64 -9.81 -19.94
CA PHE A 242 37.65 -8.73 -20.92
C PHE A 242 38.65 -9.02 -22.03
N GLU A 243 38.19 -8.96 -23.27
CA GLU A 243 39.08 -9.09 -24.41
C GLU A 243 38.82 -7.97 -25.41
N SER A 244 39.89 -7.32 -25.88
CA SER A 244 39.73 -6.19 -26.76
C SER A 244 40.95 -5.90 -27.62
N ASN A 245 40.73 -5.26 -28.77
CA ASN A 245 41.81 -4.83 -29.63
C ASN A 245 41.69 -3.35 -30.00
N GLY A 246 41.06 -2.58 -29.11
CA GLY A 246 40.95 -1.15 -29.31
C GLY A 246 39.64 -0.56 -28.80
N GLY A 247 39.64 0.75 -28.55
CA GLY A 247 38.46 1.46 -28.10
C GLY A 247 37.92 0.96 -26.77
N PHE A 248 38.82 0.60 -25.87
CA PHE A 248 38.43 -0.06 -24.64
C PHE A 248 38.94 0.64 -23.38
N LEU A 249 38.01 1.11 -22.56
CA LEU A 249 38.34 1.66 -21.26
C LEU A 249 38.34 0.53 -20.24
N ALA A 250 39.54 0.06 -19.89
CA ALA A 250 39.67 -1.13 -19.07
C ALA A 250 39.39 -0.87 -17.59
N PRO A 251 38.81 -1.88 -16.90
CA PRO A 251 38.57 -1.80 -15.46
C PRO A 251 39.87 -1.84 -14.66
N ARG A 252 39.97 -1.00 -13.65
CA ARG A 252 41.10 -1.03 -12.73
C ARG A 252 40.60 -1.17 -11.31
N TYR A 253 39.84 -0.19 -10.86
CA TYR A 253 39.29 -0.20 -9.51
C TYR A 253 37.80 -0.57 -9.51
N GLY A 254 37.44 -1.49 -8.64
CA GLY A 254 36.04 -1.85 -8.44
C GLY A 254 35.64 -1.59 -7.00
N TYR A 255 34.45 -2.04 -6.62
CA TYR A 255 33.97 -1.82 -5.26
C TYR A 255 33.40 -3.09 -4.64
N ILE A 256 33.85 -3.41 -3.43
CA ILE A 256 33.32 -4.54 -2.69
C ILE A 256 32.20 -4.07 -1.77
N ILE A 257 30.98 -4.52 -2.04
CA ILE A 257 29.81 -3.99 -1.33
C ILE A 257 28.93 -5.04 -0.66
N GLU A 258 28.44 -4.69 0.53
CA GLU A 258 27.54 -5.56 1.28
C GLU A 258 26.48 -4.71 1.97
N GLU A 259 25.24 -5.20 1.98
CA GLU A 259 24.10 -4.46 2.52
C GLU A 259 23.95 -3.09 1.88
N TYR A 260 23.52 -3.08 0.61
CA TYR A 260 23.43 -1.85 -0.14
C TYR A 260 21.99 -1.53 -0.59
N GLY A 261 21.80 -0.31 -1.09
CA GLY A 261 20.48 0.17 -1.47
C GLY A 261 19.68 0.56 -0.26
N LYS A 262 20.37 0.79 0.85
CA LYS A 262 19.73 1.08 2.13
C LYS A 262 19.68 2.57 2.42
N GLY A 263 19.98 3.38 1.41
CA GLY A 263 20.11 4.81 1.63
C GLY A 263 19.22 5.70 0.80
N ARG A 264 19.77 6.85 0.42
CA ARG A 264 19.03 7.85 -0.33
C ARG A 264 20.05 8.85 -0.87
N ILE A 265 19.77 9.40 -2.05
CA ILE A 265 20.59 10.49 -2.57
C ILE A 265 19.87 11.82 -2.38
N PHE A 266 20.18 12.50 -1.28
CA PHE A 266 19.58 13.80 -1.00
C PHE A 266 20.24 14.88 -1.85
N GLN A 267 19.43 15.77 -2.41
CA GLN A 267 19.92 16.86 -3.24
C GLN A 267 19.62 18.19 -2.61
N SER A 268 19.16 18.14 -1.36
CA SER A 268 18.74 19.35 -0.66
C SER A 268 19.95 20.21 -0.28
N ARG A 269 19.79 21.53 -0.39
CA ARG A 269 20.90 22.45 -0.18
C ARG A 269 21.00 22.94 1.27
N ILE A 270 20.89 22.01 2.21
CA ILE A 270 21.06 22.32 3.61
C ILE A 270 22.48 21.94 4.06
N ARG A 271 22.84 22.28 5.29
CA ARG A 271 24.21 22.12 5.77
C ARG A 271 24.45 20.82 6.55
N MET A 272 25.64 20.24 6.41
CA MET A 272 26.05 19.04 7.12
C MET A 272 26.47 19.40 8.56
N SER A 273 26.26 18.49 9.50
CA SER A 273 26.48 18.81 10.92
C SER A 273 27.07 17.69 11.78
N ARG A 274 27.33 18.00 13.04
CA ARG A 274 27.93 17.05 13.98
C ARG A 274 26.88 16.25 14.75
N CYS A 275 25.62 16.54 14.49
CA CYS A 275 24.52 15.86 15.19
C CYS A 275 24.36 14.43 14.71
N ASN A 276 23.57 13.65 15.44
CA ASN A 276 23.28 12.27 15.06
C ASN A 276 21.82 11.92 15.36
N THR A 277 21.06 11.60 14.33
CA THR A 277 19.65 11.26 14.50
C THR A 277 19.35 9.86 13.98
N LYS A 278 18.15 9.37 14.28
CA LYS A 278 17.72 8.07 13.78
C LYS A 278 16.86 8.19 12.53
N CYS A 279 16.54 9.44 12.16
CA CYS A 279 15.75 9.71 10.97
C CYS A 279 16.22 10.98 10.26
N GLN A 280 16.61 10.84 9.01
CA GLN A 280 17.08 11.97 8.21
C GLN A 280 16.09 12.32 7.11
N THR A 281 15.71 13.59 7.03
CA THR A 281 14.85 14.04 5.96
C THR A 281 15.62 15.02 5.07
N SER A 282 15.05 15.37 3.92
CA SER A 282 15.69 16.31 3.01
C SER A 282 15.60 17.73 3.54
N VAL A 283 15.12 17.87 4.76
CA VAL A 283 14.89 19.18 5.34
C VAL A 283 15.61 19.28 6.69
N GLY A 284 15.89 18.13 7.30
CA GLY A 284 16.63 18.08 8.54
C GLY A 284 16.55 16.72 9.20
N GLY A 285 17.34 16.55 10.26
CA GLY A 285 17.33 15.30 11.02
C GLY A 285 16.25 15.32 12.08
N ILE A 286 15.66 14.17 12.35
CA ILE A 286 14.60 14.06 13.34
C ILE A 286 14.99 13.12 14.48
N ASN A 287 14.85 13.59 15.70
CA ASN A 287 15.11 12.76 16.87
C ASN A 287 13.95 12.84 17.86
N THR A 288 13.10 11.81 17.84
CA THR A 288 11.88 11.82 18.62
C THR A 288 11.40 10.40 18.91
N ASN A 289 10.63 10.25 19.98
CA ASN A 289 10.01 8.97 20.29
C ASN A 289 8.59 8.89 19.75
N ARG A 290 8.15 9.98 19.13
CA ARG A 290 6.83 10.03 18.52
C ARG A 290 6.82 9.23 17.22
N THR A 291 5.65 8.69 16.88
CA THR A 291 5.54 7.77 15.75
C THR A 291 4.97 8.43 14.50
N PHE A 292 4.67 9.72 14.58
CA PHE A 292 4.21 10.45 13.41
C PHE A 292 4.99 11.74 13.22
N GLN A 293 5.00 12.23 11.98
CA GLN A 293 5.75 13.43 11.63
C GLN A 293 5.14 14.07 10.38
N ASN A 294 4.98 15.37 10.39
CA ASN A 294 4.42 16.08 9.23
C ASN A 294 5.40 17.07 8.62
N ILE A 295 6.69 16.72 8.69
CA ILE A 295 7.76 17.62 8.29
C ILE A 295 8.16 17.44 6.83
N ASP A 296 8.40 16.21 6.42
CA ASP A 296 8.90 15.93 5.08
C ASP A 296 8.62 14.49 4.67
N LYS A 297 7.97 14.31 3.52
CA LYS A 297 7.67 12.98 3.00
C LYS A 297 8.93 12.24 2.58
N ASN A 298 10.01 12.99 2.33
CA ASN A 298 11.29 12.40 1.96
C ASN A 298 12.13 12.11 3.19
N ALA A 299 12.07 10.86 3.67
CA ALA A 299 12.72 10.50 4.93
C ALA A 299 13.34 9.12 4.88
N LEU A 300 14.42 8.94 5.65
CA LEU A 300 15.19 7.71 5.61
C LEU A 300 15.58 7.25 7.02
N GLY A 301 15.45 5.95 7.27
CA GLY A 301 15.91 5.38 8.52
C GLY A 301 14.80 4.97 9.45
N ASP A 302 15.09 4.98 10.76
CA ASP A 302 14.10 4.65 11.78
C ASP A 302 13.22 5.86 12.06
N CYS A 303 12.24 6.07 11.17
CA CYS A 303 11.46 7.30 11.16
C CYS A 303 10.08 7.15 11.76
N PRO A 304 9.50 8.27 12.20
CA PRO A 304 8.05 8.32 12.41
C PRO A 304 7.39 8.33 11.05
N LYS A 305 6.19 7.78 10.93
CA LYS A 305 5.49 7.78 9.64
C LYS A 305 5.09 9.20 9.26
N TYR A 306 5.39 9.59 8.03
CA TYR A 306 4.92 10.87 7.53
C TYR A 306 3.43 10.82 7.25
N ILE A 307 2.70 11.82 7.76
CA ILE A 307 1.27 11.91 7.48
C ILE A 307 0.91 13.33 7.08
N LYS A 308 -0.12 13.46 6.26
CA LYS A 308 -0.61 14.77 5.85
C LYS A 308 -1.63 15.27 6.86
N SER A 309 -1.14 15.92 7.91
CA SER A 309 -2.01 16.35 9.00
C SER A 309 -1.41 17.50 9.80
N GLY A 310 -2.27 18.33 10.36
CA GLY A 310 -1.86 19.29 11.37
C GLY A 310 -1.62 18.53 12.66
N GLN A 311 -1.21 19.25 13.70
CA GLN A 311 -0.92 18.60 14.98
C GLN A 311 -2.14 17.84 15.50
N LEU A 312 -1.89 16.67 16.10
CA LEU A 312 -2.95 15.85 16.65
C LEU A 312 -2.77 15.71 18.15
N LYS A 313 -3.76 16.20 18.90
CA LYS A 313 -3.66 16.21 20.35
C LYS A 313 -4.46 15.06 20.98
N LEU A 314 -3.75 14.16 21.66
CA LEU A 314 -4.39 13.07 22.38
C LEU A 314 -4.73 13.53 23.80
N ALA A 315 -6.01 13.45 24.15
CA ALA A 315 -6.43 13.83 25.49
C ALA A 315 -5.92 12.82 26.51
N THR A 316 -5.38 13.33 27.62
CA THR A 316 -4.99 12.47 28.72
C THR A 316 -5.85 12.79 29.93
N GLY A 317 -6.04 14.07 30.20
CA GLY A 317 -6.86 14.51 31.30
C GLY A 317 -8.35 14.40 31.01
N LEU A 318 -9.15 15.09 31.80
CA LEU A 318 -10.59 15.04 31.62
C LEU A 318 -11.11 16.37 31.07
N ARG A 319 -12.40 16.41 30.76
CA ARG A 319 -13.03 17.64 30.28
C ARG A 319 -12.87 18.74 31.33
N ASN A 320 -12.28 19.85 30.91
CA ASN A 320 -12.04 20.97 31.82
C ASN A 320 -13.28 21.85 31.94
N VAL A 321 -14.18 21.47 32.84
CA VAL A 321 -15.38 22.27 33.10
C VAL A 321 -15.23 23.08 34.39
N PRO A 322 -15.32 24.41 34.26
CA PRO A 322 -15.02 25.40 35.32
C PRO A 322 -15.80 25.25 36.63
N ALA A 323 -15.30 25.95 37.65
CA ALA A 323 -15.76 25.77 39.03
C ALA A 323 -17.15 26.30 39.30
N ILE A 324 -17.96 25.51 40.00
CA ILE A 324 -19.31 25.90 40.38
C ILE A 324 -19.33 27.22 41.13
N LEU B 2 -21.62 8.40 27.20
CA LEU B 2 -21.56 9.39 28.28
C LEU B 2 -22.31 8.91 29.53
N PHE B 3 -21.79 9.28 30.69
CA PHE B 3 -22.27 8.72 31.96
C PHE B 3 -22.94 9.74 32.86
N GLY B 4 -23.03 10.98 32.39
CA GLY B 4 -23.85 12.00 33.02
C GLY B 4 -23.32 12.64 34.28
N ALA B 5 -22.08 12.32 34.64
CA ALA B 5 -21.48 12.89 35.84
C ALA B 5 -20.73 14.18 35.53
N ILE B 6 -19.61 14.05 34.81
CA ILE B 6 -18.80 15.22 34.46
C ILE B 6 -19.59 16.16 33.54
N ALA B 7 -19.68 17.42 33.95
CA ALA B 7 -20.49 18.42 33.25
C ALA B 7 -21.97 18.01 33.19
N GLY B 8 -22.35 17.11 34.09
CA GLY B 8 -23.71 16.63 34.18
C GLY B 8 -24.34 17.03 35.50
N PHE B 9 -24.61 16.06 36.36
CA PHE B 9 -25.24 16.38 37.65
C PHE B 9 -24.21 16.95 38.63
N ILE B 10 -22.94 16.64 38.41
CA ILE B 10 -21.87 17.35 39.09
C ILE B 10 -21.41 18.42 38.12
N GLU B 11 -22.01 19.60 38.21
CA GLU B 11 -21.99 20.58 37.12
C GLU B 11 -20.68 21.37 36.96
N GLY B 12 -19.73 21.16 37.84
CA GLY B 12 -18.46 21.88 37.74
C GLY B 12 -17.29 21.15 38.37
N GLY B 13 -16.09 21.56 37.99
CA GLY B 13 -14.88 20.96 38.53
C GLY B 13 -14.32 21.73 39.71
N TRP B 14 -13.30 21.16 40.36
CA TRP B 14 -12.68 21.80 41.50
C TRP B 14 -11.25 22.22 41.21
N PRO B 15 -11.01 23.52 41.05
CA PRO B 15 -9.64 24.02 41.01
C PRO B 15 -9.07 23.86 42.41
N GLY B 16 -7.78 23.59 42.52
CA GLY B 16 -7.20 23.37 43.84
C GLY B 16 -7.47 21.96 44.32
N LEU B 17 -7.70 21.05 43.38
CA LEU B 17 -7.68 19.63 43.68
C LEU B 17 -6.27 19.15 43.34
N ILE B 18 -5.50 18.84 44.36
CA ILE B 18 -4.07 18.59 44.19
C ILE B 18 -3.71 17.11 44.04
N ASN B 19 -2.87 16.81 43.04
CA ASN B 19 -2.35 15.47 42.80
C ASN B 19 -3.43 14.41 42.57
N GLY B 20 -4.50 14.79 41.88
CA GLY B 20 -5.57 13.85 41.58
C GLY B 20 -6.57 14.36 40.57
N TRP B 21 -7.28 13.42 39.95
CA TRP B 21 -8.34 13.75 39.01
C TRP B 21 -9.69 13.71 39.69
N TYR B 22 -9.87 12.74 40.58
CA TYR B 22 -11.13 12.55 41.29
C TYR B 22 -10.88 12.70 42.79
N GLY B 23 -11.84 13.27 43.51
CA GLY B 23 -11.64 13.50 44.94
C GLY B 23 -12.88 13.81 45.76
N PHE B 24 -12.65 14.27 46.98
CA PHE B 24 -13.73 14.56 47.93
C PHE B 24 -13.65 15.96 48.51
N GLN B 25 -14.80 16.54 48.80
CA GLN B 25 -14.87 17.81 49.52
C GLN B 25 -15.87 17.68 50.66
N HIS B 26 -15.37 17.84 51.89
CA HIS B 26 -16.23 17.68 53.07
C HIS B 26 -16.41 18.97 53.87
N GLN B 27 -17.37 18.95 54.79
CA GLN B 27 -17.50 20.01 55.78
C GLN B 27 -18.23 19.53 57.02
N ASN B 28 -17.49 19.36 58.11
CA ASN B 28 -18.07 19.09 59.41
C ASN B 28 -17.88 20.32 60.29
N GLU B 29 -18.22 20.21 61.56
CA GLU B 29 -18.11 21.32 62.50
C GLU B 29 -16.68 21.87 62.59
N GLN B 30 -15.72 21.08 62.14
CA GLN B 30 -14.31 21.40 62.35
C GLN B 30 -13.48 21.61 61.08
N GLY B 31 -14.12 22.00 59.98
CA GLY B 31 -13.37 22.44 58.82
C GLY B 31 -13.64 21.86 57.45
N THR B 32 -12.68 22.10 56.55
CA THR B 32 -12.79 21.77 55.12
C THR B 32 -11.38 21.83 54.54
N GLY B 33 -10.99 20.84 53.73
CA GLY B 33 -11.83 19.72 53.38
C GLY B 33 -11.81 19.39 51.89
N ILE B 34 -10.62 19.15 51.35
CA ILE B 34 -10.45 18.68 49.96
C ILE B 34 -9.31 17.67 49.86
N ALA B 35 -9.56 16.56 49.17
CA ALA B 35 -8.56 15.52 49.04
C ALA B 35 -8.82 14.64 47.82
N ALA B 36 -7.77 14.29 47.11
CA ALA B 36 -7.90 13.42 45.95
C ALA B 36 -8.10 11.98 46.40
N ASP B 37 -8.76 11.18 45.57
CA ASP B 37 -8.89 9.76 45.83
C ASP B 37 -7.79 9.03 45.07
N LYS B 38 -6.69 8.77 45.76
CA LYS B 38 -5.52 8.14 45.13
C LYS B 38 -5.86 6.82 44.44
N GLU B 39 -6.80 6.07 45.00
CA GLU B 39 -7.21 4.79 44.44
C GLU B 39 -7.72 4.90 43.00
N SER B 40 -8.84 5.60 42.81
CA SER B 40 -9.46 5.70 41.49
C SER B 40 -8.67 6.60 40.54
N THR B 41 -7.90 7.53 41.10
CA THR B 41 -7.07 8.41 40.29
C THR B 41 -5.88 7.66 39.69
N GLN B 42 -5.18 6.89 40.52
CA GLN B 42 -4.03 6.13 40.06
C GLN B 42 -4.44 5.08 39.03
N LYS B 43 -5.55 4.39 39.31
CA LYS B 43 -6.07 3.38 38.39
C LYS B 43 -6.39 4.01 37.03
N ALA B 44 -6.91 5.22 37.05
CA ALA B 44 -7.22 5.94 35.82
C ALA B 44 -5.94 6.38 35.13
N ILE B 45 -4.96 6.83 35.91
CA ILE B 45 -3.67 7.21 35.38
C ILE B 45 -2.98 6.03 34.70
N ASP B 46 -3.06 4.86 35.33
CA ASP B 46 -2.47 3.64 34.77
C ASP B 46 -3.09 3.27 33.43
N GLN B 47 -4.40 3.49 33.32
CA GLN B 47 -5.11 3.13 32.10
C GLN B 47 -4.75 4.05 30.94
N ILE B 48 -4.71 5.35 31.20
CA ILE B 48 -4.34 6.33 30.20
C ILE B 48 -2.90 6.10 29.73
N THR B 49 -2.03 5.78 30.68
CA THR B 49 -0.64 5.48 30.37
C THR B 49 -0.52 4.24 29.50
N THR B 50 -1.25 3.19 29.84
CA THR B 50 -1.26 1.97 29.05
C THR B 50 -1.80 2.23 27.64
N LYS B 51 -2.85 3.04 27.55
CA LYS B 51 -3.44 3.39 26.26
C LYS B 51 -2.44 4.13 25.37
N ILE B 52 -1.83 5.17 25.91
CA ILE B 52 -0.86 5.97 25.17
C ILE B 52 0.34 5.11 24.74
N ASN B 53 0.86 4.31 25.66
CA ASN B 53 1.97 3.43 25.34
C ASN B 53 1.62 2.42 24.26
N ASN B 54 0.45 1.79 24.38
CA ASN B 54 -0.02 0.87 23.34
C ASN B 54 -0.09 1.50 21.96
N ILE B 55 -0.65 2.71 21.88
CA ILE B 55 -0.77 3.42 20.61
C ILE B 55 0.59 3.63 19.95
N ILE B 56 1.58 3.98 20.77
CA ILE B 56 2.92 4.30 20.28
C ILE B 56 3.81 3.06 20.12
N ASP B 57 3.82 2.18 21.10
CA ASP B 57 4.71 1.02 21.10
C ASP B 57 4.40 0.01 19.99
N LYS B 58 3.13 -0.07 19.59
CA LYS B 58 2.72 -1.06 18.59
C LYS B 58 3.14 -0.67 17.17
N MET B 59 3.48 0.60 16.97
CA MET B 59 4.03 1.05 15.70
C MET B 59 5.52 0.74 15.64
N ASN B 60 5.84 -0.51 15.39
CA ASN B 60 7.22 -0.98 15.43
C ASN B 60 7.70 -1.44 14.06
N GLY B 61 7.06 -0.94 13.01
CA GLY B 61 7.42 -1.31 11.65
C GLY B 61 8.35 -0.31 11.00
N ASN B 62 8.44 -0.36 9.67
CA ASN B 62 9.28 0.56 8.92
C ASN B 62 8.44 1.61 8.22
N TYR B 63 8.67 2.88 8.56
CA TYR B 63 7.78 3.94 8.10
C TYR B 63 8.44 5.05 7.30
N ASP B 64 9.71 4.92 6.97
CA ASP B 64 10.35 5.89 6.09
C ASP B 64 9.79 5.77 4.67
N SER B 65 10.20 6.67 3.79
CA SER B 65 9.65 6.75 2.45
C SER B 65 9.75 5.47 1.62
N ILE B 66 8.73 5.24 0.79
CA ILE B 66 8.81 4.23 -0.24
C ILE B 66 9.29 4.94 -1.51
N ARG B 67 10.59 4.89 -1.75
CA ARG B 67 11.14 5.47 -2.98
C ARG B 67 12.48 4.87 -3.31
N GLY B 68 12.93 5.13 -4.54
CA GLY B 68 14.24 4.67 -4.99
C GLY B 68 14.92 5.75 -5.80
N GLU B 69 16.04 5.41 -6.42
CA GLU B 69 16.73 6.37 -7.27
C GLU B 69 16.44 6.05 -8.72
N PHE B 70 16.18 7.08 -9.51
CA PHE B 70 15.82 6.93 -10.92
C PHE B 70 16.48 8.02 -11.75
N ASN B 71 16.82 7.71 -12.99
CA ASN B 71 17.27 8.74 -13.91
C ASN B 71 16.08 9.39 -14.63
N GLN B 72 16.36 10.32 -15.54
CA GLN B 72 15.30 11.08 -16.18
C GLN B 72 14.61 10.32 -17.31
N VAL B 73 15.04 9.09 -17.57
CA VAL B 73 14.46 8.30 -18.65
C VAL B 73 13.51 7.23 -18.12
N GLU B 74 13.44 7.11 -16.81
CA GLU B 74 12.53 6.15 -16.19
C GLU B 74 11.46 6.87 -15.35
N LYS B 75 10.72 7.74 -16.02
CA LYS B 75 9.71 8.58 -15.37
C LYS B 75 8.50 7.80 -14.86
N ARG B 76 8.02 6.85 -15.65
CA ARG B 76 6.83 6.08 -15.28
C ARG B 76 7.00 5.34 -13.95
N ILE B 77 8.08 4.54 -13.85
CA ILE B 77 8.35 3.79 -12.63
C ILE B 77 8.59 4.75 -11.47
N ASN B 78 9.14 5.92 -11.77
CA ASN B 78 9.37 6.94 -10.76
C ASN B 78 8.05 7.47 -10.23
N MET B 79 7.08 7.66 -11.14
CA MET B 79 5.77 8.18 -10.78
C MET B 79 4.93 7.17 -10.00
N LEU B 80 5.06 5.90 -10.36
CA LEU B 80 4.33 4.84 -9.66
C LEU B 80 4.85 4.67 -8.24
N ALA B 81 6.16 4.80 -8.07
CA ALA B 81 6.75 4.68 -6.75
C ALA B 81 6.24 5.81 -5.85
N ASP B 82 6.23 7.02 -6.39
CA ASP B 82 5.74 8.18 -5.65
C ASP B 82 4.25 8.07 -5.33
N ARG B 83 3.48 7.51 -6.25
CA ARG B 83 2.04 7.37 -6.05
C ARG B 83 1.75 6.33 -4.97
N ILE B 84 2.53 5.26 -4.96
CA ILE B 84 2.36 4.20 -3.97
C ILE B 84 2.74 4.69 -2.57
N ASP B 85 3.85 5.43 -2.49
CA ASP B 85 4.28 6.03 -1.24
C ASP B 85 3.21 6.99 -0.72
N ASP B 86 2.64 7.75 -1.65
CA ASP B 86 1.59 8.70 -1.30
C ASP B 86 0.34 7.99 -0.80
N ALA B 87 0.01 6.87 -1.43
CA ALA B 87 -1.18 6.10 -1.06
C ALA B 87 -1.04 5.48 0.33
N VAL B 88 0.14 4.93 0.60
CA VAL B 88 0.44 4.38 1.92
C VAL B 88 0.36 5.50 2.97
N THR B 89 0.88 6.66 2.61
CA THR B 89 0.80 7.84 3.47
C THR B 89 -0.65 8.25 3.75
N ASP B 90 -1.52 8.15 2.73
CA ASP B 90 -2.93 8.53 2.90
C ASP B 90 -3.68 7.59 3.84
N ILE B 91 -3.31 6.31 3.81
CA ILE B 91 -3.89 5.35 4.73
C ILE B 91 -3.54 5.66 6.19
N TRP B 92 -2.26 5.95 6.43
CA TRP B 92 -1.81 6.28 7.77
C TRP B 92 -2.38 7.62 8.26
N SER B 93 -2.51 8.57 7.32
CA SER B 93 -3.06 9.88 7.63
C SER B 93 -4.49 9.80 8.16
N TYR B 94 -5.34 9.05 7.45
CA TYR B 94 -6.72 8.91 7.86
C TYR B 94 -6.84 8.15 9.17
N ASN B 95 -6.11 7.05 9.30
CA ASN B 95 -6.15 6.25 10.52
C ASN B 95 -5.66 7.03 11.75
N ALA B 96 -4.64 7.85 11.56
CA ALA B 96 -4.11 8.66 12.65
C ALA B 96 -5.15 9.65 13.15
N LYS B 97 -5.77 10.38 12.22
CA LYS B 97 -6.78 11.36 12.56
C LYS B 97 -8.00 10.73 13.22
N LEU B 98 -8.47 9.64 12.64
CA LEU B 98 -9.65 8.95 13.16
C LEU B 98 -9.40 8.33 14.52
N LEU B 99 -8.21 7.75 14.71
CA LEU B 99 -7.89 7.11 15.98
C LEU B 99 -7.87 8.12 17.13
N VAL B 100 -7.32 9.29 16.86
CA VAL B 100 -7.25 10.35 17.86
C VAL B 100 -8.66 10.86 18.21
N LEU B 101 -9.49 11.05 17.20
CA LEU B 101 -10.88 11.44 17.42
C LEU B 101 -11.60 10.36 18.23
N LEU B 102 -11.44 9.11 17.83
CA LEU B 102 -12.09 7.99 18.49
C LEU B 102 -11.66 7.85 19.95
N GLU B 103 -10.36 7.95 20.19
CA GLU B 103 -9.82 7.73 21.52
C GLU B 103 -10.06 8.91 22.46
N ASN B 104 -10.04 10.13 21.93
CA ASN B 104 -10.38 11.30 22.72
C ASN B 104 -11.82 11.21 23.23
N ASP B 105 -12.69 10.67 22.38
CA ASP B 105 -14.07 10.40 22.74
C ASP B 105 -14.09 9.44 23.92
N LYS B 106 -13.38 8.33 23.80
CA LYS B 106 -13.39 7.32 24.84
C LYS B 106 -12.66 7.72 26.13
N THR B 107 -11.63 8.56 26.00
CA THR B 107 -10.88 9.01 27.17
C THR B 107 -11.74 9.90 28.05
N LEU B 108 -12.42 10.86 27.43
CA LEU B 108 -13.31 11.78 28.14
C LEU B 108 -14.46 11.04 28.83
N ASP B 109 -15.03 10.05 28.13
CA ASP B 109 -16.13 9.26 28.70
C ASP B 109 -15.64 8.34 29.82
N MET B 110 -14.39 7.93 29.74
CA MET B 110 -13.79 7.08 30.77
C MET B 110 -13.72 7.86 32.08
N HIS B 111 -13.31 9.11 31.99
CA HIS B 111 -13.23 9.97 33.16
C HIS B 111 -14.62 10.20 33.73
N ASP B 112 -15.58 10.47 32.85
CA ASP B 112 -16.97 10.63 33.24
C ASP B 112 -17.45 9.39 33.99
N ALA B 113 -17.12 8.22 33.46
CA ALA B 113 -17.52 6.96 34.09
C ALA B 113 -16.86 6.78 35.45
N ASN B 114 -15.60 7.19 35.55
CA ASN B 114 -14.86 7.00 36.80
C ASN B 114 -15.42 7.79 37.98
N VAL B 115 -15.77 9.05 37.77
CA VAL B 115 -16.31 9.85 38.86
C VAL B 115 -17.75 9.46 39.18
N LYS B 116 -18.43 8.89 38.18
CA LYS B 116 -19.80 8.42 38.38
C LYS B 116 -19.78 7.18 39.25
N ASN B 117 -18.78 6.34 39.02
CA ASN B 117 -18.60 5.13 39.79
C ASN B 117 -18.15 5.43 41.20
N LEU B 118 -17.39 6.51 41.35
CA LEU B 118 -16.96 6.97 42.66
C LEU B 118 -18.14 7.50 43.46
N HIS B 119 -19.00 8.26 42.78
CA HIS B 119 -20.20 8.82 43.38
C HIS B 119 -21.14 7.70 43.84
N GLU B 120 -21.34 6.71 42.97
CA GLU B 120 -22.16 5.56 43.30
C GLU B 120 -21.57 4.77 44.46
N GLN B 121 -20.25 4.72 44.51
CA GLN B 121 -19.55 3.98 45.56
C GLN B 121 -19.80 4.61 46.92
N VAL B 122 -19.81 5.94 46.98
CA VAL B 122 -20.06 6.67 48.22
C VAL B 122 -21.52 6.54 48.63
N ARG B 123 -22.42 6.59 47.64
CA ARG B 123 -23.85 6.48 47.89
C ARG B 123 -24.20 5.12 48.50
N ARG B 124 -23.52 4.07 48.05
CA ARG B 124 -23.76 2.73 48.56
C ARG B 124 -23.24 2.57 49.99
N GLU B 125 -22.16 3.28 50.33
CA GLU B 125 -21.62 3.28 51.68
C GLU B 125 -22.64 3.83 52.67
N LEU B 126 -23.07 5.06 52.41
CA LEU B 126 -23.90 5.82 53.34
C LEU B 126 -25.30 5.21 53.51
N LYS B 127 -25.84 4.67 52.41
CA LYS B 127 -27.20 4.16 52.40
C LYS B 127 -28.14 5.24 52.94
N ASP B 128 -28.92 4.88 53.95
CA ASP B 128 -29.97 5.74 54.46
C ASP B 128 -29.43 6.80 55.41
N ASN B 129 -28.13 6.76 55.68
CA ASN B 129 -27.51 7.69 56.61
C ASN B 129 -27.23 9.06 55.98
N ALA B 130 -27.60 9.22 54.72
CA ALA B 130 -27.35 10.48 54.03
C ALA B 130 -28.40 10.77 52.96
N ILE B 131 -28.59 12.06 52.69
CA ILE B 131 -29.50 12.49 51.64
C ILE B 131 -28.71 12.78 50.37
N ASP B 132 -29.11 12.17 49.26
CA ASP B 132 -28.46 12.43 47.97
C ASP B 132 -29.03 13.69 47.35
N GLU B 133 -28.22 14.74 47.34
CA GLU B 133 -28.67 16.06 46.86
C GLU B 133 -28.70 16.17 45.34
N GLY B 134 -28.20 15.15 44.65
CA GLY B 134 -28.26 15.12 43.19
C GLY B 134 -27.31 16.08 42.52
N ASN B 135 -26.25 16.47 43.22
CA ASN B 135 -25.25 17.36 42.66
C ASN B 135 -23.82 16.92 43.00
N GLY B 136 -23.69 15.68 43.45
CA GLY B 136 -22.40 15.13 43.83
C GLY B 136 -22.18 15.23 45.33
N CYS B 137 -23.06 15.94 46.01
CA CYS B 137 -22.95 16.13 47.45
C CYS B 137 -23.86 15.18 48.22
N PHE B 138 -23.44 14.85 49.45
CA PHE B 138 -24.25 14.05 50.34
C PHE B 138 -24.44 14.75 51.68
N GLU B 139 -25.69 14.91 52.09
CA GLU B 139 -25.98 15.53 53.39
C GLU B 139 -26.14 14.45 54.44
N LEU B 140 -25.20 14.42 55.40
CA LEU B 140 -25.21 13.42 56.46
C LEU B 140 -26.32 13.70 57.46
N LEU B 141 -27.02 12.64 57.87
CA LEU B 141 -28.10 12.75 58.84
C LEU B 141 -27.57 12.69 60.26
N HIS B 142 -26.32 12.27 60.41
CA HIS B 142 -25.64 12.25 61.69
C HIS B 142 -24.41 13.12 61.65
N LYS B 143 -23.72 13.25 62.79
CA LYS B 143 -22.47 14.01 62.83
C LYS B 143 -21.34 13.15 62.29
N CYS B 144 -20.33 13.79 61.72
CA CYS B 144 -19.22 13.06 61.13
C CYS B 144 -17.86 13.61 61.54
N ASN B 145 -17.13 12.84 62.35
CA ASN B 145 -15.75 13.16 62.72
C ASN B 145 -14.87 13.39 61.51
N ASP B 146 -13.67 13.94 61.76
CA ASP B 146 -12.63 13.94 60.73
C ASP B 146 -12.27 12.49 60.44
N SER B 147 -12.36 11.66 61.48
CA SER B 147 -12.14 10.23 61.35
C SER B 147 -13.26 9.60 60.55
N CYS B 148 -14.49 10.04 60.79
CA CYS B 148 -15.66 9.51 60.09
C CYS B 148 -15.59 9.79 58.59
N MET B 149 -15.15 11.00 58.23
CA MET B 149 -14.99 11.35 56.82
C MET B 149 -13.98 10.44 56.12
N GLU B 150 -12.93 10.08 56.84
CA GLU B 150 -11.89 9.22 56.28
C GLU B 150 -12.41 7.81 56.02
N THR B 151 -13.28 7.32 56.88
CA THR B 151 -13.87 5.99 56.70
C THR B 151 -14.77 5.97 55.46
N ILE B 152 -15.31 7.12 55.10
CA ILE B 152 -16.10 7.27 53.89
C ILE B 152 -15.17 7.29 52.68
N ARG B 153 -14.09 8.05 52.80
CA ARG B 153 -13.13 8.19 51.72
C ARG B 153 -12.38 6.89 51.42
N ASN B 154 -12.10 6.09 52.44
CA ASN B 154 -11.37 4.84 52.23
C ASN B 154 -12.26 3.61 52.08
N GLY B 155 -13.56 3.83 51.97
CA GLY B 155 -14.51 2.77 51.68
C GLY B 155 -15.00 1.98 52.87
N THR B 156 -14.36 2.16 54.03
CA THR B 156 -14.65 1.35 55.21
C THR B 156 -15.78 1.88 56.10
N TYR B 157 -16.49 2.91 55.64
CA TYR B 157 -17.61 3.45 56.40
C TYR B 157 -18.69 2.40 56.60
N ASP B 158 -19.13 2.22 57.85
CA ASP B 158 -20.16 1.24 58.18
C ASP B 158 -21.45 1.96 58.57
N HIS B 159 -22.51 1.70 57.81
CA HIS B 159 -23.77 2.41 57.99
C HIS B 159 -24.54 1.95 59.24
N THR B 160 -24.15 0.82 59.80
CA THR B 160 -24.81 0.27 60.98
C THR B 160 -24.41 1.02 62.24
N GLU B 161 -23.13 1.41 62.30
CA GLU B 161 -22.60 2.15 63.44
C GLU B 161 -22.98 3.63 63.44
N TYR B 162 -24.03 3.98 62.70
CA TYR B 162 -24.47 5.36 62.61
C TYR B 162 -25.96 5.48 62.33
N ALA B 163 -26.59 4.38 61.95
CA ALA B 163 -27.96 4.41 61.43
C ALA B 163 -28.99 5.03 62.37
N GLU B 164 -28.68 5.09 63.66
CA GLU B 164 -29.66 5.49 64.66
C GLU B 164 -29.76 7.00 64.89
N GLU B 165 -28.66 7.72 64.68
CA GLU B 165 -28.68 9.18 64.80
C GLU B 165 -29.46 9.77 63.63
N SER B 166 -29.58 8.99 62.56
CA SER B 166 -30.35 9.39 61.39
C SER B 166 -31.84 9.33 61.69
N ILE C 1 -56.79 8.81 39.34
CA ILE C 1 -55.35 8.58 39.50
C ILE C 1 -54.59 9.89 39.71
N GLN C 2 -53.27 9.83 39.58
CA GLN C 2 -52.42 10.99 39.83
C GLN C 2 -51.87 11.61 38.54
N ASP C 3 -51.27 12.78 38.68
CA ASP C 3 -50.56 13.42 37.58
C ASP C 3 -49.26 12.65 37.33
N ARG C 4 -48.85 12.56 36.07
CA ARG C 4 -47.67 11.78 35.74
C ARG C 4 -46.91 12.36 34.54
N ILE C 5 -45.60 12.19 34.54
CA ILE C 5 -44.76 12.61 33.42
C ILE C 5 -43.80 11.47 33.05
N CYS C 6 -43.61 11.27 31.75
CA CYS C 6 -42.80 10.15 31.28
C CYS C 6 -41.68 10.59 30.34
N VAL C 7 -40.59 9.83 30.36
CA VAL C 7 -39.47 10.04 29.45
C VAL C 7 -39.49 8.94 28.39
N GLY C 8 -39.34 9.33 27.13
CA GLY C 8 -39.36 8.38 26.02
C GLY C 8 -38.52 8.78 24.84
N TYR C 9 -38.63 8.01 23.76
CA TYR C 9 -37.82 8.25 22.56
C TYR C 9 -38.61 8.01 21.27
N LEU C 10 -38.01 8.38 20.14
CA LEU C 10 -38.69 8.36 18.85
C LEU C 10 -38.87 6.97 18.26
N SER C 11 -40.04 6.74 17.68
CA SER C 11 -40.31 5.55 16.87
C SER C 11 -40.91 6.01 15.55
N THR C 12 -40.61 5.30 14.47
CA THR C 12 -41.13 5.69 13.16
C THR C 12 -41.64 4.49 12.35
N ASN C 13 -42.11 4.77 11.15
CA ASN C 13 -42.48 3.73 10.21
C ASN C 13 -41.34 3.53 9.21
N SER C 14 -40.33 2.78 9.63
CA SER C 14 -39.18 2.52 8.77
C SER C 14 -38.86 1.04 8.67
N SER C 15 -38.45 0.63 7.48
CA SER C 15 -37.89 -0.69 7.26
C SER C 15 -36.37 -0.55 7.20
N GLU C 16 -35.91 0.68 7.42
CA GLU C 16 -34.48 1.00 7.42
C GLU C 16 -33.72 0.17 8.45
N ARG C 17 -32.64 -0.46 8.00
CA ARG C 17 -31.85 -1.30 8.87
C ARG C 17 -30.36 -1.07 8.66
N VAL C 18 -29.60 -1.23 9.74
CA VAL C 18 -28.15 -1.15 9.65
C VAL C 18 -27.56 -2.37 10.36
N ASP C 19 -26.30 -2.67 10.07
CA ASP C 19 -25.59 -3.70 10.80
C ASP C 19 -24.66 -3.02 11.80
N THR C 20 -24.53 -3.60 12.99
CA THR C 20 -23.52 -3.15 13.93
C THR C 20 -22.53 -4.27 14.14
N LEU C 21 -21.47 -4.01 14.89
CA LEU C 21 -20.47 -5.04 15.14
C LEU C 21 -21.06 -6.19 15.93
N LEU C 22 -22.01 -5.88 16.81
CA LEU C 22 -22.59 -6.88 17.70
C LEU C 22 -23.92 -7.45 17.21
N GLU C 23 -24.52 -6.82 16.20
CA GLU C 23 -25.83 -7.26 15.76
C GLU C 23 -26.09 -6.97 14.27
N ASN C 24 -26.79 -7.90 13.62
CA ASN C 24 -27.15 -7.76 12.21
C ASN C 24 -28.58 -7.27 12.03
N GLY C 25 -28.78 -6.37 11.07
CA GLY C 25 -30.10 -5.90 10.71
C GLY C 25 -30.88 -5.24 11.82
N VAL C 26 -30.30 -4.22 12.43
CA VAL C 26 -30.95 -3.49 13.51
C VAL C 26 -31.78 -2.35 12.95
N PRO C 27 -33.08 -2.32 13.30
CA PRO C 27 -33.99 -1.25 12.85
C PRO C 27 -33.55 0.10 13.41
N VAL C 28 -33.45 1.11 12.56
CA VAL C 28 -33.11 2.46 13.00
C VAL C 28 -34.06 3.49 12.38
N THR C 29 -34.16 4.65 13.02
CA THR C 29 -35.09 5.67 12.56
C THR C 29 -34.56 6.41 11.34
N SER C 30 -33.25 6.49 11.22
CA SER C 30 -32.64 7.15 10.06
C SER C 30 -31.17 6.74 9.85
N SER C 31 -30.73 6.76 8.59
CA SER C 31 -29.37 6.38 8.25
C SER C 31 -28.95 6.98 6.92
N ILE C 32 -27.65 6.97 6.64
CA ILE C 32 -27.14 7.48 5.37
C ILE C 32 -26.24 6.46 4.67
N ASP C 33 -26.10 6.63 3.35
CA ASP C 33 -25.25 5.75 2.54
C ASP C 33 -23.85 6.32 2.40
N LEU C 34 -22.84 5.49 2.64
CA LEU C 34 -21.46 5.94 2.52
C LEU C 34 -20.89 5.78 1.11
N ILE C 35 -21.45 4.85 0.35
CA ILE C 35 -20.86 4.46 -0.94
C ILE C 35 -21.66 5.00 -2.12
N GLU C 36 -20.97 5.67 -3.04
CA GLU C 36 -21.61 6.17 -4.24
C GLU C 36 -21.78 5.05 -5.26
N THR C 37 -23.00 4.90 -5.76
CA THR C 37 -23.33 3.83 -6.69
C THR C 37 -23.85 4.37 -8.02
N ASN C 38 -24.00 5.69 -8.11
CA ASN C 38 -24.56 6.31 -9.30
C ASN C 38 -23.54 7.08 -10.13
N HIS C 39 -23.60 6.89 -11.45
CA HIS C 39 -22.69 7.55 -12.37
C HIS C 39 -23.41 7.93 -13.66
N THR C 40 -22.75 8.75 -14.49
CA THR C 40 -23.36 9.26 -15.71
C THR C 40 -23.44 8.21 -16.82
N GLY C 41 -22.52 7.25 -16.79
CA GLY C 41 -22.46 6.23 -17.81
C GLY C 41 -21.82 6.74 -19.09
N THR C 42 -21.19 7.92 -19.00
CA THR C 42 -20.61 8.57 -20.15
C THR C 42 -19.20 9.11 -19.87
N TYR C 43 -18.50 9.48 -20.93
CA TYR C 43 -17.25 10.21 -20.81
C TYR C 43 -17.55 11.70 -20.64
N CYS C 44 -17.13 12.27 -19.51
CA CYS C 44 -17.39 13.66 -19.22
C CYS C 44 -16.09 14.45 -19.20
N SER C 45 -16.20 15.77 -19.16
CA SER C 45 -15.03 16.60 -18.90
C SER C 45 -14.63 16.36 -17.45
N LEU C 46 -13.34 16.43 -17.17
CA LEU C 46 -12.85 16.17 -15.83
C LEU C 46 -12.37 17.47 -15.20
N ASN C 47 -13.17 17.96 -14.26
CA ASN C 47 -12.86 19.21 -13.55
C ASN C 47 -12.62 20.38 -14.49
N GLY C 48 -13.51 20.51 -15.48
CA GLY C 48 -13.46 21.63 -16.41
C GLY C 48 -12.62 21.37 -17.66
N VAL C 49 -11.90 20.25 -17.66
CA VAL C 49 -11.01 19.93 -18.78
C VAL C 49 -11.52 18.77 -19.61
N SER C 50 -11.79 19.04 -20.88
CA SER C 50 -12.31 18.03 -21.79
C SER C 50 -11.22 17.01 -22.17
N PRO C 51 -11.62 15.74 -22.37
CA PRO C 51 -10.66 14.75 -22.82
C PRO C 51 -10.40 14.88 -24.32
N VAL C 52 -9.73 13.90 -24.90
CA VAL C 52 -9.55 13.86 -26.35
C VAL C 52 -9.87 12.47 -26.86
N HIS C 53 -10.82 12.39 -27.79
CA HIS C 53 -11.15 11.13 -28.43
C HIS C 53 -10.21 10.92 -29.61
N LEU C 54 -9.70 9.71 -29.76
CA LEU C 54 -8.72 9.42 -30.80
C LEU C 54 -9.37 8.93 -32.09
N GLY C 55 -10.70 8.92 -32.11
CA GLY C 55 -11.46 8.54 -33.29
C GLY C 55 -11.21 7.11 -33.73
N ASP C 56 -10.72 6.96 -34.95
CA ASP C 56 -10.44 5.64 -35.53
C ASP C 56 -8.96 5.32 -35.45
N CYS C 57 -8.21 6.13 -34.71
CA CYS C 57 -6.76 5.98 -34.65
C CYS C 57 -6.29 5.49 -33.29
N SER C 58 -5.26 4.65 -33.31
CA SER C 58 -4.58 4.25 -32.08
C SER C 58 -3.70 5.42 -31.64
N PHE C 59 -3.23 5.36 -30.39
CA PHE C 59 -2.40 6.42 -29.85
C PHE C 59 -1.11 6.59 -30.66
N GLU C 60 -0.55 5.49 -31.13
CA GLU C 60 0.69 5.51 -31.89
C GLU C 60 0.55 6.33 -33.17
N GLY C 61 -0.49 6.02 -33.95
CA GLY C 61 -0.75 6.74 -35.18
C GLY C 61 -1.09 8.21 -34.96
N TRP C 62 -1.75 8.48 -33.82
CA TRP C 62 -2.13 9.84 -33.46
C TRP C 62 -0.91 10.68 -33.10
N ILE C 63 0.01 10.09 -32.35
CA ILE C 63 1.16 10.83 -31.84
C ILE C 63 2.24 11.11 -32.89
N VAL C 64 2.26 10.33 -33.97
CA VAL C 64 3.23 10.56 -35.04
C VAL C 64 2.61 11.30 -36.21
N GLY C 65 1.29 11.39 -36.23
CA GLY C 65 0.59 12.16 -37.25
C GLY C 65 0.20 11.38 -38.49
N ASN C 66 -0.42 10.22 -38.29
CA ASN C 66 -1.03 9.48 -39.39
C ASN C 66 -2.02 10.39 -40.12
N PRO C 67 -1.81 10.62 -41.43
CA PRO C 67 -2.63 11.52 -42.24
C PRO C 67 -4.13 11.21 -42.18
N ALA C 68 -4.48 9.96 -41.90
CA ALA C 68 -5.88 9.56 -41.78
C ALA C 68 -6.46 9.93 -40.42
N CYS C 69 -5.60 10.28 -39.47
CA CYS C 69 -6.05 10.72 -38.15
C CYS C 69 -6.33 12.21 -38.15
N THR C 70 -7.25 12.63 -37.29
CA THR C 70 -7.48 14.05 -37.08
C THR C 70 -6.26 14.66 -36.41
N SER C 71 -5.83 15.82 -36.90
CA SER C 71 -4.62 16.48 -36.41
C SER C 71 -4.74 16.96 -34.96
N ASN C 72 -3.63 16.89 -34.24
CA ASN C 72 -3.58 17.36 -32.86
C ASN C 72 -3.00 18.77 -32.76
N PHE C 73 -2.99 19.46 -33.89
CA PHE C 73 -2.39 20.79 -33.98
C PHE C 73 -3.10 21.83 -33.11
N GLY C 74 -4.41 21.70 -32.97
CA GLY C 74 -5.20 22.67 -32.24
C GLY C 74 -5.41 22.35 -30.77
N ILE C 75 -4.90 21.22 -30.32
CA ILE C 75 -5.10 20.78 -28.93
C ILE C 75 -4.26 21.63 -27.98
N ARG C 76 -4.85 22.03 -26.87
CA ARG C 76 -4.17 22.84 -25.86
C ARG C 76 -3.93 22.06 -24.57
N GLU C 77 -4.74 21.04 -24.35
CA GLU C 77 -4.73 20.29 -23.10
C GLU C 77 -5.69 19.11 -23.19
N TRP C 78 -5.50 18.13 -22.32
CA TRP C 78 -6.48 17.06 -22.15
C TRP C 78 -6.36 16.38 -20.78
N SER C 79 -7.51 16.03 -20.22
CA SER C 79 -7.56 15.40 -18.91
C SER C 79 -7.30 13.90 -19.03
N TYR C 80 -7.80 13.29 -20.10
CA TYR C 80 -7.54 11.89 -20.38
C TYR C 80 -7.75 11.59 -21.87
N LEU C 81 -7.43 10.36 -22.27
CA LEU C 81 -7.56 9.97 -23.66
C LEU C 81 -8.62 8.87 -23.82
N ILE C 82 -9.31 8.90 -24.96
CA ILE C 82 -10.28 7.87 -25.29
C ILE C 82 -9.82 7.14 -26.56
N GLU C 83 -9.58 5.85 -26.45
CA GLU C 83 -9.05 5.08 -27.57
C GLU C 83 -9.86 3.82 -27.84
N ASP C 84 -10.16 3.57 -29.12
CA ASP C 84 -10.80 2.34 -29.52
C ASP C 84 -9.74 1.25 -29.63
N PRO C 85 -9.90 0.16 -28.85
CA PRO C 85 -8.93 -0.94 -28.82
C PRO C 85 -8.75 -1.61 -30.18
N ALA C 86 -9.78 -1.59 -31.01
CA ALA C 86 -9.68 -2.16 -32.35
C ALA C 86 -9.66 -1.07 -33.42
N ALA C 87 -8.93 0.00 -33.15
CA ALA C 87 -8.83 1.13 -34.08
C ALA C 87 -8.12 0.73 -35.36
N PRO C 88 -8.75 1.00 -36.52
CA PRO C 88 -8.22 0.64 -37.83
C PRO C 88 -6.93 1.36 -38.19
N HIS C 89 -6.78 2.61 -37.75
CA HIS C 89 -5.58 3.38 -38.10
C HIS C 89 -4.54 3.43 -36.99
N GLY C 90 -3.27 3.26 -37.38
CA GLY C 90 -2.15 3.37 -36.46
C GLY C 90 -0.94 3.83 -37.24
N LEU C 91 0.17 3.10 -37.13
CA LEU C 91 1.30 3.34 -38.00
C LEU C 91 0.93 2.85 -39.39
N CYS C 92 0.58 3.78 -40.28
CA CYS C 92 0.09 3.44 -41.61
C CYS C 92 1.15 2.71 -42.43
N TYR C 93 2.41 3.14 -42.30
CA TYR C 93 3.52 2.44 -42.90
C TYR C 93 4.02 1.39 -41.92
N PRO C 94 4.23 0.15 -42.40
CA PRO C 94 4.71 -0.98 -41.58
C PRO C 94 5.87 -0.58 -40.67
N GLY C 95 5.63 -0.52 -39.37
CA GLY C 95 6.64 -0.13 -38.41
C GLY C 95 6.21 -0.27 -36.96
N GLU C 96 7.11 0.14 -36.06
CA GLU C 96 6.84 0.09 -34.64
C GLU C 96 7.32 1.37 -33.96
N LEU C 97 6.59 1.79 -32.93
CA LEU C 97 7.03 2.92 -32.13
C LEU C 97 7.80 2.37 -30.92
N ASN C 98 9.06 2.75 -30.82
CA ASN C 98 9.89 2.28 -29.72
C ASN C 98 9.47 2.87 -28.38
N ASN C 99 9.44 2.02 -27.36
CA ASN C 99 9.14 2.45 -26.00
C ASN C 99 7.77 3.15 -25.90
N ASN C 100 6.79 2.61 -26.61
CA ASN C 100 5.47 3.20 -26.68
C ASN C 100 4.70 3.14 -25.37
N GLY C 101 5.03 2.16 -24.53
CA GLY C 101 4.42 2.02 -23.22
C GLY C 101 4.65 3.24 -22.35
N GLU C 102 5.91 3.66 -22.26
CA GLU C 102 6.27 4.87 -21.52
C GLU C 102 5.58 6.10 -22.08
N LEU C 103 5.58 6.22 -23.40
CA LEU C 103 5.01 7.38 -24.07
C LEU C 103 3.51 7.48 -23.79
N ARG C 104 2.85 6.33 -23.85
CA ARG C 104 1.43 6.23 -23.54
C ARG C 104 1.17 6.75 -22.14
N HIS C 105 2.04 6.39 -21.21
CA HIS C 105 1.89 6.77 -19.82
C HIS C 105 2.06 8.27 -19.63
N LEU C 106 3.05 8.83 -20.33
CA LEU C 106 3.37 10.24 -20.23
C LEU C 106 2.34 11.13 -20.92
N PHE C 107 1.58 10.55 -21.85
CA PHE C 107 0.60 11.31 -22.62
C PHE C 107 -0.84 10.94 -22.26
N SER C 108 -1.00 10.27 -21.12
CA SER C 108 -2.32 9.87 -20.66
C SER C 108 -3.16 11.08 -20.30
N GLY C 109 -2.49 12.15 -19.88
CA GLY C 109 -3.16 13.38 -19.50
C GLY C 109 -2.14 14.50 -19.32
N ILE C 110 -2.33 15.59 -20.07
CA ILE C 110 -1.40 16.70 -20.05
C ILE C 110 -2.14 18.03 -19.87
N ARG C 111 -1.67 18.86 -18.95
CA ARG C 111 -2.34 20.13 -18.66
C ARG C 111 -1.94 21.25 -19.62
N SER C 112 -0.70 21.20 -20.10
CA SER C 112 -0.24 22.17 -21.10
C SER C 112 0.39 21.47 -22.30
N PHE C 113 -0.26 21.61 -23.46
CA PHE C 113 0.14 20.91 -24.67
C PHE C 113 0.10 21.85 -25.88
N SER C 114 1.12 21.75 -26.73
CA SER C 114 1.16 22.52 -27.97
C SER C 114 2.17 21.92 -28.93
N ARG C 115 1.73 21.64 -30.16
CA ARG C 115 2.63 21.17 -31.19
C ARG C 115 3.52 22.32 -31.65
N THR C 116 4.74 22.01 -32.04
CA THR C 116 5.65 23.04 -32.54
C THR C 116 6.61 22.47 -33.58
N GLU C 117 7.10 23.34 -34.47
CA GLU C 117 8.01 22.91 -35.51
C GLU C 117 9.45 23.01 -35.03
N LEU C 118 10.06 21.87 -34.77
CA LEU C 118 11.42 21.80 -34.24
C LEU C 118 12.42 22.35 -35.26
N ILE C 119 12.40 21.78 -36.45
CA ILE C 119 13.34 22.12 -37.50
C ILE C 119 12.59 22.27 -38.82
N PRO C 120 12.85 23.35 -39.57
CA PRO C 120 12.20 23.56 -40.87
C PRO C 120 12.46 22.41 -41.83
N PRO C 121 11.40 21.86 -42.42
CA PRO C 121 11.43 20.70 -43.31
C PRO C 121 12.27 20.91 -44.58
N THR C 122 12.59 22.15 -44.91
CA THR C 122 13.38 22.45 -46.11
C THR C 122 14.78 22.93 -45.75
N SER C 123 15.03 23.12 -44.47
CA SER C 123 16.32 23.63 -44.00
C SER C 123 17.37 22.54 -43.85
N TRP C 124 17.04 21.33 -44.30
CA TRP C 124 17.91 20.18 -44.11
C TRP C 124 19.01 20.07 -45.16
N GLY C 125 18.71 20.48 -46.38
CA GLY C 125 19.70 20.44 -47.45
C GLY C 125 19.14 19.92 -48.76
N GLU C 126 19.96 19.20 -49.51
CA GLU C 126 19.56 18.69 -50.81
C GLU C 126 18.92 17.30 -50.73
N VAL C 127 17.67 17.26 -50.30
CA VAL C 127 16.92 16.02 -50.23
C VAL C 127 15.46 16.22 -50.60
N LEU C 128 14.81 15.17 -51.08
CA LEU C 128 13.40 15.24 -51.43
C LEU C 128 12.53 14.64 -50.33
N ASP C 129 11.24 14.97 -50.35
CA ASP C 129 10.28 14.40 -49.40
C ASP C 129 9.60 13.19 -50.03
N GLY C 130 9.57 12.08 -49.31
CA GLY C 130 8.94 10.88 -49.80
C GLY C 130 7.54 10.69 -49.27
N THR C 131 6.61 10.40 -50.18
CA THR C 131 5.24 10.07 -49.81
C THR C 131 4.96 8.64 -50.25
N THR C 132 3.90 8.04 -49.73
CA THR C 132 3.64 6.63 -50.00
C THR C 132 2.16 6.30 -50.06
N SER C 133 1.82 5.25 -50.80
CA SER C 133 0.44 4.78 -50.94
C SER C 133 -0.06 4.17 -49.63
N ALA C 134 0.86 3.91 -48.70
CA ALA C 134 0.49 3.34 -47.41
C ALA C 134 -0.04 4.42 -46.47
N CYS C 135 0.39 5.65 -46.67
CA CYS C 135 -0.01 6.76 -45.82
C CYS C 135 -0.78 7.84 -46.57
N ARG C 136 -1.88 7.46 -47.19
CA ARG C 136 -2.71 8.42 -47.92
C ARG C 136 -3.48 9.32 -46.95
N ASP C 137 -3.76 10.55 -47.38
CA ASP C 137 -4.45 11.51 -46.53
C ASP C 137 -5.97 11.42 -46.66
N ASN C 138 -6.65 12.44 -46.12
CA ASN C 138 -8.11 12.49 -46.15
C ASN C 138 -8.66 12.53 -47.57
N THR C 139 -7.84 12.98 -48.51
CA THR C 139 -8.24 13.10 -49.91
C THR C 139 -8.10 11.77 -50.65
N GLY C 140 -6.92 11.16 -50.54
CA GLY C 140 -6.60 9.97 -51.29
C GLY C 140 -5.22 10.13 -51.90
N THR C 141 -4.62 11.29 -51.66
CA THR C 141 -3.29 11.60 -52.15
C THR C 141 -2.23 10.92 -51.31
N ASN C 142 -1.15 10.49 -51.94
CA ASN C 142 -0.02 9.91 -51.21
C ASN C 142 0.60 10.95 -50.27
N SER C 143 0.82 10.53 -49.02
CA SER C 143 1.40 11.42 -48.02
C SER C 143 2.31 10.65 -47.06
N PHE C 144 2.44 11.17 -45.85
CA PHE C 144 3.30 10.59 -44.84
C PHE C 144 2.95 11.21 -43.49
N TYR C 145 3.52 10.68 -42.41
CA TYR C 145 3.30 11.22 -41.07
C TYR C 145 3.56 12.72 -41.02
N ARG C 146 2.72 13.44 -40.29
CA ARG C 146 2.83 14.89 -40.20
C ARG C 146 4.08 15.31 -39.44
N ASN C 147 4.41 14.55 -38.40
CA ASN C 147 5.52 14.90 -37.51
C ASN C 147 6.89 14.51 -38.05
N LEU C 148 6.91 13.65 -39.06
CA LEU C 148 8.17 13.19 -39.64
C LEU C 148 8.26 13.54 -41.13
N VAL C 149 9.48 13.68 -41.63
CA VAL C 149 9.70 13.85 -43.06
C VAL C 149 10.65 12.79 -43.62
N TRP C 150 10.16 12.01 -44.57
CA TRP C 150 10.92 10.91 -45.15
C TRP C 150 11.86 11.45 -46.22
N PHE C 151 13.12 11.64 -45.84
CA PHE C 151 14.12 12.18 -46.76
C PHE C 151 14.67 11.11 -47.71
N ILE C 152 14.68 11.44 -48.99
CA ILE C 152 15.21 10.54 -50.02
C ILE C 152 16.19 11.27 -50.92
N LYS C 153 16.76 10.54 -51.88
CA LYS C 153 17.77 11.09 -52.76
C LYS C 153 17.21 12.18 -53.68
N LYS C 154 18.00 13.24 -53.88
CA LYS C 154 17.64 14.30 -54.79
C LYS C 154 18.74 14.44 -55.83
N ASN C 155 18.37 14.35 -57.10
CA ASN C 155 19.32 14.36 -58.21
C ASN C 155 20.40 13.29 -58.06
N ASN C 156 19.97 12.07 -57.73
CA ASN C 156 20.85 10.91 -57.62
C ASN C 156 21.94 11.05 -56.55
N ARG C 157 21.75 11.97 -55.62
CA ARG C 157 22.73 12.25 -54.58
C ARG C 157 22.07 12.45 -53.23
N TYR C 158 22.54 11.72 -52.22
CA TYR C 158 22.08 11.93 -50.84
C TYR C 158 23.24 12.46 -50.00
N PRO C 159 23.26 13.77 -49.76
CA PRO C 159 24.34 14.40 -48.98
C PRO C 159 24.19 14.13 -47.49
N VAL C 160 25.27 14.33 -46.74
CA VAL C 160 25.21 14.21 -45.29
C VAL C 160 24.47 15.41 -44.71
N ILE C 161 23.24 15.19 -44.26
CA ILE C 161 22.43 16.26 -43.70
C ILE C 161 22.54 16.30 -42.18
N SER C 162 22.58 17.51 -41.63
CA SER C 162 22.74 17.68 -40.20
C SER C 162 22.08 18.96 -39.68
N LYS C 163 21.04 18.79 -38.88
CA LYS C 163 20.40 19.91 -38.21
C LYS C 163 20.23 19.62 -36.73
N THR C 164 20.12 20.66 -35.92
CA THR C 164 19.99 20.50 -34.48
C THR C 164 18.84 21.33 -33.90
N TYR C 165 18.31 20.89 -32.77
CA TYR C 165 17.21 21.61 -32.12
C TYR C 165 17.63 22.15 -30.75
N ASN C 166 17.20 23.37 -30.45
CA ASN C 166 17.49 24.01 -29.18
C ASN C 166 16.22 24.21 -28.37
N ASN C 167 16.11 23.52 -27.23
CA ASN C 167 14.92 23.67 -26.40
C ASN C 167 14.92 25.00 -25.66
N THR C 168 14.23 25.97 -26.25
CA THR C 168 14.17 27.33 -25.71
C THR C 168 12.80 27.63 -25.12
N THR C 169 11.92 26.64 -25.14
CA THR C 169 10.53 26.83 -24.73
C THR C 169 10.36 27.00 -23.22
N GLY C 170 11.34 26.54 -22.46
CA GLY C 170 11.28 26.62 -21.01
C GLY C 170 10.58 25.42 -20.39
N ARG C 171 9.97 24.60 -21.24
CA ARG C 171 9.28 23.39 -20.79
C ARG C 171 9.86 22.16 -21.47
N ASP C 172 9.38 20.99 -21.07
CA ASP C 172 9.81 19.74 -21.69
C ASP C 172 9.24 19.64 -23.10
N VAL C 173 10.06 19.16 -24.03
CA VAL C 173 9.66 19.01 -25.42
C VAL C 173 9.84 17.59 -25.92
N LEU C 174 8.77 16.99 -26.42
CA LEU C 174 8.85 15.65 -26.99
C LEU C 174 9.29 15.70 -28.44
N VAL C 175 10.34 14.96 -28.78
CA VAL C 175 10.85 14.91 -30.14
C VAL C 175 10.73 13.49 -30.71
N LEU C 176 10.34 13.39 -31.98
CA LEU C 176 10.22 12.09 -32.64
C LEU C 176 11.08 12.02 -33.89
N TRP C 177 11.80 10.92 -34.06
CA TRP C 177 12.50 10.64 -35.32
C TRP C 177 12.34 9.17 -35.65
N GLY C 178 12.85 8.76 -36.80
CA GLY C 178 12.67 7.39 -37.25
C GLY C 178 13.74 6.86 -38.17
N ILE C 179 13.84 5.53 -38.22
CA ILE C 179 14.78 4.85 -39.10
C ILE C 179 13.99 3.95 -40.03
N HIS C 180 14.30 4.02 -41.32
CA HIS C 180 13.64 3.16 -42.30
C HIS C 180 14.57 2.02 -42.73
N HIS C 181 14.10 0.79 -42.55
CA HIS C 181 14.86 -0.40 -42.92
C HIS C 181 14.27 -1.01 -44.19
N PRO C 182 14.94 -0.79 -45.34
CA PRO C 182 14.47 -1.25 -46.65
C PRO C 182 14.47 -2.77 -46.78
N VAL C 183 13.81 -3.28 -47.82
CA VAL C 183 13.70 -4.73 -48.01
C VAL C 183 15.02 -5.38 -48.40
N SER C 184 15.91 -4.60 -49.01
CA SER C 184 17.19 -5.12 -49.47
C SER C 184 18.17 -3.97 -49.66
N VAL C 185 19.45 -4.31 -49.81
CA VAL C 185 20.48 -3.31 -50.03
C VAL C 185 20.25 -2.60 -51.37
N ASP C 186 19.46 -3.24 -52.23
CA ASP C 186 19.11 -2.66 -53.51
C ASP C 186 18.15 -1.49 -53.33
N GLU C 187 17.22 -1.64 -52.38
CA GLU C 187 16.23 -0.60 -52.13
C GLU C 187 16.83 0.61 -51.41
N THR C 188 17.79 0.38 -50.52
CA THR C 188 18.45 1.49 -49.85
C THR C 188 19.33 2.24 -50.85
N LYS C 189 19.75 1.54 -51.89
CA LYS C 189 20.50 2.17 -52.97
C LYS C 189 19.55 2.99 -53.84
N THR C 190 18.39 2.43 -54.14
CA THR C 190 17.38 3.12 -54.94
C THR C 190 16.88 4.36 -54.22
N LEU C 191 16.72 4.26 -52.90
CA LEU C 191 16.17 5.35 -52.10
C LEU C 191 17.22 6.35 -51.62
N TYR C 192 18.39 5.85 -51.21
CA TYR C 192 19.37 6.70 -50.54
C TYR C 192 20.76 6.68 -51.20
N VAL C 193 20.89 5.98 -52.32
CA VAL C 193 22.17 5.82 -53.02
C VAL C 193 23.28 5.20 -52.18
N ASN C 194 23.63 5.88 -51.08
CA ASN C 194 24.71 5.46 -50.20
C ASN C 194 24.58 4.03 -49.70
N SER C 195 25.69 3.29 -49.78
CA SER C 195 25.74 1.94 -49.25
C SER C 195 25.95 2.02 -47.75
N ASP C 196 25.19 1.22 -47.01
CA ASP C 196 25.29 1.17 -45.55
C ASP C 196 25.16 2.56 -44.91
N PRO C 197 23.99 3.21 -45.08
CA PRO C 197 23.82 4.55 -44.51
C PRO C 197 23.68 4.49 -42.99
N TYR C 198 23.84 5.63 -42.34
CA TYR C 198 23.73 5.69 -40.88
C TYR C 198 22.92 6.91 -40.45
N THR C 199 22.51 6.91 -39.20
CA THR C 199 21.93 8.10 -38.58
C THR C 199 22.48 8.24 -37.16
N LEU C 200 22.99 9.42 -36.85
CA LEU C 200 23.56 9.67 -35.53
C LEU C 200 22.73 10.73 -34.81
N VAL C 201 22.17 10.35 -33.67
CA VAL C 201 21.38 11.28 -32.86
C VAL C 201 22.04 11.46 -31.51
N SER C 202 22.25 12.70 -31.11
CA SER C 202 22.98 12.98 -29.88
C SER C 202 22.48 14.21 -29.13
N THR C 203 22.57 14.14 -27.80
CA THR C 203 22.42 15.32 -26.96
C THR C 203 23.77 15.53 -26.29
N LYS C 204 23.79 16.18 -25.13
CA LYS C 204 25.04 16.34 -24.40
C LYS C 204 25.12 15.33 -23.25
N SER C 205 24.14 14.43 -23.20
CA SER C 205 24.08 13.42 -22.16
C SER C 205 24.07 12.01 -22.74
N TRP C 206 23.66 11.89 -24.00
CA TRP C 206 23.62 10.60 -24.67
C TRP C 206 23.80 10.70 -26.18
N SER C 207 24.11 9.58 -26.80
CA SER C 207 24.35 9.52 -28.24
C SER C 207 24.01 8.14 -28.76
N GLU C 208 23.19 8.08 -29.82
CA GLU C 208 22.80 6.82 -30.42
C GLU C 208 23.18 6.81 -31.90
N LYS C 209 23.70 5.69 -32.38
CA LYS C 209 24.00 5.54 -33.80
C LYS C 209 23.17 4.41 -34.39
N TYR C 210 22.42 4.74 -35.45
CA TYR C 210 21.54 3.78 -36.09
C TYR C 210 22.07 3.36 -37.45
N LYS C 211 22.02 2.06 -37.71
CA LYS C 211 22.32 1.53 -39.04
C LYS C 211 21.10 0.78 -39.57
N LEU C 212 21.11 0.44 -40.85
CA LEU C 212 19.96 -0.19 -41.47
C LEU C 212 19.97 -1.71 -41.35
N GLU C 213 18.79 -2.27 -41.08
CA GLU C 213 18.62 -3.71 -40.95
C GLU C 213 17.74 -4.22 -42.08
N THR C 214 18.34 -4.45 -43.23
CA THR C 214 17.61 -4.82 -44.44
C THR C 214 16.99 -6.22 -44.35
N GLY C 215 15.81 -6.36 -44.93
CA GLY C 215 15.11 -7.63 -44.94
C GLY C 215 13.65 -7.48 -45.28
N VAL C 216 12.99 -8.58 -45.63
CA VAL C 216 11.57 -8.55 -45.97
C VAL C 216 10.70 -8.92 -44.78
N ARG C 217 9.82 -7.99 -44.40
CA ARG C 217 8.92 -8.21 -43.28
C ARG C 217 7.54 -8.62 -43.77
N PRO C 218 6.81 -9.41 -42.97
CA PRO C 218 5.43 -9.77 -43.32
C PRO C 218 4.50 -8.58 -43.06
N GLY C 219 4.68 -7.52 -43.83
CA GLY C 219 4.02 -6.26 -43.55
C GLY C 219 2.54 -6.16 -43.87
N TYR C 220 2.05 -4.94 -43.92
CA TYR C 220 0.65 -4.68 -44.24
C TYR C 220 0.56 -3.51 -45.19
N ASN C 221 -0.65 -3.23 -45.67
CA ASN C 221 -0.86 -2.33 -46.79
C ASN C 221 -0.04 -2.81 -47.99
N GLY C 222 0.72 -1.91 -48.60
CA GLY C 222 1.48 -2.29 -49.77
C GLY C 222 2.91 -2.72 -49.48
N GLN C 223 3.49 -2.19 -48.41
CA GLN C 223 4.93 -2.27 -48.21
C GLN C 223 5.43 -3.54 -47.53
N ARG C 224 6.75 -3.76 -47.59
CA ARG C 224 7.34 -4.96 -47.05
C ARG C 224 8.63 -4.64 -46.29
N SER C 225 8.96 -3.36 -46.22
CA SER C 225 10.09 -2.89 -45.44
C SER C 225 9.65 -2.61 -44.01
N TRP C 226 10.52 -1.95 -43.23
CA TRP C 226 10.21 -1.71 -41.82
C TRP C 226 10.74 -0.39 -41.30
N MET C 227 9.91 0.31 -40.53
CA MET C 227 10.30 1.57 -39.91
C MET C 227 10.32 1.45 -38.39
N LYS C 228 11.29 2.10 -37.78
CA LYS C 228 11.34 2.15 -36.32
C LYS C 228 11.35 3.60 -35.87
N ILE C 229 10.36 3.97 -35.08
CA ILE C 229 10.22 5.35 -34.64
C ILE C 229 10.63 5.49 -33.18
N TYR C 230 11.55 6.41 -32.92
CA TYR C 230 12.06 6.62 -31.58
C TYR C 230 11.65 8.00 -31.08
N TRP C 231 11.80 8.22 -29.77
CA TRP C 231 11.44 9.50 -29.18
C TRP C 231 12.31 9.83 -27.98
N SER C 232 12.33 11.11 -27.61
CA SER C 232 13.08 11.56 -26.47
C SER C 232 12.51 12.86 -25.94
N LEU C 233 12.48 13.00 -24.62
CA LEU C 233 12.06 14.24 -23.99
C LEU C 233 13.26 15.17 -23.81
N ILE C 234 13.24 16.29 -24.51
CA ILE C 234 14.30 17.28 -24.39
C ILE C 234 13.95 18.28 -23.30
N HIS C 235 14.81 18.36 -22.29
CA HIS C 235 14.57 19.24 -21.15
C HIS C 235 14.98 20.67 -21.47
N PRO C 236 14.38 21.65 -20.77
CA PRO C 236 14.69 23.07 -20.98
C PRO C 236 16.19 23.36 -20.97
N GLY C 237 16.70 23.91 -22.07
CA GLY C 237 18.10 24.25 -22.16
C GLY C 237 18.96 23.17 -22.79
N GLU C 238 18.34 22.06 -23.16
CA GLU C 238 19.05 20.95 -23.80
C GLU C 238 18.92 21.01 -25.32
N MET C 239 19.85 20.36 -26.01
CA MET C 239 19.85 20.35 -27.47
C MET C 239 20.09 18.96 -28.04
N ILE C 240 19.42 18.66 -29.14
CA ILE C 240 19.54 17.36 -29.79
C ILE C 240 19.90 17.52 -31.28
N THR C 241 20.99 16.87 -31.70
CA THR C 241 21.44 17.01 -33.08
C THR C 241 21.24 15.73 -33.89
N PHE C 242 20.81 15.90 -35.15
CA PHE C 242 20.58 14.78 -36.04
C PHE C 242 21.53 14.86 -37.23
N GLU C 243 22.26 13.77 -37.49
CA GLU C 243 23.09 13.68 -38.67
C GLU C 243 22.85 12.36 -39.37
N SER C 244 22.67 12.41 -40.69
CA SER C 244 22.35 11.21 -41.45
C SER C 244 22.69 11.31 -42.93
N ASN C 245 22.91 10.15 -43.54
CA ASN C 245 23.14 10.07 -44.98
C ASN C 245 22.23 9.04 -45.64
N GLY C 246 21.07 8.82 -45.04
CA GLY C 246 20.07 7.92 -45.60
C GLY C 246 19.28 7.14 -44.57
N GLY C 247 18.12 6.63 -44.98
CA GLY C 247 17.27 5.83 -44.11
C GLY C 247 16.79 6.56 -42.87
N PHE C 248 16.53 7.85 -43.01
CA PHE C 248 16.25 8.69 -41.86
C PHE C 248 14.91 9.43 -41.95
N LEU C 249 14.01 9.13 -41.02
CA LEU C 249 12.77 9.86 -40.89
C LEU C 249 13.00 11.05 -39.96
N ALA C 250 13.17 12.22 -40.54
CA ALA C 250 13.57 13.41 -39.79
C ALA C 250 12.43 14.02 -38.98
N PRO C 251 12.76 14.58 -37.80
CA PRO C 251 11.78 15.27 -36.96
C PRO C 251 11.33 16.58 -37.59
N ARG C 252 10.02 16.85 -37.53
CA ARG C 252 9.48 18.12 -37.98
C ARG C 252 8.68 18.76 -36.85
N TYR C 253 7.62 18.07 -36.43
CA TYR C 253 6.77 18.57 -35.36
C TYR C 253 7.03 17.83 -34.05
N GLY C 254 7.20 18.59 -32.97
CA GLY C 254 7.33 18.04 -31.64
C GLY C 254 6.22 18.55 -30.75
N TYR C 255 6.30 18.27 -29.46
CA TYR C 255 5.26 18.70 -28.53
C TYR C 255 5.85 19.35 -27.28
N ILE C 256 5.33 20.52 -26.94
CA ILE C 256 5.73 21.22 -25.72
C ILE C 256 4.78 20.85 -24.59
N ILE C 257 5.28 20.15 -23.58
CA ILE C 257 4.40 19.61 -22.54
C ILE C 257 4.77 20.01 -21.12
N GLU C 258 3.75 20.25 -20.29
CA GLU C 258 3.94 20.60 -18.90
C GLU C 258 2.82 19.93 -18.08
N GLU C 259 3.19 19.43 -16.89
CA GLU C 259 2.26 18.69 -16.03
C GLU C 259 1.61 17.52 -16.78
N TYR C 260 2.40 16.48 -17.03
CA TYR C 260 1.93 15.34 -17.80
C TYR C 260 1.93 14.03 -17.02
N GLY C 261 1.31 13.00 -17.58
CA GLY C 261 1.17 11.72 -16.90
C GLY C 261 0.09 11.78 -15.86
N LYS C 262 -0.79 12.78 -15.98
CA LYS C 262 -1.83 13.03 -14.99
C LYS C 262 -3.17 12.42 -15.41
N GLY C 263 -3.15 11.59 -16.45
CA GLY C 263 -4.39 11.10 -17.02
C GLY C 263 -4.58 9.60 -17.05
N ARG C 264 -5.21 9.13 -18.12
CA ARG C 264 -5.52 7.72 -18.29
C ARG C 264 -5.92 7.53 -19.75
N ILE C 265 -5.61 6.36 -20.31
CA ILE C 265 -6.11 6.02 -21.62
C ILE C 265 -7.27 5.04 -21.50
N PHE C 266 -8.50 5.57 -21.52
CA PHE C 266 -9.69 4.74 -21.42
C PHE C 266 -9.98 4.08 -22.77
N GLN C 267 -10.33 2.80 -22.75
CA GLN C 267 -10.63 2.06 -23.96
C GLN C 267 -12.07 1.60 -23.96
N SER C 268 -12.82 2.11 -22.99
CA SER C 268 -14.21 1.68 -22.82
C SER C 268 -15.11 2.22 -23.93
N ARG C 269 -16.06 1.42 -24.36
CA ARG C 269 -16.89 1.77 -25.51
C ARG C 269 -18.18 2.48 -25.11
N ILE C 270 -18.05 3.46 -24.21
CA ILE C 270 -19.19 4.27 -23.80
C ILE C 270 -19.15 5.61 -24.55
N ARG C 271 -20.19 6.42 -24.39
CA ARG C 271 -20.34 7.63 -25.19
C ARG C 271 -19.84 8.90 -24.48
N MET C 272 -19.29 9.82 -25.27
CA MET C 272 -18.80 11.12 -24.78
C MET C 272 -19.99 12.08 -24.57
N SER C 273 -19.88 12.98 -23.60
CA SER C 273 -21.03 13.82 -23.22
C SER C 273 -20.71 15.27 -22.84
N ARG C 274 -21.75 16.05 -22.57
CA ARG C 274 -21.59 17.46 -22.24
C ARG C 274 -21.48 17.68 -20.73
N CYS C 275 -21.55 16.60 -19.96
CA CYS C 275 -21.49 16.68 -18.50
C CYS C 275 -20.07 16.99 -18.03
N ASN C 276 -19.94 17.34 -16.76
CA ASN C 276 -18.64 17.61 -16.16
C ASN C 276 -18.57 17.08 -14.73
N THR C 277 -17.68 16.13 -14.49
CA THR C 277 -17.53 15.54 -13.16
C THR C 277 -16.12 15.71 -12.61
N LYS C 278 -15.94 15.40 -11.34
CA LYS C 278 -14.63 15.48 -10.71
C LYS C 278 -13.96 14.10 -10.66
N CYS C 279 -14.69 13.08 -11.06
CA CYS C 279 -14.17 11.72 -11.11
C CYS C 279 -14.69 10.95 -12.34
N GLN C 280 -13.77 10.51 -13.19
CA GLN C 280 -14.13 9.75 -14.38
C GLN C 280 -13.72 8.28 -14.27
N THR C 281 -14.66 7.37 -14.50
CA THR C 281 -14.35 5.95 -14.53
C THR C 281 -14.52 5.41 -15.93
N SER C 282 -14.08 4.18 -16.17
CA SER C 282 -14.21 3.55 -17.47
C SER C 282 -15.66 3.12 -17.71
N VAL C 283 -16.55 3.49 -16.81
CA VAL C 283 -17.93 3.07 -16.88
C VAL C 283 -18.85 4.29 -16.85
N GLY C 284 -18.34 5.40 -16.33
CA GLY C 284 -19.07 6.65 -16.31
C GLY C 284 -18.45 7.68 -15.40
N GLY C 285 -18.96 8.91 -15.46
CA GLY C 285 -18.49 9.97 -14.59
C GLY C 285 -19.21 9.94 -13.24
N ILE C 286 -18.49 10.33 -12.19
CA ILE C 286 -19.05 10.33 -10.84
C ILE C 286 -19.03 11.72 -10.25
N ASN C 287 -20.18 12.15 -9.73
CA ASN C 287 -20.26 13.45 -9.07
C ASN C 287 -20.97 13.29 -7.73
N THR C 288 -20.18 13.27 -6.65
CA THR C 288 -20.68 12.97 -5.32
C THR C 288 -19.77 13.55 -4.26
N ASN C 289 -20.34 13.82 -3.08
CA ASN C 289 -19.56 14.27 -1.93
C ASN C 289 -19.18 13.09 -1.04
N ARG C 290 -19.66 11.91 -1.40
CA ARG C 290 -19.31 10.69 -0.69
C ARG C 290 -17.87 10.29 -0.96
N THR C 291 -17.25 9.62 0.01
CA THR C 291 -15.82 9.31 -0.07
C THR C 291 -15.53 7.87 -0.48
N PHE C 292 -16.58 7.09 -0.70
CA PHE C 292 -16.42 5.72 -1.19
C PHE C 292 -17.29 5.45 -2.41
N GLN C 293 -16.87 4.47 -3.20
CA GLN C 293 -17.56 4.11 -4.43
C GLN C 293 -17.28 2.66 -4.80
N ASN C 294 -18.31 1.92 -5.17
CA ASN C 294 -18.13 0.52 -5.58
C ASN C 294 -18.50 0.28 -7.04
N ILE C 295 -18.23 1.27 -7.86
CA ILE C 295 -18.67 1.25 -9.25
C ILE C 295 -17.61 0.68 -10.19
N ASP C 296 -16.40 1.20 -10.09
CA ASP C 296 -15.32 0.81 -11.00
C ASP C 296 -13.94 1.11 -10.40
N LYS C 297 -13.10 0.09 -10.35
CA LYS C 297 -11.74 0.24 -9.82
C LYS C 297 -10.89 1.13 -10.72
N ASN C 298 -11.30 1.27 -11.99
CA ASN C 298 -10.58 2.11 -12.94
C ASN C 298 -11.13 3.54 -12.90
N ALA C 299 -10.47 4.41 -12.14
CA ALA C 299 -10.98 5.76 -11.92
C ALA C 299 -9.87 6.79 -11.87
N LEU C 300 -10.20 8.01 -12.28
CA LEU C 300 -9.21 9.08 -12.42
C LEU C 300 -9.75 10.40 -11.88
N GLY C 301 -8.90 11.12 -11.15
CA GLY C 301 -9.25 12.46 -10.68
C GLY C 301 -9.56 12.53 -9.21
N ASP C 302 -10.36 13.51 -8.82
CA ASP C 302 -10.77 13.70 -7.43
C ASP C 302 -11.90 12.73 -7.09
N CYS C 303 -11.53 11.49 -6.81
CA CYS C 303 -12.48 10.40 -6.70
C CYS C 303 -12.76 9.97 -5.27
N PRO C 304 -13.91 9.32 -5.06
CA PRO C 304 -14.11 8.55 -3.84
C PRO C 304 -13.25 7.29 -3.97
N LYS C 305 -12.78 6.74 -2.86
CA LYS C 305 -11.96 5.52 -2.93
C LYS C 305 -12.81 4.34 -3.33
N TYR C 306 -12.36 3.59 -4.33
CA TYR C 306 -13.03 2.36 -4.70
C TYR C 306 -12.83 1.29 -3.62
N ILE C 307 -13.91 0.64 -3.24
CA ILE C 307 -13.82 -0.44 -2.26
C ILE C 307 -14.69 -1.61 -2.71
N LYS C 308 -14.28 -2.82 -2.34
CA LYS C 308 -15.04 -4.01 -2.68
C LYS C 308 -16.07 -4.27 -1.61
N SER C 309 -17.23 -3.65 -1.76
CA SER C 309 -18.27 -3.72 -0.74
C SER C 309 -19.65 -3.42 -1.29
N GLY C 310 -20.66 -4.04 -0.68
CA GLY C 310 -22.03 -3.64 -0.91
C GLY C 310 -22.26 -2.33 -0.18
N GLN C 311 -23.47 -1.77 -0.30
CA GLN C 311 -23.78 -0.50 0.33
C GLN C 311 -23.53 -0.53 1.84
N LEU C 312 -23.01 0.56 2.38
CA LEU C 312 -22.73 0.65 3.80
C LEU C 312 -23.59 1.75 4.43
N LYS C 313 -24.44 1.36 5.37
CA LYS C 313 -25.37 2.31 5.97
C LYS C 313 -24.89 2.75 7.36
N LEU C 314 -24.60 4.05 7.47
CA LEU C 314 -24.23 4.64 8.76
C LEU C 314 -25.49 5.07 9.50
N ALA C 315 -25.67 4.53 10.71
CA ALA C 315 -26.81 4.91 11.53
C ALA C 315 -26.68 6.35 11.99
N THR C 316 -27.77 7.11 11.89
CA THR C 316 -27.81 8.46 12.44
C THR C 316 -28.82 8.51 13.57
N GLY C 317 -29.99 7.93 13.33
CA GLY C 317 -31.04 7.88 14.32
C GLY C 317 -30.77 6.83 15.39
N LEU C 318 -31.81 6.47 16.12
CA LEU C 318 -31.69 5.50 17.19
C LEU C 318 -32.37 4.19 16.82
N ARG C 319 -32.25 3.19 17.68
CA ARG C 319 -32.89 1.91 17.46
C ARG C 319 -34.41 2.09 17.39
N ASN C 320 -34.99 1.67 16.27
CA ASN C 320 -36.42 1.81 16.06
C ASN C 320 -37.19 0.68 16.75
N VAL C 321 -37.48 0.87 18.03
CA VAL C 321 -38.27 -0.11 18.78
C VAL C 321 -39.72 0.39 18.92
N PRO C 322 -40.67 -0.41 18.43
CA PRO C 322 -42.09 -0.07 18.29
C PRO C 322 -42.81 0.35 19.58
N ALA C 323 -44.00 0.94 19.39
CA ALA C 323 -44.74 1.58 20.47
C ALA C 323 -45.33 0.61 21.48
N ILE C 324 -45.19 0.94 22.76
CA ILE C 324 -45.74 0.15 23.85
C ILE C 324 -47.25 -0.05 23.69
N LEU D 2 -23.98 -0.62 26.52
CA LEU D 2 -25.42 -0.41 26.57
C LEU D 2 -25.85 0.15 27.93
N PHE D 3 -26.87 1.00 27.92
CA PHE D 3 -27.25 1.76 29.11
C PHE D 3 -28.63 1.39 29.67
N GLY D 4 -29.27 0.41 29.04
CA GLY D 4 -30.46 -0.21 29.60
C GLY D 4 -31.75 0.57 29.48
N ALA D 5 -31.72 1.70 28.80
CA ALA D 5 -32.92 2.52 28.64
C ALA D 5 -33.72 2.17 27.39
N ILE D 6 -33.17 2.48 26.23
CA ILE D 6 -33.83 2.17 24.96
C ILE D 6 -33.97 0.67 24.79
N ALA D 7 -35.21 0.22 24.53
CA ALA D 7 -35.54 -1.20 24.47
C ALA D 7 -35.20 -1.92 25.77
N GLY D 8 -35.08 -1.15 26.84
CA GLY D 8 -34.78 -1.70 28.16
C GLY D 8 -35.93 -1.49 29.11
N PHE D 9 -35.74 -0.65 30.12
CA PHE D 9 -36.82 -0.39 31.08
C PHE D 9 -37.88 0.55 30.50
N ILE D 10 -37.48 1.36 29.54
CA ILE D 10 -38.45 2.08 28.70
C ILE D 10 -38.63 1.22 27.45
N GLU D 11 -39.61 0.32 27.51
CA GLU D 11 -39.68 -0.81 26.58
C GLU D 11 -40.17 -0.51 25.16
N GLY D 12 -40.58 0.72 24.91
CA GLY D 12 -41.05 1.08 23.58
C GLY D 12 -40.86 2.54 23.23
N GLY D 13 -40.91 2.84 21.94
CA GLY D 13 -40.78 4.21 21.46
C GLY D 13 -42.12 4.89 21.26
N TRP D 14 -42.08 6.19 20.98
CA TRP D 14 -43.30 6.96 20.78
C TRP D 14 -43.42 7.45 19.34
N PRO D 15 -44.32 6.84 18.56
CA PRO D 15 -44.67 7.41 17.26
C PRO D 15 -45.43 8.70 17.53
N GLY D 16 -45.28 9.70 16.67
CA GLY D 16 -45.94 10.96 16.91
C GLY D 16 -45.15 11.79 17.91
N LEU D 17 -43.86 11.52 18.00
CA LEU D 17 -42.95 12.43 18.68
C LEU D 17 -42.35 13.32 17.61
N ILE D 18 -42.75 14.59 17.59
CA ILE D 18 -42.44 15.47 16.49
C ILE D 18 -41.19 16.33 16.71
N ASN D 19 -40.33 16.37 15.71
CA ASN D 19 -39.13 17.22 15.72
C ASN D 19 -38.17 16.95 16.88
N GLY D 20 -38.04 15.68 17.25
CA GLY D 20 -37.14 15.32 18.33
C GLY D 20 -36.90 13.83 18.47
N TRP D 21 -35.79 13.47 19.10
CA TRP D 21 -35.46 12.09 19.37
C TRP D 21 -35.87 11.70 20.78
N TYR D 22 -35.70 12.62 21.72
CA TYR D 22 -36.03 12.38 23.12
C TYR D 22 -37.08 13.38 23.57
N GLY D 23 -38.00 12.96 24.44
CA GLY D 23 -39.06 13.85 24.86
C GLY D 23 -39.84 13.43 26.09
N PHE D 24 -40.99 14.09 26.29
CA PHE D 24 -41.82 13.87 27.47
C PHE D 24 -43.28 13.59 27.13
N GLN D 25 -43.92 12.76 27.94
CA GLN D 25 -45.36 12.53 27.82
C GLN D 25 -46.01 12.69 29.20
N HIS D 26 -46.90 13.66 29.32
CA HIS D 26 -47.54 13.94 30.60
C HIS D 26 -49.05 13.68 30.60
N GLN D 27 -49.64 13.68 31.80
CA GLN D 27 -51.08 13.68 31.93
C GLN D 27 -51.51 14.23 33.29
N ASN D 28 -52.06 15.44 33.26
CA ASN D 28 -52.68 16.02 34.44
C ASN D 28 -54.20 16.06 34.22
N GLU D 29 -54.92 16.71 35.13
CA GLU D 29 -56.38 16.78 35.03
C GLU D 29 -56.83 17.44 33.73
N GLN D 30 -55.92 18.15 33.07
CA GLN D 30 -56.28 18.98 31.93
C GLN D 30 -55.64 18.60 30.59
N GLY D 31 -55.24 17.33 30.43
CA GLY D 31 -54.84 16.87 29.12
C GLY D 31 -53.51 16.15 28.93
N THR D 32 -53.12 16.06 27.66
CA THR D 32 -51.97 15.28 27.21
C THR D 32 -51.62 15.75 25.80
N GLY D 33 -50.35 15.98 25.51
CA GLY D 33 -49.25 15.81 26.44
C GLY D 33 -48.06 15.08 25.87
N ILE D 34 -47.50 15.59 24.77
CA ILE D 34 -46.27 15.08 24.18
C ILE D 34 -45.40 16.21 23.63
N ALA D 35 -44.12 16.18 23.95
CA ALA D 35 -43.21 17.23 23.51
C ALA D 35 -41.76 16.76 23.50
N ALA D 36 -41.03 17.14 22.46
CA ALA D 36 -39.62 16.80 22.38
C ALA D 36 -38.80 17.68 23.32
N ASP D 37 -37.67 17.15 23.77
CA ASP D 37 -36.73 17.93 24.56
C ASP D 37 -35.69 18.51 23.63
N LYS D 38 -35.90 19.74 23.20
CA LYS D 38 -35.01 20.38 22.22
C LYS D 38 -33.56 20.43 22.69
N GLU D 39 -33.35 20.55 23.99
CA GLU D 39 -32.01 20.60 24.57
C GLU D 39 -31.17 19.34 24.26
N SER D 40 -31.61 18.20 24.76
CA SER D 40 -30.85 16.96 24.60
C SER D 40 -30.93 16.41 23.18
N THR D 41 -31.99 16.76 22.46
CA THR D 41 -32.15 16.33 21.08
C THR D 41 -31.17 17.05 20.16
N GLN D 42 -31.10 18.38 20.30
CA GLN D 42 -30.20 19.18 19.48
C GLN D 42 -28.74 18.83 19.74
N LYS D 43 -28.40 18.64 21.02
CA LYS D 43 -27.05 18.26 21.40
C LYS D 43 -26.67 16.93 20.77
N ALA D 44 -27.62 16.01 20.73
CA ALA D 44 -27.40 14.71 20.10
C ALA D 44 -27.28 14.86 18.59
N ILE D 45 -28.11 15.71 18.01
CA ILE D 45 -28.05 15.98 16.58
C ILE D 45 -26.70 16.57 16.20
N ASP D 46 -26.21 17.50 17.01
CA ASP D 46 -24.91 18.12 16.77
C ASP D 46 -23.77 17.10 16.80
N GLN D 47 -23.88 16.12 17.68
CA GLN D 47 -22.83 15.11 17.81
C GLN D 47 -22.80 14.16 16.63
N ILE D 48 -23.97 13.69 16.21
CA ILE D 48 -24.07 12.81 15.05
C ILE D 48 -23.59 13.53 13.80
N THR D 49 -23.92 14.81 13.68
CA THR D 49 -23.49 15.62 12.55
C THR D 49 -21.98 15.77 12.54
N THR D 50 -21.40 16.04 13.70
CA THR D 50 -19.96 16.16 13.83
C THR D 50 -19.26 14.85 13.49
N LYS D 51 -19.83 13.75 13.97
CA LYS D 51 -19.29 12.42 13.68
C LYS D 51 -19.28 12.12 12.19
N ILE D 52 -20.43 12.30 11.54
CA ILE D 52 -20.57 12.05 10.11
C ILE D 52 -19.62 12.93 9.30
N ASN D 53 -19.55 14.21 9.64
CA ASN D 53 -18.67 15.14 8.95
C ASN D 53 -17.20 14.76 9.13
N ASN D 54 -16.81 14.43 10.35
CA ASN D 54 -15.45 13.97 10.62
C ASN D 54 -15.05 12.75 9.77
N ILE D 55 -15.94 11.76 9.71
CA ILE D 55 -15.69 10.56 8.93
C ILE D 55 -15.42 10.88 7.46
N ILE D 56 -16.21 11.81 6.92
CA ILE D 56 -16.12 12.18 5.51
C ILE D 56 -15.05 13.22 5.22
N ASP D 57 -14.99 14.28 6.02
CA ASP D 57 -14.09 15.40 5.76
C ASP D 57 -12.61 15.04 5.91
N LYS D 58 -12.31 14.05 6.75
CA LYS D 58 -10.92 13.68 7.00
C LYS D 58 -10.32 12.88 5.85
N MET D 59 -11.17 12.33 4.98
CA MET D 59 -10.69 11.66 3.78
C MET D 59 -10.38 12.67 2.69
N ASN D 60 -9.25 13.34 2.82
CA ASN D 60 -8.90 14.45 1.93
C ASN D 60 -7.67 14.13 1.10
N GLY D 61 -7.39 12.84 0.93
CA GLY D 61 -6.23 12.41 0.16
C GLY D 61 -6.59 12.08 -1.28
N ASN D 62 -5.70 11.36 -1.95
CA ASN D 62 -5.92 10.96 -3.34
C ASN D 62 -6.29 9.49 -3.42
N TYR D 63 -7.48 9.19 -3.94
CA TYR D 63 -8.02 7.84 -3.86
C TYR D 63 -8.36 7.20 -5.20
N ASP D 64 -8.03 7.85 -6.31
CA ASP D 64 -8.22 7.21 -7.61
C ASP D 64 -7.23 6.06 -7.78
N SER D 65 -7.34 5.33 -8.89
CA SER D 65 -6.56 4.11 -9.09
C SER D 65 -5.05 4.31 -9.04
N ILE D 66 -4.37 3.31 -8.52
CA ILE D 66 -2.93 3.20 -8.68
C ILE D 66 -2.68 2.37 -9.92
N ARG D 67 -2.43 3.03 -11.04
CA ARG D 67 -2.10 2.32 -12.28
C ARG D 67 -1.40 3.24 -13.28
N GLY D 68 -0.82 2.63 -14.30
CA GLY D 68 -0.17 3.38 -15.36
C GLY D 68 -0.49 2.77 -16.70
N GLU D 69 0.18 3.24 -17.75
CA GLU D 69 -0.01 2.65 -19.07
C GLU D 69 1.17 1.74 -19.37
N PHE D 70 0.87 0.57 -19.94
CA PHE D 70 1.87 -0.42 -20.26
C PHE D 70 1.57 -1.06 -21.61
N ASN D 71 2.60 -1.48 -22.34
CA ASN D 71 2.40 -2.28 -23.53
C ASN D 71 2.34 -3.77 -23.17
N GLN D 72 2.22 -4.62 -24.18
CA GLN D 72 2.02 -6.05 -23.94
C GLN D 72 3.33 -6.79 -23.63
N VAL D 73 4.44 -6.07 -23.62
CA VAL D 73 5.74 -6.68 -23.34
C VAL D 73 6.21 -6.41 -21.92
N GLU D 74 5.46 -5.57 -21.20
CA GLU D 74 5.79 -5.29 -19.81
C GLU D 74 4.69 -5.77 -18.87
N LYS D 75 4.42 -7.07 -18.95
CA LYS D 75 3.36 -7.70 -18.16
C LYS D 75 3.63 -7.74 -16.66
N ARG D 76 4.87 -8.03 -16.27
CA ARG D 76 5.21 -8.17 -14.85
C ARG D 76 4.94 -6.88 -14.07
N ILE D 77 5.49 -5.77 -14.55
CA ILE D 77 5.31 -4.48 -13.91
C ILE D 77 3.83 -4.08 -13.93
N ASN D 78 3.13 -4.51 -14.98
CA ASN D 78 1.70 -4.27 -15.10
C ASN D 78 0.94 -5.03 -14.02
N MET D 79 1.37 -6.27 -13.76
CA MET D 79 0.72 -7.11 -12.76
C MET D 79 0.99 -6.63 -11.34
N LEU D 80 2.19 -6.12 -11.09
CA LEU D 80 2.55 -5.63 -9.77
C LEU D 80 1.78 -4.36 -9.44
N ALA D 81 1.63 -3.49 -10.44
CA ALA D 81 0.85 -2.27 -10.27
C ALA D 81 -0.59 -2.60 -9.89
N ASP D 82 -1.18 -3.55 -10.62
CA ASP D 82 -2.55 -3.98 -10.34
C ASP D 82 -2.68 -4.63 -8.96
N ARG D 83 -1.67 -5.38 -8.56
CA ARG D 83 -1.72 -6.07 -7.28
C ARG D 83 -1.62 -5.07 -6.12
N ILE D 84 -0.80 -4.05 -6.31
CA ILE D 84 -0.61 -3.02 -5.29
C ILE D 84 -1.87 -2.18 -5.14
N ASP D 85 -2.46 -1.78 -6.27
CA ASP D 85 -3.72 -1.07 -6.29
C ASP D 85 -4.81 -1.89 -5.59
N ASP D 86 -4.82 -3.19 -5.87
CA ASP D 86 -5.78 -4.09 -5.25
C ASP D 86 -5.56 -4.19 -3.75
N ALA D 87 -4.31 -4.22 -3.33
CA ALA D 87 -3.96 -4.34 -1.91
C ALA D 87 -4.36 -3.10 -1.12
N VAL D 88 -4.10 -1.93 -1.70
CA VAL D 88 -4.52 -0.66 -1.10
C VAL D 88 -6.04 -0.63 -0.99
N THR D 89 -6.70 -1.14 -2.02
CA THR D 89 -8.16 -1.22 -2.04
C THR D 89 -8.68 -2.15 -0.95
N ASP D 90 -7.96 -3.24 -0.68
CA ASP D 90 -8.36 -4.20 0.36
C ASP D 90 -8.26 -3.60 1.76
N ILE D 91 -7.27 -2.74 1.97
CA ILE D 91 -7.11 -2.07 3.26
C ILE D 91 -8.27 -1.12 3.52
N TRP D 92 -8.63 -0.32 2.52
CA TRP D 92 -9.74 0.61 2.64
C TRP D 92 -11.08 -0.11 2.78
N SER D 93 -11.22 -1.23 2.08
CA SER D 93 -12.44 -2.02 2.13
C SER D 93 -12.72 -2.54 3.55
N TYR D 94 -11.71 -3.12 4.17
CA TYR D 94 -11.86 -3.66 5.53
C TYR D 94 -12.12 -2.55 6.55
N ASN D 95 -11.37 -1.47 6.45
CA ASN D 95 -11.51 -0.34 7.36
C ASN D 95 -12.89 0.32 7.24
N ALA D 96 -13.39 0.44 6.02
CA ALA D 96 -14.70 1.03 5.79
C ALA D 96 -15.79 0.20 6.45
N LYS D 97 -15.76 -1.12 6.20
CA LYS D 97 -16.76 -2.02 6.78
C LYS D 97 -16.70 -2.05 8.30
N LEU D 98 -15.48 -2.15 8.84
CA LEU D 98 -15.32 -2.20 10.28
C LEU D 98 -15.70 -0.91 10.97
N LEU D 99 -15.37 0.23 10.35
CA LEU D 99 -15.66 1.52 10.94
C LEU D 99 -17.17 1.73 11.06
N VAL D 100 -17.90 1.32 10.03
CA VAL D 100 -19.35 1.44 10.03
C VAL D 100 -19.97 0.56 11.10
N LEU D 101 -19.49 -0.68 11.21
CA LEU D 101 -19.95 -1.58 12.26
C LEU D 101 -19.65 -1.01 13.64
N LEU D 102 -18.43 -0.51 13.82
CA LEU D 102 -18.00 0.05 15.09
C LEU D 102 -18.80 1.28 15.48
N GLU D 103 -19.01 2.17 14.51
CA GLU D 103 -19.70 3.43 14.78
C GLU D 103 -21.20 3.27 14.96
N ASN D 104 -21.81 2.35 14.22
CA ASN D 104 -23.22 2.05 14.40
C ASN D 104 -23.48 1.52 15.80
N ASP D 105 -22.54 0.74 16.30
CA ASP D 105 -22.58 0.26 17.67
C ASP D 105 -22.60 1.45 18.62
N LYS D 106 -21.65 2.37 18.44
CA LYS D 106 -21.54 3.52 19.33
C LYS D 106 -22.66 4.54 19.18
N THR D 107 -23.22 4.68 17.99
CA THR D 107 -24.29 5.63 17.75
C THR D 107 -25.55 5.19 18.50
N LEU D 108 -25.90 3.92 18.35
CA LEU D 108 -27.06 3.36 19.04
C LEU D 108 -26.95 3.45 20.56
N ASP D 109 -25.77 3.18 21.08
CA ASP D 109 -25.54 3.23 22.53
C ASP D 109 -25.52 4.68 23.03
N MET D 110 -25.13 5.59 22.16
CA MET D 110 -25.13 7.01 22.50
C MET D 110 -26.56 7.47 22.75
N HIS D 111 -27.47 7.07 21.87
CA HIS D 111 -28.88 7.40 22.02
C HIS D 111 -29.42 6.78 23.29
N ASP D 112 -29.07 5.52 23.54
CA ASP D 112 -29.47 4.82 24.75
C ASP D 112 -29.01 5.59 25.98
N ALA D 113 -27.77 6.07 25.93
CA ALA D 113 -27.21 6.83 27.05
C ALA D 113 -27.92 8.17 27.23
N ASN D 114 -28.29 8.80 26.13
CA ASN D 114 -28.92 10.11 26.18
C ASN D 114 -30.29 10.11 26.86
N VAL D 115 -31.13 9.13 26.54
CA VAL D 115 -32.45 9.08 27.16
C VAL D 115 -32.36 8.59 28.60
N LYS D 116 -31.30 7.83 28.91
CA LYS D 116 -31.10 7.35 30.26
C LYS D 116 -30.67 8.51 31.15
N ASN D 117 -29.86 9.40 30.59
CA ASN D 117 -29.44 10.59 31.28
C ASN D 117 -30.58 11.58 31.47
N LEU D 118 -31.49 11.61 30.50
CA LEU D 118 -32.67 12.46 30.59
C LEU D 118 -33.60 11.95 31.68
N HIS D 119 -33.77 10.64 31.73
CA HIS D 119 -34.59 10.00 32.76
C HIS D 119 -34.03 10.26 34.15
N GLU D 120 -32.72 10.08 34.30
CA GLU D 120 -32.04 10.36 35.56
C GLU D 120 -32.16 11.83 35.95
N GLN D 121 -32.13 12.70 34.94
CA GLN D 121 -32.24 14.14 35.17
C GLN D 121 -33.60 14.52 35.74
N VAL D 122 -34.65 13.87 35.26
CA VAL D 122 -36.00 14.11 35.74
C VAL D 122 -36.18 13.54 37.15
N ARG D 123 -35.60 12.36 37.37
CA ARG D 123 -35.69 11.70 38.67
C ARG D 123 -35.05 12.55 39.76
N ARG D 124 -33.93 13.20 39.43
CA ARG D 124 -33.24 14.05 40.39
C ARG D 124 -34.02 15.31 40.71
N GLU D 125 -34.77 15.82 39.74
CA GLU D 125 -35.63 16.99 39.94
C GLU D 125 -36.70 16.71 40.98
N LEU D 126 -37.50 15.68 40.71
CA LEU D 126 -38.67 15.35 41.50
C LEU D 126 -38.30 14.95 42.92
N LYS D 127 -37.23 14.17 43.05
CA LYS D 127 -36.83 13.59 44.33
C LYS D 127 -38.05 12.84 44.88
N ASP D 128 -38.38 13.13 46.14
CA ASP D 128 -39.40 12.37 46.87
C ASP D 128 -40.81 12.77 46.46
N ASN D 129 -40.93 13.75 45.58
CA ASN D 129 -42.24 14.22 45.13
C ASN D 129 -42.88 13.34 44.08
N ALA D 130 -42.21 12.24 43.71
CA ALA D 130 -42.73 11.35 42.70
C ALA D 130 -42.29 9.90 42.92
N ILE D 131 -43.11 8.97 42.44
CA ILE D 131 -42.79 7.55 42.49
C ILE D 131 -42.20 7.11 41.16
N ASP D 132 -41.02 6.50 41.20
CA ASP D 132 -40.40 5.98 40.00
C ASP D 132 -40.98 4.61 39.66
N GLU D 133 -41.78 4.57 38.59
CA GLU D 133 -42.48 3.35 38.20
C GLU D 133 -41.60 2.33 37.48
N GLY D 134 -40.36 2.73 37.17
CA GLY D 134 -39.42 1.82 36.55
C GLY D 134 -39.71 1.50 35.10
N ASN D 135 -40.45 2.39 34.43
CA ASN D 135 -40.76 2.21 33.02
C ASN D 135 -40.63 3.50 32.23
N GLY D 136 -39.95 4.48 32.83
CA GLY D 136 -39.77 5.78 32.19
C GLY D 136 -40.79 6.79 32.68
N CYS D 137 -41.79 6.30 33.41
CA CYS D 137 -42.85 7.17 33.92
C CYS D 137 -42.61 7.57 35.37
N PHE D 138 -43.16 8.72 35.75
CA PHE D 138 -43.10 9.19 37.13
C PHE D 138 -44.50 9.54 37.61
N GLU D 139 -44.91 8.95 38.73
CA GLU D 139 -46.20 9.25 39.32
C GLU D 139 -46.05 10.37 40.36
N LEU D 140 -46.62 11.53 40.06
CA LEU D 140 -46.53 12.67 40.97
C LEU D 140 -47.40 12.48 42.22
N LEU D 141 -46.84 12.84 43.37
CA LEU D 141 -47.56 12.70 44.63
C LEU D 141 -48.42 13.94 44.90
N HIS D 142 -48.17 15.00 44.13
CA HIS D 142 -48.97 16.21 44.22
C HIS D 142 -49.60 16.51 42.87
N LYS D 143 -50.40 17.56 42.80
CA LYS D 143 -51.01 17.97 41.54
C LYS D 143 -50.00 18.76 40.73
N CYS D 144 -50.12 18.72 39.41
CA CYS D 144 -49.16 19.40 38.55
C CYS D 144 -49.83 20.20 37.44
N ASN D 145 -49.72 21.52 37.53
CA ASN D 145 -50.20 22.43 36.50
C ASN D 145 -49.59 22.11 35.13
N ASP D 146 -50.15 22.72 34.09
CA ASP D 146 -49.49 22.73 32.79
C ASP D 146 -48.20 23.50 32.94
N SER D 147 -48.22 24.49 33.83
CA SER D 147 -47.03 25.26 34.16
C SER D 147 -46.03 24.40 34.93
N CYS D 148 -46.55 23.58 35.83
CA CYS D 148 -45.72 22.69 36.64
C CYS D 148 -44.97 21.68 35.78
N MET D 149 -45.66 21.12 34.80
CA MET D 149 -45.05 20.17 33.87
C MET D 149 -43.89 20.82 33.11
N GLU D 150 -44.05 22.08 32.74
CA GLU D 150 -43.01 22.81 32.02
C GLU D 150 -41.76 23.02 32.86
N THR D 151 -41.95 23.28 34.15
CA THR D 151 -40.82 23.45 35.06
C THR D 151 -40.02 22.17 35.19
N ILE D 152 -40.70 21.04 35.00
CA ILE D 152 -40.04 19.74 35.01
C ILE D 152 -39.27 19.55 33.70
N ARG D 153 -39.93 19.90 32.59
CA ARG D 153 -39.33 19.75 31.27
C ARG D 153 -38.12 20.67 31.06
N ASN D 154 -38.16 21.87 31.63
CA ASN D 154 -37.05 22.82 31.44
C ASN D 154 -36.02 22.79 32.58
N GLY D 155 -36.15 21.82 33.47
CA GLY D 155 -35.15 21.59 34.50
C GLY D 155 -35.31 22.42 35.77
N THR D 156 -36.19 23.42 35.71
CA THR D 156 -36.31 24.38 36.82
C THR D 156 -37.30 23.98 37.92
N TYR D 157 -37.81 22.77 37.85
CA TYR D 157 -38.72 22.26 38.89
C TYR D 157 -38.04 22.25 40.25
N ASP D 158 -38.71 22.84 41.24
CA ASP D 158 -38.18 22.90 42.60
C ASP D 158 -38.99 21.99 43.53
N HIS D 159 -38.33 21.00 44.12
CA HIS D 159 -39.00 19.99 44.92
C HIS D 159 -39.46 20.52 46.28
N THR D 160 -38.92 21.66 46.68
CA THR D 160 -39.27 22.25 47.98
C THR D 160 -40.64 22.90 47.92
N GLU D 161 -40.98 23.51 46.79
CA GLU D 161 -42.26 24.19 46.65
C GLU D 161 -43.40 23.23 46.35
N TYR D 162 -43.21 21.95 46.68
CA TYR D 162 -44.23 20.93 46.44
C TYR D 162 -44.16 19.78 47.44
N ALA D 163 -43.08 19.73 48.22
CA ALA D 163 -42.77 18.55 49.04
C ALA D 163 -43.87 18.19 50.05
N GLU D 164 -44.73 19.14 50.37
CA GLU D 164 -45.69 18.95 51.46
C GLU D 164 -47.01 18.29 51.04
N GLU D 165 -47.41 18.48 49.79
CA GLU D 165 -48.61 17.80 49.29
C GLU D 165 -48.33 16.31 49.12
N SER D 166 -47.05 15.97 49.02
CA SER D 166 -46.63 14.58 48.94
C SER D 166 -46.78 13.88 50.28
N ILE E 1 -32.43 -15.35 59.81
CA ILE E 1 -32.33 -14.25 58.86
C ILE E 1 -33.46 -14.28 57.84
N GLN E 2 -33.32 -13.51 56.77
CA GLN E 2 -34.36 -13.39 55.75
C GLN E 2 -34.02 -14.14 54.46
N ASP E 3 -35.02 -14.25 53.58
CA ASP E 3 -34.80 -14.79 52.25
C ASP E 3 -34.03 -13.78 51.42
N ARG E 4 -33.16 -14.25 50.54
CA ARG E 4 -32.33 -13.34 49.76
C ARG E 4 -32.01 -13.89 48.37
N ILE E 5 -31.87 -12.99 47.41
CA ILE E 5 -31.47 -13.36 46.06
C ILE E 5 -30.35 -12.44 45.57
N CYS E 6 -29.36 -13.02 44.90
CA CYS E 6 -28.18 -12.27 44.48
C CYS E 6 -27.91 -12.36 42.98
N VAL E 7 -27.31 -11.30 42.45
CA VAL E 7 -26.87 -11.26 41.05
C VAL E 7 -25.36 -11.40 40.99
N GLY E 8 -24.88 -12.27 40.12
CA GLY E 8 -23.46 -12.52 40.01
C GLY E 8 -23.00 -12.91 38.61
N TYR E 9 -21.72 -13.27 38.50
CA TYR E 9 -21.13 -13.62 37.21
C TYR E 9 -20.16 -14.79 37.30
N LEU E 10 -19.74 -15.29 36.14
CA LEU E 10 -18.92 -16.50 36.06
C LEU E 10 -17.47 -16.29 36.49
N SER E 11 -16.93 -17.27 37.22
CA SER E 11 -15.51 -17.35 37.51
C SER E 11 -15.06 -18.77 37.18
N THR E 12 -13.81 -18.90 36.71
CA THR E 12 -13.29 -20.22 36.34
C THR E 12 -11.88 -20.44 36.83
N ASN E 13 -11.34 -21.62 36.52
CA ASN E 13 -9.94 -21.93 36.76
C ASN E 13 -9.14 -21.72 35.49
N SER E 14 -8.80 -20.48 35.20
CA SER E 14 -8.05 -20.17 33.99
C SER E 14 -6.83 -19.31 34.28
N SER E 15 -5.76 -19.58 33.55
CA SER E 15 -4.59 -18.73 33.54
C SER E 15 -4.64 -17.89 32.27
N GLU E 16 -5.72 -18.07 31.51
CA GLU E 16 -5.95 -17.34 30.28
C GLU E 16 -5.93 -15.84 30.50
N ARG E 17 -5.15 -15.13 29.69
CA ARG E 17 -5.03 -13.69 29.82
C ARG E 17 -5.05 -13.01 28.46
N VAL E 18 -5.59 -11.80 28.43
CA VAL E 18 -5.58 -10.98 27.24
C VAL E 18 -5.07 -9.59 27.60
N ASP E 19 -4.64 -8.84 26.59
CA ASP E 19 -4.29 -7.45 26.79
C ASP E 19 -5.41 -6.58 26.26
N THR E 20 -5.73 -5.50 26.95
CA THR E 20 -6.66 -4.51 26.43
C THR E 20 -5.89 -3.22 26.20
N LEU E 21 -6.55 -2.22 25.63
CA LEU E 21 -5.90 -0.95 25.37
C LEU E 21 -5.49 -0.27 26.67
N LEU E 22 -6.30 -0.47 27.71
CA LEU E 22 -6.10 0.20 28.99
C LEU E 22 -5.35 -0.65 30.02
N GLU E 23 -5.23 -1.95 29.77
CA GLU E 23 -4.63 -2.83 30.76
C GLU E 23 -3.91 -4.04 30.15
N ASN E 24 -2.80 -4.43 30.75
CA ASN E 24 -2.03 -5.58 30.31
C ASN E 24 -2.33 -6.82 31.15
N GLY E 25 -2.43 -7.96 30.48
CA GLY E 25 -2.58 -9.25 31.17
C GLY E 25 -3.81 -9.35 32.05
N VAL E 26 -4.98 -9.11 31.47
CA VAL E 26 -6.23 -9.21 32.20
C VAL E 26 -6.77 -10.64 32.13
N PRO E 27 -7.03 -11.24 33.30
CA PRO E 27 -7.60 -12.59 33.36
C PRO E 27 -8.99 -12.64 32.76
N VAL E 28 -9.24 -13.59 31.87
CA VAL E 28 -10.57 -13.76 31.27
C VAL E 28 -10.98 -15.23 31.31
N THR E 29 -12.28 -15.46 31.23
CA THR E 29 -12.81 -16.82 31.33
C THR E 29 -12.60 -17.62 30.04
N SER E 30 -12.56 -16.91 28.91
CA SER E 30 -12.34 -17.56 27.62
C SER E 30 -11.87 -16.58 26.54
N SER E 31 -11.10 -17.08 25.59
CA SER E 31 -10.57 -16.25 24.51
C SER E 31 -10.19 -17.11 23.31
N ILE E 32 -9.99 -16.47 22.16
CA ILE E 32 -9.58 -17.18 20.95
C ILE E 32 -8.32 -16.57 20.32
N ASP E 33 -7.63 -17.37 19.52
CA ASP E 33 -6.42 -16.91 18.82
C ASP E 33 -6.75 -16.42 17.42
N LEU E 34 -6.23 -15.24 17.06
CA LEU E 34 -6.49 -14.66 15.75
C LEU E 34 -5.47 -15.09 14.70
N ILE E 35 -4.28 -15.45 15.15
CA ILE E 35 -3.17 -15.70 14.24
C ILE E 35 -2.86 -17.18 14.09
N GLU E 36 -2.79 -17.64 12.84
CA GLU E 36 -2.44 -19.02 12.57
C GLU E 36 -0.93 -19.21 12.67
N THR E 37 -0.51 -20.21 13.45
CA THR E 37 0.90 -20.46 13.68
C THR E 37 1.30 -21.87 13.25
N ASN E 38 0.33 -22.67 12.82
CA ASN E 38 0.59 -24.05 12.42
C ASN E 38 0.53 -24.29 10.92
N HIS E 39 1.51 -25.04 10.42
CA HIS E 39 1.59 -25.37 9.00
C HIS E 39 2.09 -26.80 8.80
N THR E 40 1.99 -27.29 7.57
CA THR E 40 2.35 -28.68 7.26
C THR E 40 3.86 -28.88 7.21
N GLY E 41 4.59 -27.83 6.88
CA GLY E 41 6.04 -27.91 6.76
C GLY E 41 6.45 -28.57 5.45
N THR E 42 5.49 -28.68 4.54
CA THR E 42 5.71 -29.36 3.26
C THR E 42 5.15 -28.58 2.08
N TYR E 43 5.53 -28.98 0.87
CA TYR E 43 4.91 -28.48 -0.34
C TYR E 43 3.64 -29.28 -0.61
N CYS E 44 2.51 -28.60 -0.64
CA CYS E 44 1.23 -29.26 -0.87
C CYS E 44 0.63 -28.83 -2.18
N SER E 45 -0.43 -29.51 -2.61
CA SER E 45 -1.23 -29.02 -3.72
C SER E 45 -1.94 -27.76 -3.25
N LEU E 46 -2.14 -26.81 -4.15
CA LEU E 46 -2.78 -25.55 -3.81
C LEU E 46 -4.18 -25.51 -4.40
N ASN E 47 -5.18 -25.68 -3.53
CA ASN E 47 -6.58 -25.65 -3.93
C ASN E 47 -6.90 -26.65 -5.03
N GLY E 48 -6.41 -27.87 -4.86
CA GLY E 48 -6.69 -28.95 -5.79
C GLY E 48 -5.69 -29.07 -6.93
N VAL E 49 -4.81 -28.07 -7.05
CA VAL E 49 -3.83 -28.06 -8.14
C VAL E 49 -2.41 -28.32 -7.67
N SER E 50 -1.83 -29.42 -8.16
CA SER E 50 -0.48 -29.81 -7.79
C SER E 50 0.55 -28.86 -8.42
N PRO E 51 1.66 -28.62 -7.71
CA PRO E 51 2.75 -27.81 -8.28
C PRO E 51 3.58 -28.64 -9.23
N VAL E 52 4.72 -28.10 -9.65
CA VAL E 52 5.67 -28.85 -10.46
C VAL E 52 7.07 -28.69 -9.90
N HIS E 53 7.69 -29.81 -9.55
CA HIS E 53 9.07 -29.81 -9.11
C HIS E 53 9.98 -29.85 -10.33
N LEU E 54 11.02 -29.03 -10.32
CA LEU E 54 11.92 -28.93 -11.46
C LEU E 54 13.11 -29.89 -11.37
N GLY E 55 13.11 -30.73 -10.34
CA GLY E 55 14.14 -31.73 -10.15
C GLY E 55 15.53 -31.16 -9.98
N ASP E 56 16.43 -31.54 -10.88
CA ASP E 56 17.82 -31.08 -10.84
C ASP E 56 18.04 -29.95 -11.84
N CYS E 57 16.95 -29.43 -12.40
CA CYS E 57 17.06 -28.41 -13.43
C CYS E 57 16.59 -27.04 -12.97
N SER E 58 17.28 -26.01 -13.44
CA SER E 58 16.82 -24.64 -13.24
C SER E 58 15.64 -24.39 -14.17
N PHE E 59 14.93 -23.30 -13.94
CA PHE E 59 13.76 -22.96 -14.75
C PHE E 59 14.16 -22.76 -16.21
N GLU E 60 15.31 -22.13 -16.43
CA GLU E 60 15.78 -21.85 -17.78
C GLU E 60 15.95 -23.13 -18.60
N GLY E 61 16.65 -24.10 -18.03
CA GLY E 61 16.88 -25.38 -18.70
C GLY E 61 15.60 -26.17 -18.91
N TRP E 62 14.66 -26.01 -17.99
CA TRP E 62 13.38 -26.68 -18.05
C TRP E 62 12.51 -26.12 -19.17
N ILE E 63 12.53 -24.80 -19.32
CA ILE E 63 11.63 -24.13 -20.25
C ILE E 63 12.09 -24.23 -21.71
N VAL E 64 13.37 -24.50 -21.93
CA VAL E 64 13.89 -24.66 -23.28
C VAL E 64 14.05 -26.13 -23.66
N GLY E 65 13.98 -27.01 -22.67
CA GLY E 65 13.99 -28.44 -22.91
C GLY E 65 15.37 -29.08 -22.89
N ASN E 66 16.13 -28.80 -21.84
CA ASN E 66 17.40 -29.48 -21.59
C ASN E 66 17.14 -30.99 -21.51
N PRO E 67 17.78 -31.76 -22.41
CA PRO E 67 17.59 -33.21 -22.51
C PRO E 67 17.76 -33.94 -21.18
N ALA E 68 18.54 -33.37 -20.27
CA ALA E 68 18.76 -33.98 -18.96
C ALA E 68 17.61 -33.70 -18.00
N CYS E 69 16.76 -32.74 -18.37
CA CYS E 69 15.58 -32.43 -17.55
C CYS E 69 14.42 -33.33 -17.94
N THR E 70 13.54 -33.57 -16.98
CA THR E 70 12.31 -34.29 -17.27
C THR E 70 11.42 -33.41 -18.16
N SER E 71 10.81 -34.01 -19.17
CA SER E 71 10.03 -33.27 -20.16
C SER E 71 8.74 -32.68 -19.57
N ASN E 72 8.36 -31.51 -20.08
CA ASN E 72 7.13 -30.85 -19.65
C ASN E 72 5.98 -31.12 -20.61
N PHE E 73 6.15 -32.14 -21.44
CA PHE E 73 5.19 -32.47 -22.47
C PHE E 73 3.82 -32.89 -21.93
N GLY E 74 3.81 -33.55 -20.77
CA GLY E 74 2.58 -34.06 -20.20
C GLY E 74 1.90 -33.13 -19.20
N ILE E 75 2.51 -31.98 -18.92
CA ILE E 75 1.97 -31.05 -17.95
C ILE E 75 0.73 -30.34 -18.50
N ARG E 76 -0.29 -30.23 -17.66
CA ARG E 76 -1.55 -29.58 -18.04
C ARG E 76 -1.74 -28.25 -17.31
N GLU E 77 -1.10 -28.14 -16.15
CA GLU E 77 -1.30 -26.99 -15.27
C GLU E 77 -0.34 -27.07 -14.09
N TRP E 78 -0.11 -25.94 -13.43
CA TRP E 78 0.59 -25.92 -12.16
C TRP E 78 0.26 -24.68 -11.33
N SER E 79 0.15 -24.88 -10.02
CA SER E 79 -0.18 -23.80 -9.09
C SER E 79 1.07 -22.98 -8.77
N TYR E 80 2.19 -23.66 -8.62
CA TYR E 80 3.48 -22.99 -8.41
C TYR E 80 4.64 -23.89 -8.83
N LEU E 81 5.85 -23.34 -8.81
CA LEU E 81 7.04 -24.09 -9.19
C LEU E 81 7.97 -24.31 -8.01
N ILE E 82 8.65 -25.45 -8.01
CA ILE E 82 9.65 -25.76 -6.99
C ILE E 82 11.02 -25.92 -7.66
N GLU E 83 11.96 -25.06 -7.28
CA GLU E 83 13.27 -25.04 -7.92
C GLU E 83 14.40 -25.11 -6.90
N ASP E 84 15.39 -25.96 -7.19
CA ASP E 84 16.60 -26.00 -6.38
C ASP E 84 17.54 -24.88 -6.82
N PRO E 85 17.89 -23.97 -5.91
CA PRO E 85 18.74 -22.81 -6.22
C PRO E 85 20.13 -23.22 -6.73
N ALA E 86 20.61 -24.39 -6.32
CA ALA E 86 21.89 -24.87 -6.80
C ALA E 86 21.72 -26.05 -7.77
N ALA E 87 20.72 -25.94 -8.64
CA ALA E 87 20.44 -27.00 -9.61
C ALA E 87 21.57 -27.15 -10.62
N PRO E 88 22.07 -28.39 -10.78
CA PRO E 88 23.19 -28.69 -11.68
C PRO E 88 22.87 -28.44 -13.15
N HIS E 89 21.63 -28.69 -13.57
CA HIS E 89 21.26 -28.54 -14.97
C HIS E 89 20.54 -27.23 -15.29
N GLY E 90 20.93 -26.61 -16.39
CA GLY E 90 20.30 -25.40 -16.88
C GLY E 90 20.45 -25.35 -18.39
N LEU E 91 20.97 -24.24 -18.89
CA LEU E 91 21.34 -24.18 -20.30
C LEU E 91 22.59 -25.03 -20.47
N CYS E 92 22.41 -26.25 -20.97
CA CYS E 92 23.51 -27.20 -21.11
C CYS E 92 24.61 -26.69 -22.04
N TYR E 93 24.21 -26.03 -23.13
CA TYR E 93 25.16 -25.38 -24.01
C TYR E 93 25.36 -23.96 -23.51
N PRO E 94 26.62 -23.51 -23.41
CA PRO E 94 26.99 -22.17 -22.96
C PRO E 94 26.13 -21.08 -23.59
N GLY E 95 25.27 -20.47 -22.80
CA GLY E 95 24.39 -19.42 -23.30
C GLY E 95 23.57 -18.74 -22.22
N GLU E 96 22.70 -17.83 -22.66
CA GLU E 96 21.84 -17.08 -21.75
C GLU E 96 20.42 -17.00 -22.31
N LEU E 97 19.44 -17.03 -21.42
CA LEU E 97 18.06 -16.82 -21.83
C LEU E 97 17.74 -15.34 -21.63
N ASN E 98 17.41 -14.66 -22.73
CA ASN E 98 17.10 -13.24 -22.67
C ASN E 98 15.80 -12.96 -21.94
N ASN E 99 15.81 -11.95 -21.08
CA ASN E 99 14.61 -11.50 -20.38
C ASN E 99 13.98 -12.61 -19.54
N ASN E 100 14.84 -13.41 -18.90
CA ASN E 100 14.39 -14.57 -18.13
C ASN E 100 13.61 -14.20 -16.86
N GLY E 101 13.86 -13.00 -16.33
CA GLY E 101 13.12 -12.51 -15.18
C GLY E 101 11.63 -12.43 -15.44
N GLU E 102 11.26 -11.80 -16.55
CA GLU E 102 9.87 -11.69 -16.97
C GLU E 102 9.25 -13.07 -17.18
N LEU E 103 9.98 -13.94 -17.87
CA LEU E 103 9.49 -15.27 -18.20
C LEU E 103 9.22 -16.08 -16.94
N ARG E 104 10.15 -15.97 -15.98
CA ARG E 104 9.99 -16.62 -14.68
C ARG E 104 8.69 -16.17 -14.02
N HIS E 105 8.42 -14.88 -14.11
CA HIS E 105 7.24 -14.30 -13.48
C HIS E 105 5.96 -14.80 -14.13
N LEU E 106 5.99 -14.89 -15.46
CA LEU E 106 4.82 -15.32 -16.23
C LEU E 106 4.55 -16.82 -16.10
N PHE E 107 5.58 -17.57 -15.74
CA PHE E 107 5.46 -19.03 -15.62
C PHE E 107 5.48 -19.52 -14.18
N SER E 108 5.34 -18.59 -13.24
CA SER E 108 5.31 -18.93 -11.82
C SER E 108 4.12 -19.82 -11.49
N GLY E 109 3.04 -19.65 -12.24
CA GLY E 109 1.84 -20.45 -12.05
C GLY E 109 0.89 -20.26 -13.21
N ILE E 110 0.47 -21.36 -13.82
CA ILE E 110 -0.38 -21.31 -14.99
C ILE E 110 -1.53 -22.30 -14.86
N ARG E 111 -2.76 -21.85 -15.13
CA ARG E 111 -3.93 -22.70 -14.96
C ARG E 111 -4.19 -23.59 -16.18
N SER E 112 -3.83 -23.08 -17.36
CA SER E 112 -3.95 -23.88 -18.58
C SER E 112 -2.64 -23.90 -19.35
N PHE E 113 -2.04 -25.08 -19.45
CA PHE E 113 -0.73 -25.24 -20.07
C PHE E 113 -0.70 -26.45 -20.99
N SER E 114 -0.08 -26.30 -22.17
CA SER E 114 0.11 -27.41 -23.09
C SER E 114 1.20 -27.09 -24.10
N ARG E 115 2.18 -27.98 -24.23
CA ARG E 115 3.21 -27.82 -25.23
C ARG E 115 2.62 -28.12 -26.60
N THR E 116 3.12 -27.44 -27.63
CA THR E 116 2.65 -27.69 -28.99
C THR E 116 3.76 -27.46 -30.00
N GLU E 117 3.65 -28.12 -31.15
CA GLU E 117 4.66 -27.98 -32.21
C GLU E 117 4.29 -26.84 -33.14
N LEU E 118 5.03 -25.75 -33.04
CA LEU E 118 4.78 -24.55 -33.83
C LEU E 118 5.00 -24.83 -35.31
N ILE E 119 6.20 -25.28 -35.64
CA ILE E 119 6.61 -25.52 -37.01
C ILE E 119 7.31 -26.87 -37.10
N PRO E 120 6.94 -27.69 -38.10
CA PRO E 120 7.58 -29.00 -38.30
C PRO E 120 9.09 -28.86 -38.50
N PRO E 121 9.87 -29.62 -37.72
CA PRO E 121 11.34 -29.58 -37.71
C PRO E 121 11.98 -29.94 -39.05
N THR E 122 11.22 -30.55 -39.95
CA THR E 122 11.76 -30.94 -41.26
C THR E 122 11.18 -30.09 -42.39
N SER E 123 10.23 -29.23 -42.05
CA SER E 123 9.56 -28.39 -43.04
C SER E 123 10.33 -27.13 -43.36
N TRP E 124 11.55 -27.02 -42.82
CA TRP E 124 12.33 -25.80 -42.96
C TRP E 124 13.10 -25.71 -44.28
N GLY E 125 13.54 -26.85 -44.79
CA GLY E 125 14.26 -26.87 -46.05
C GLY E 125 15.48 -27.78 -46.03
N GLU E 126 16.53 -27.37 -46.73
CA GLU E 126 17.73 -28.18 -46.84
C GLU E 126 18.76 -27.85 -45.76
N VAL E 127 18.49 -28.34 -44.54
CA VAL E 127 19.40 -28.15 -43.42
C VAL E 127 19.45 -29.39 -42.54
N LEU E 128 20.55 -29.58 -41.83
CA LEU E 128 20.71 -30.71 -40.92
C LEU E 128 20.48 -30.27 -39.48
N ASP E 129 20.20 -31.24 -38.61
CA ASP E 129 20.04 -30.98 -37.19
C ASP E 129 21.36 -31.21 -36.46
N GLY E 130 21.76 -30.23 -35.65
CA GLY E 130 23.01 -30.34 -34.91
C GLY E 130 22.81 -30.80 -33.48
N THR E 131 23.58 -31.81 -33.08
CA THR E 131 23.60 -32.26 -31.70
C THR E 131 24.97 -32.00 -31.12
N THR E 132 25.10 -32.05 -29.80
CA THR E 132 26.36 -31.70 -29.15
C THR E 132 26.63 -32.52 -27.90
N SER E 133 27.91 -32.65 -27.56
CA SER E 133 28.32 -33.37 -26.36
C SER E 133 27.97 -32.59 -25.11
N ALA E 134 27.62 -31.32 -25.28
CA ALA E 134 27.24 -30.47 -24.16
C ALA E 134 25.81 -30.77 -23.71
N CYS E 135 24.98 -31.23 -24.64
CA CYS E 135 23.58 -31.47 -24.36
C CYS E 135 23.19 -32.93 -24.54
N ARG E 136 23.86 -33.81 -23.81
CA ARG E 136 23.56 -35.24 -23.90
C ARG E 136 22.24 -35.55 -23.21
N ASP E 137 21.56 -36.59 -23.69
CA ASP E 137 20.26 -36.96 -23.12
C ASP E 137 20.38 -37.94 -21.96
N ASN E 138 19.25 -38.54 -21.58
CA ASN E 138 19.20 -39.49 -20.46
C ASN E 138 20.06 -40.72 -20.71
N THR E 139 20.31 -41.01 -21.99
CA THR E 139 21.09 -42.17 -22.39
C THR E 139 22.58 -41.90 -22.32
N GLY E 140 23.01 -40.81 -22.95
CA GLY E 140 24.42 -40.49 -23.08
C GLY E 140 24.70 -40.07 -24.52
N THR E 141 23.65 -40.13 -25.33
CA THR E 141 23.73 -39.75 -26.74
C THR E 141 23.76 -38.24 -26.89
N ASN E 142 24.50 -37.75 -27.88
CA ASN E 142 24.51 -36.32 -28.18
C ASN E 142 23.13 -35.86 -28.64
N SER E 143 22.67 -34.75 -28.06
CA SER E 143 21.36 -34.21 -28.38
C SER E 143 21.36 -32.69 -28.33
N PHE E 144 20.19 -32.12 -28.06
CA PHE E 144 20.03 -30.67 -28.01
C PHE E 144 18.69 -30.37 -27.35
N TYR E 145 18.44 -29.09 -27.07
CA TYR E 145 17.18 -28.66 -26.48
C TYR E 145 15.98 -29.19 -27.25
N ARG E 146 14.95 -29.62 -26.53
CA ARG E 146 13.76 -30.20 -27.16
C ARG E 146 12.98 -29.15 -27.95
N ASN E 147 12.92 -27.93 -27.42
CA ASN E 147 12.10 -26.87 -28.00
C ASN E 147 12.77 -26.17 -29.17
N LEU E 148 14.07 -26.35 -29.31
CA LEU E 148 14.82 -25.71 -30.40
C LEU E 148 15.48 -26.73 -31.32
N VAL E 149 15.71 -26.34 -32.58
CA VAL E 149 16.47 -27.18 -33.50
C VAL E 149 17.66 -26.41 -34.08
N TRP E 150 18.86 -26.94 -33.83
CA TRP E 150 20.09 -26.29 -34.27
C TRP E 150 20.36 -26.62 -35.73
N PHE E 151 19.99 -25.70 -36.62
CA PHE E 151 20.16 -25.91 -38.04
C PHE E 151 21.59 -25.62 -38.51
N ILE E 152 22.15 -26.57 -39.26
CA ILE E 152 23.51 -26.43 -39.79
C ILE E 152 23.52 -26.74 -41.29
N LYS E 153 24.70 -26.60 -41.89
CA LYS E 153 24.83 -26.79 -43.33
C LYS E 153 24.55 -28.23 -43.76
N LYS E 154 23.88 -28.37 -44.90
CA LYS E 154 23.62 -29.68 -45.48
C LYS E 154 24.17 -29.71 -46.90
N ASN E 155 25.04 -30.67 -47.16
CA ASN E 155 25.74 -30.77 -48.44
C ASN E 155 26.49 -29.48 -48.79
N ASN E 156 27.23 -28.96 -47.81
CA ASN E 156 28.08 -27.78 -47.97
C ASN E 156 27.32 -26.52 -48.38
N ARG E 157 26.01 -26.52 -48.14
CA ARG E 157 25.16 -25.41 -48.55
C ARG E 157 24.14 -25.08 -47.45
N TYR E 158 24.07 -23.81 -47.06
CA TYR E 158 23.05 -23.35 -46.14
C TYR E 158 22.12 -22.37 -46.85
N PRO E 159 20.95 -22.84 -47.27
CA PRO E 159 19.98 -22.00 -48.00
C PRO E 159 19.24 -21.04 -47.07
N VAL E 160 18.64 -20.00 -47.63
CA VAL E 160 17.82 -19.09 -46.84
C VAL E 160 16.52 -19.77 -46.47
N ILE E 161 16.39 -20.15 -45.20
CA ILE E 161 15.20 -20.83 -44.72
C ILE E 161 14.21 -19.85 -44.11
N SER E 162 12.92 -20.08 -44.37
CA SER E 162 11.89 -19.18 -43.88
C SER E 162 10.57 -19.88 -43.63
N LYS E 163 10.17 -19.96 -42.37
CA LYS E 163 8.87 -20.49 -41.99
C LYS E 163 8.17 -19.53 -41.03
N THR E 164 6.85 -19.62 -40.98
CA THR E 164 6.06 -18.72 -40.13
C THR E 164 5.04 -19.49 -39.29
N TYR E 165 4.65 -18.91 -38.15
CA TYR E 165 3.68 -19.53 -37.27
C TYR E 165 2.41 -18.71 -37.15
N ASN E 166 1.25 -19.37 -37.18
CA ASN E 166 -0.02 -18.67 -37.05
C ASN E 166 -0.75 -19.08 -35.78
N ASN E 167 -0.91 -18.15 -34.86
CA ASN E 167 -1.56 -18.44 -33.58
C ASN E 167 -3.06 -18.64 -33.77
N THR E 168 -3.46 -19.91 -33.89
CA THR E 168 -4.85 -20.27 -34.13
C THR E 168 -5.48 -20.91 -32.90
N THR E 169 -4.71 -20.98 -31.82
CA THR E 169 -5.13 -21.68 -30.62
C THR E 169 -6.22 -20.95 -29.84
N GLY E 170 -6.32 -19.65 -30.06
CA GLY E 170 -7.30 -18.83 -29.35
C GLY E 170 -6.76 -18.31 -28.02
N ARG E 171 -5.60 -18.82 -27.62
CA ARG E 171 -4.95 -18.39 -26.39
C ARG E 171 -3.56 -17.83 -26.68
N ASP E 172 -2.92 -17.32 -25.64
CA ASP E 172 -1.54 -16.83 -25.76
C ASP E 172 -0.59 -18.00 -25.96
N VAL E 173 0.38 -17.83 -26.84
CA VAL E 173 1.36 -18.86 -27.13
C VAL E 173 2.78 -18.35 -26.94
N LEU E 174 3.56 -19.05 -26.12
CA LEU E 174 4.95 -18.69 -25.90
C LEU E 174 5.85 -19.35 -26.96
N VAL E 175 6.65 -18.53 -27.63
CA VAL E 175 7.55 -19.03 -28.67
C VAL E 175 9.00 -18.76 -28.28
N LEU E 176 9.88 -19.73 -28.53
CA LEU E 176 11.30 -19.58 -28.23
C LEU E 176 12.15 -19.79 -29.48
N TRP E 177 13.13 -18.91 -29.69
CA TRP E 177 14.13 -19.11 -30.72
C TRP E 177 15.50 -18.70 -30.17
N GLY E 178 16.55 -18.91 -30.95
CA GLY E 178 17.88 -18.61 -30.47
C GLY E 178 18.90 -18.27 -31.54
N ILE E 179 19.95 -17.57 -31.12
CA ILE E 179 21.05 -17.20 -31.99
C ILE E 179 22.34 -17.82 -31.46
N HIS E 180 23.09 -18.49 -32.33
CA HIS E 180 24.36 -19.07 -31.94
C HIS E 180 25.54 -18.21 -32.41
N HIS E 181 26.37 -17.78 -31.47
CA HIS E 181 27.54 -16.98 -31.77
C HIS E 181 28.80 -17.83 -31.67
N PRO E 182 29.36 -18.23 -32.82
CA PRO E 182 30.53 -19.11 -32.89
C PRO E 182 31.81 -18.44 -32.36
N VAL E 183 32.84 -19.24 -32.12
CA VAL E 183 34.09 -18.73 -31.55
C VAL E 183 34.86 -17.83 -32.52
N SER E 184 34.65 -18.02 -33.81
CA SER E 184 35.36 -17.26 -34.83
C SER E 184 34.62 -17.33 -36.15
N VAL E 185 34.97 -16.45 -37.08
CA VAL E 185 34.36 -16.44 -38.40
C VAL E 185 34.64 -17.75 -39.13
N ASP E 186 35.67 -18.46 -38.67
CA ASP E 186 36.02 -19.75 -39.23
C ASP E 186 34.98 -20.81 -38.86
N GLU E 187 34.51 -20.74 -37.62
CA GLU E 187 33.51 -21.69 -37.14
C GLU E 187 32.12 -21.46 -37.76
N THR E 188 31.76 -20.21 -37.99
CA THR E 188 30.48 -19.93 -38.63
C THR E 188 30.54 -20.36 -40.10
N LYS E 189 31.75 -20.39 -40.65
CA LYS E 189 31.96 -20.90 -41.99
C LYS E 189 31.85 -22.42 -42.00
N THR E 190 32.46 -23.06 -41.00
CA THR E 190 32.40 -24.51 -40.87
C THR E 190 30.96 -24.98 -40.64
N LEU E 191 30.22 -24.22 -39.84
CA LEU E 191 28.86 -24.59 -39.46
C LEU E 191 27.80 -24.13 -40.45
N TYR E 192 27.95 -22.91 -40.98
CA TYR E 192 26.88 -22.31 -41.77
C TYR E 192 27.33 -21.83 -43.16
N VAL E 193 28.59 -22.10 -43.52
CA VAL E 193 29.16 -21.66 -44.79
C VAL E 193 29.13 -20.14 -45.00
N ASN E 194 27.92 -19.60 -45.04
CA ASN E 194 27.71 -18.17 -45.30
C ASN E 194 28.51 -17.25 -44.40
N SER E 195 29.15 -16.26 -45.00
CA SER E 195 29.87 -15.25 -44.24
C SER E 195 28.88 -14.22 -43.73
N ASP E 196 29.01 -13.87 -42.46
CA ASP E 196 28.13 -12.88 -41.82
C ASP E 196 26.65 -13.24 -41.97
N PRO E 197 26.23 -14.38 -41.41
CA PRO E 197 24.83 -14.78 -41.54
C PRO E 197 23.92 -13.92 -40.66
N TYR E 198 22.62 -13.97 -40.93
CA TYR E 198 21.66 -13.17 -40.18
C TYR E 198 20.43 -14.00 -39.84
N THR E 199 19.62 -13.47 -38.92
CA THR E 199 18.31 -14.04 -38.64
C THR E 199 17.33 -12.90 -38.45
N LEU E 200 16.21 -12.95 -39.18
CA LEU E 200 15.20 -11.92 -39.10
C LEU E 200 13.91 -12.49 -38.52
N VAL E 201 13.48 -11.96 -37.39
CA VAL E 201 12.25 -12.40 -36.76
C VAL E 201 11.25 -11.24 -36.70
N SER E 202 10.03 -11.47 -37.17
CA SER E 202 9.05 -10.40 -37.27
C SER E 202 7.63 -10.85 -37.03
N THR E 203 6.84 -9.95 -36.43
CA THR E 203 5.39 -10.08 -36.38
C THR E 203 4.83 -8.93 -37.21
N LYS E 204 3.60 -8.53 -36.92
CA LYS E 204 3.03 -7.39 -37.61
C LYS E 204 3.11 -6.14 -36.75
N SER E 205 3.73 -6.28 -35.59
CA SER E 205 3.88 -5.17 -34.65
C SER E 205 5.35 -4.87 -34.36
N TRP E 206 6.22 -5.84 -34.57
CA TRP E 206 7.65 -5.65 -34.34
C TRP E 206 8.52 -6.51 -35.25
N SER E 207 9.79 -6.14 -35.35
CA SER E 207 10.74 -6.86 -36.20
C SER E 207 12.14 -6.72 -35.62
N GLU E 208 12.83 -7.84 -35.46
CA GLU E 208 14.19 -7.85 -34.94
C GLU E 208 15.13 -8.52 -35.93
N LYS E 209 16.31 -7.93 -36.12
CA LYS E 209 17.33 -8.56 -36.97
C LYS E 209 18.57 -8.90 -36.15
N TYR E 210 18.96 -10.17 -36.19
CA TYR E 210 20.10 -10.65 -35.42
C TYR E 210 21.30 -10.96 -36.32
N LYS E 211 22.46 -10.51 -35.89
CA LYS E 211 23.72 -10.89 -36.54
C LYS E 211 24.62 -11.60 -35.54
N LEU E 212 25.70 -12.22 -36.03
CA LEU E 212 26.55 -13.02 -35.16
C LEU E 212 27.64 -12.20 -34.50
N GLU E 213 27.89 -12.50 -33.22
CA GLU E 213 28.93 -11.83 -32.46
C GLU E 213 30.03 -12.82 -32.09
N THR E 214 30.95 -13.04 -33.03
CA THR E 214 31.99 -14.06 -32.87
C THR E 214 33.01 -13.70 -31.79
N GLY E 215 33.45 -14.72 -31.08
CA GLY E 215 34.46 -14.55 -30.04
C GLY E 215 34.53 -15.75 -29.11
N VAL E 216 35.60 -15.83 -28.33
CA VAL E 216 35.76 -16.93 -27.39
C VAL E 216 35.28 -16.56 -25.99
N ARG E 217 34.32 -17.33 -25.49
CA ARG E 217 33.76 -17.09 -24.16
C ARG E 217 34.36 -18.05 -23.15
N PRO E 218 34.46 -17.63 -21.88
CA PRO E 218 34.93 -18.53 -20.83
C PRO E 218 33.83 -19.52 -20.46
N GLY E 219 33.49 -20.41 -21.39
CA GLY E 219 32.32 -21.25 -21.25
C GLY E 219 32.45 -22.41 -20.28
N TYR E 220 31.50 -23.35 -20.38
CA TYR E 220 31.48 -24.53 -19.55
C TYR E 220 31.17 -25.75 -20.41
N ASN E 221 31.23 -26.93 -19.79
CA ASN E 221 31.23 -28.18 -20.53
C ASN E 221 32.37 -28.17 -21.54
N GLY E 222 32.07 -28.50 -22.79
CA GLY E 222 33.11 -28.57 -23.80
C GLY E 222 33.29 -27.30 -24.61
N GLN E 223 32.21 -26.54 -24.76
CA GLN E 223 32.16 -25.48 -25.76
C GLN E 223 32.73 -24.13 -25.31
N ARG E 224 32.95 -23.25 -26.28
CA ARG E 224 33.57 -21.96 -26.01
C ARG E 224 32.87 -20.85 -26.79
N SER E 225 31.82 -21.23 -27.52
CA SER E 225 30.99 -20.27 -28.25
C SER E 225 29.87 -19.80 -27.33
N TRP E 226 28.88 -19.09 -27.89
CA TRP E 226 27.80 -18.55 -27.07
C TRP E 226 26.44 -18.53 -27.77
N MET E 227 25.41 -18.94 -27.03
CA MET E 227 24.06 -18.91 -27.54
C MET E 227 23.19 -17.90 -26.79
N LYS E 228 22.32 -17.21 -27.51
CA LYS E 228 21.36 -16.33 -26.88
C LYS E 228 19.95 -16.75 -27.27
N ILE E 229 19.15 -17.09 -26.26
CA ILE E 229 17.81 -17.56 -26.50
C ILE E 229 16.78 -16.47 -26.18
N TYR E 230 15.92 -16.18 -27.15
CA TYR E 230 14.90 -15.14 -26.98
C TYR E 230 13.52 -15.76 -26.97
N TRP E 231 12.53 -14.98 -26.54
CA TRP E 231 11.15 -15.45 -26.51
C TRP E 231 10.16 -14.33 -26.76
N SER E 232 8.94 -14.71 -27.09
CA SER E 232 7.87 -13.75 -27.33
C SER E 232 6.52 -14.42 -27.15
N LEU E 233 5.59 -13.69 -26.55
CA LEU E 233 4.22 -14.17 -26.42
C LEU E 233 3.41 -13.78 -27.66
N ILE E 234 2.94 -14.77 -28.40
CA ILE E 234 2.13 -14.50 -29.58
C ILE E 234 0.67 -14.53 -29.19
N HIS E 235 -0.02 -13.42 -29.42
CA HIS E 235 -1.42 -13.29 -29.04
C HIS E 235 -2.32 -13.93 -30.09
N PRO E 236 -3.54 -14.35 -29.68
CA PRO E 236 -4.49 -14.98 -30.59
C PRO E 236 -4.71 -14.18 -31.87
N GLY E 237 -4.44 -14.80 -33.01
CA GLY E 237 -4.62 -14.17 -34.30
C GLY E 237 -3.37 -13.49 -34.84
N GLU E 238 -2.29 -13.57 -34.08
CA GLU E 238 -1.02 -12.97 -34.50
C GLU E 238 -0.11 -14.02 -35.14
N MET E 239 0.85 -13.54 -35.94
CA MET E 239 1.76 -14.44 -36.63
C MET E 239 3.21 -13.96 -36.54
N ILE E 240 4.13 -14.91 -36.41
CA ILE E 240 5.55 -14.60 -36.31
C ILE E 240 6.36 -15.37 -37.36
N THR E 241 7.16 -14.65 -38.14
CA THR E 241 7.92 -15.28 -39.22
C THR E 241 9.42 -15.29 -38.92
N PHE E 242 10.06 -16.41 -39.25
CA PHE E 242 11.50 -16.54 -39.05
C PHE E 242 12.21 -16.74 -40.39
N GLU E 243 13.22 -15.92 -40.65
CA GLU E 243 14.04 -16.08 -41.83
C GLU E 243 15.51 -16.02 -41.45
N SER E 244 16.29 -16.97 -41.95
CA SER E 244 17.70 -17.05 -41.58
C SER E 244 18.56 -17.79 -42.61
N ASN E 245 19.85 -17.46 -42.61
CA ASN E 245 20.82 -18.17 -43.44
C ASN E 245 22.03 -18.64 -42.61
N GLY E 246 21.80 -18.90 -41.32
CA GLY E 246 22.84 -19.42 -40.46
C GLY E 246 22.78 -18.89 -39.03
N GLY E 247 23.41 -19.63 -38.12
CA GLY E 247 23.48 -19.23 -36.73
C GLY E 247 22.13 -19.11 -36.06
N PHE E 248 21.22 -20.00 -36.41
CA PHE E 248 19.83 -19.87 -35.98
C PHE E 248 19.30 -21.10 -35.28
N LEU E 249 18.93 -20.94 -34.01
CA LEU E 249 18.25 -21.99 -33.27
C LEU E 249 16.75 -21.85 -33.47
N ALA E 250 16.19 -22.69 -34.35
CA ALA E 250 14.82 -22.54 -34.78
C ALA E 250 13.82 -23.06 -33.76
N PRO E 251 12.65 -22.40 -33.68
CA PRO E 251 11.57 -22.82 -32.79
C PRO E 251 10.94 -24.13 -33.25
N ARG E 252 10.68 -25.04 -32.31
CA ARG E 252 9.96 -26.26 -32.61
C ARG E 252 8.74 -26.39 -31.71
N TYR E 253 8.99 -26.44 -30.40
CA TYR E 253 7.92 -26.55 -29.42
C TYR E 253 7.67 -25.22 -28.72
N GLY E 254 6.40 -24.83 -28.63
CA GLY E 254 6.01 -23.66 -27.88
C GLY E 254 5.03 -24.05 -26.79
N TYR E 255 4.44 -23.06 -26.12
CA TYR E 255 3.50 -23.34 -25.05
C TYR E 255 2.22 -22.53 -25.16
N ILE E 256 1.08 -23.22 -25.07
CA ILE E 256 -0.23 -22.55 -25.08
C ILE E 256 -0.67 -22.27 -23.65
N ILE E 257 -0.74 -20.99 -23.28
CA ILE E 257 -0.99 -20.64 -21.89
C ILE E 257 -2.19 -19.72 -21.66
N GLU E 258 -2.90 -19.98 -20.56
CA GLU E 258 -4.05 -19.17 -20.17
C GLU E 258 -4.07 -19.03 -18.66
N GLU E 259 -4.41 -17.84 -18.17
CA GLU E 259 -4.39 -17.52 -16.73
C GLU E 259 -3.03 -17.82 -16.12
N TYR E 260 -2.04 -16.98 -16.43
CA TYR E 260 -0.68 -17.21 -15.98
C TYR E 260 -0.16 -16.08 -15.10
N GLY E 261 0.98 -16.31 -14.46
CA GLY E 261 1.55 -15.36 -13.52
C GLY E 261 0.83 -15.42 -12.19
N LYS E 262 0.13 -16.52 -11.97
CA LYS E 262 -0.71 -16.67 -10.78
C LYS E 262 0.01 -17.48 -9.70
N GLY E 263 1.31 -17.70 -9.87
CA GLY E 263 2.03 -18.59 -8.96
C GLY E 263 3.21 -17.99 -8.24
N ARG E 264 4.23 -18.82 -8.05
CA ARG E 264 5.44 -18.43 -7.33
C ARG E 264 6.50 -19.48 -7.63
N ILE E 265 7.76 -19.07 -7.69
CA ILE E 265 8.84 -20.02 -7.78
C ILE E 265 9.51 -20.18 -6.41
N PHE E 266 9.08 -21.20 -5.68
CA PHE E 266 9.66 -21.49 -4.37
C PHE E 266 11.02 -22.19 -4.52
N GLN E 267 11.99 -21.75 -3.73
CA GLN E 267 13.33 -22.33 -3.76
C GLN E 267 13.65 -23.00 -2.45
N SER E 268 12.64 -23.12 -1.61
CA SER E 268 12.84 -23.67 -0.28
C SER E 268 13.10 -25.18 -0.32
N ARG E 269 14.00 -25.65 0.54
CA ARG E 269 14.43 -27.04 0.51
C ARG E 269 13.61 -27.93 1.43
N ILE E 270 12.29 -27.78 1.36
CA ILE E 270 11.39 -28.63 2.13
C ILE E 270 10.83 -29.72 1.21
N ARG E 271 10.09 -30.67 1.78
CA ARG E 271 9.62 -31.85 1.04
C ARG E 271 8.21 -31.70 0.46
N MET E 272 7.99 -32.28 -0.72
CA MET E 272 6.68 -32.32 -1.36
C MET E 272 5.78 -33.39 -0.72
N SER E 273 4.47 -33.18 -0.71
CA SER E 273 3.56 -34.07 0.04
C SER E 273 2.21 -34.33 -0.62
N ARG E 274 1.41 -35.19 0.01
CA ARG E 274 0.10 -35.57 -0.51
C ARG E 274 -1.02 -34.66 0.03
N CYS E 275 -0.66 -33.72 0.88
CA CYS E 275 -1.64 -32.83 1.49
C CYS E 275 -2.16 -31.80 0.48
N ASN E 276 -3.24 -31.11 0.84
CA ASN E 276 -3.79 -30.06 0.00
C ASN E 276 -4.28 -28.89 0.85
N THR E 277 -3.67 -27.73 0.65
CA THR E 277 -4.04 -26.53 1.40
C THR E 277 -4.51 -25.40 0.49
N LYS E 278 -5.06 -24.35 1.08
CA LYS E 278 -5.49 -23.19 0.32
C LYS E 278 -4.45 -22.08 0.36
N CYS E 279 -3.40 -22.30 1.14
CA CYS E 279 -2.31 -21.34 1.25
C CYS E 279 -0.96 -22.04 1.39
N GLN E 280 -0.05 -21.76 0.46
CA GLN E 280 1.28 -22.36 0.48
C GLN E 280 2.35 -21.32 0.80
N THR E 281 3.19 -21.60 1.77
CA THR E 281 4.30 -20.73 2.08
C THR E 281 5.61 -21.44 1.77
N SER E 282 6.72 -20.71 1.80
CA SER E 282 8.03 -21.29 1.55
C SER E 282 8.50 -22.13 2.73
N VAL E 283 7.61 -22.32 3.70
CA VAL E 283 7.98 -23.01 4.91
C VAL E 283 6.99 -24.15 5.17
N GLY E 284 5.82 -24.05 4.56
CA GLY E 284 4.82 -25.09 4.67
C GLY E 284 3.44 -24.65 4.19
N GLY E 285 2.52 -25.60 4.09
CA GLY E 285 1.16 -25.31 3.70
C GLY E 285 0.32 -24.91 4.90
N ILE E 286 -0.61 -23.98 4.68
CA ILE E 286 -1.47 -23.50 5.76
C ILE E 286 -2.94 -23.81 5.47
N ASN E 287 -3.61 -24.42 6.44
CA ASN E 287 -5.04 -24.69 6.31
C ASN E 287 -5.77 -24.22 7.57
N THR E 288 -6.41 -23.06 7.46
CA THR E 288 -7.03 -22.41 8.61
C THR E 288 -8.15 -21.48 8.18
N ASN E 289 -9.10 -21.24 9.08
CA ASN E 289 -10.16 -20.27 8.83
C ASN E 289 -9.80 -18.90 9.41
N ARG E 290 -8.65 -18.84 10.08
CA ARG E 290 -8.16 -17.60 10.65
C ARG E 290 -7.65 -16.68 9.55
N THR E 291 -7.71 -15.38 9.80
CA THR E 291 -7.41 -14.39 8.76
C THR E 291 -6.03 -13.77 8.92
N PHE E 292 -5.31 -14.19 9.94
CA PHE E 292 -3.93 -13.72 10.14
C PHE E 292 -2.96 -14.87 10.35
N GLN E 293 -1.70 -14.63 10.03
CA GLN E 293 -0.66 -15.64 10.13
C GLN E 293 0.69 -14.96 10.32
N ASN E 294 1.51 -15.49 11.24
CA ASN E 294 2.85 -14.94 11.47
C ASN E 294 3.95 -15.94 11.15
N ILE E 295 3.70 -16.79 10.16
CA ILE E 295 4.60 -17.90 9.86
C ILE E 295 5.64 -17.54 8.80
N ASP E 296 5.19 -16.96 7.69
CA ASP E 296 6.08 -16.67 6.57
C ASP E 296 5.50 -15.59 5.66
N LYS E 297 6.27 -14.54 5.42
CA LYS E 297 5.83 -13.46 4.55
C LYS E 297 5.73 -13.91 3.09
N ASN E 298 6.40 -15.02 2.76
CA ASN E 298 6.35 -15.56 1.42
C ASN E 298 5.21 -16.57 1.30
N ALA E 299 4.07 -16.12 0.79
CA ALA E 299 2.87 -16.94 0.77
C ALA E 299 2.06 -16.74 -0.51
N LEU E 300 1.35 -17.77 -0.92
CA LEU E 300 0.63 -17.76 -2.18
C LEU E 300 -0.74 -18.41 -2.04
N GLY E 301 -1.75 -17.79 -2.65
CA GLY E 301 -3.09 -18.36 -2.69
C GLY E 301 -4.08 -17.68 -1.78
N ASP E 302 -5.09 -18.44 -1.35
CA ASP E 302 -6.11 -17.92 -0.45
C ASP E 302 -5.60 -17.93 0.99
N CYS E 303 -4.80 -16.92 1.32
CA CYS E 303 -4.03 -16.91 2.56
C CYS E 303 -4.60 -16.00 3.62
N PRO E 304 -4.25 -16.27 4.89
CA PRO E 304 -4.41 -15.27 5.94
C PRO E 304 -3.35 -14.20 5.70
N LYS E 305 -3.62 -12.95 6.06
CA LYS E 305 -2.63 -11.90 5.89
C LYS E 305 -1.46 -12.12 6.84
N TYR E 306 -0.24 -12.07 6.31
CA TYR E 306 0.95 -12.12 7.14
C TYR E 306 1.10 -10.82 7.92
N ILE E 307 1.33 -10.94 9.23
CA ILE E 307 1.57 -9.77 10.05
C ILE E 307 2.76 -10.01 10.99
N LYS E 308 3.48 -8.95 11.32
CA LYS E 308 4.60 -9.04 12.23
C LYS E 308 4.11 -8.90 13.66
N SER E 309 3.71 -10.02 14.26
CA SER E 309 3.11 -9.99 15.58
C SER E 309 3.20 -11.33 16.29
N GLY E 310 3.28 -11.28 17.61
CA GLY E 310 3.08 -12.48 18.42
C GLY E 310 1.60 -12.81 18.42
N GLN E 311 1.23 -13.90 19.07
CA GLN E 311 -0.17 -14.33 19.10
C GLN E 311 -1.07 -13.23 19.65
N LEU E 312 -2.25 -13.09 19.06
CA LEU E 312 -3.22 -12.09 19.49
C LEU E 312 -4.48 -12.77 20.02
N LYS E 313 -4.78 -12.54 21.28
CA LYS E 313 -5.91 -13.20 21.92
C LYS E 313 -7.12 -12.28 22.02
N LEU E 314 -8.21 -12.65 21.34
CA LEU E 314 -9.45 -11.91 21.42
C LEU E 314 -10.29 -12.44 22.59
N ALA E 315 -10.62 -11.56 23.52
CA ALA E 315 -11.45 -11.96 24.66
C ALA E 315 -12.86 -12.27 24.20
N THR E 316 -13.40 -13.37 24.70
CA THR E 316 -14.80 -13.71 24.45
C THR E 316 -15.56 -13.69 25.77
N GLY E 317 -14.96 -14.28 26.79
CA GLY E 317 -15.57 -14.30 28.11
C GLY E 317 -15.42 -12.97 28.82
N LEU E 318 -15.62 -12.99 30.14
CA LEU E 318 -15.54 -11.78 30.94
C LEU E 318 -14.31 -11.80 31.82
N ARG E 319 -14.06 -10.69 32.51
CA ARG E 319 -12.93 -10.61 33.43
C ARG E 319 -13.05 -11.69 34.51
N ASN E 320 -12.04 -12.53 34.61
CA ASN E 320 -12.04 -13.61 35.59
C ASN E 320 -11.61 -13.13 36.96
N VAL E 321 -12.56 -12.61 37.72
CA VAL E 321 -12.29 -12.17 39.08
C VAL E 321 -12.78 -13.21 40.08
N PRO E 322 -11.86 -13.72 40.93
CA PRO E 322 -12.06 -14.86 41.83
C PRO E 322 -13.20 -14.72 42.84
N ALA E 323 -13.56 -15.85 43.45
CA ALA E 323 -14.76 -15.97 44.28
C ALA E 323 -14.64 -15.23 45.62
N ILE E 324 -15.71 -14.53 45.99
CA ILE E 324 -15.78 -13.81 47.25
C ILE E 324 -15.55 -14.75 48.43
N LEU F 2 -16.53 1.73 31.66
CA LEU F 2 -16.76 0.78 32.74
C LEU F 2 -18.06 1.07 33.50
N PHE F 3 -18.73 0.02 33.95
CA PHE F 3 -20.07 0.15 34.51
C PHE F 3 -20.16 -0.19 35.99
N GLY F 4 -19.01 -0.51 36.60
CA GLY F 4 -18.90 -0.62 38.04
C GLY F 4 -19.47 -1.85 38.69
N ALA F 5 -19.93 -2.81 37.89
CA ALA F 5 -20.49 -4.04 38.42
C ALA F 5 -19.43 -5.13 38.61
N ILE F 6 -18.93 -5.66 37.49
CA ILE F 6 -17.91 -6.69 37.53
C ILE F 6 -16.62 -6.16 38.17
N ALA F 7 -16.15 -6.87 39.20
CA ALA F 7 -15.01 -6.44 40.00
C ALA F 7 -15.26 -5.06 40.63
N GLY F 8 -16.52 -4.70 40.75
CA GLY F 8 -16.92 -3.44 41.35
C GLY F 8 -17.70 -3.67 42.63
N PHE F 9 -18.99 -3.34 42.61
CA PHE F 9 -19.82 -3.53 43.81
C PHE F 9 -20.20 -5.01 43.99
N ILE F 10 -20.22 -5.75 42.89
CA ILE F 10 -20.27 -7.21 42.97
C ILE F 10 -18.83 -7.68 42.87
N GLU F 11 -18.18 -7.81 44.02
CA GLU F 11 -16.71 -7.88 44.08
C GLU F 11 -16.07 -9.21 43.67
N GLY F 12 -16.88 -10.22 43.37
CA GLY F 12 -16.32 -11.50 42.98
C GLY F 12 -17.24 -12.32 42.09
N GLY F 13 -16.66 -13.30 41.39
CA GLY F 13 -17.42 -14.16 40.51
C GLY F 13 -17.84 -15.44 41.20
N TRP F 14 -18.69 -16.21 40.51
CA TRP F 14 -19.18 -17.47 41.05
C TRP F 14 -18.66 -18.67 40.28
N PRO F 15 -17.71 -19.42 40.85
CA PRO F 15 -17.35 -20.71 40.28
C PRO F 15 -18.53 -21.63 40.49
N GLY F 16 -18.76 -22.56 39.57
CA GLY F 16 -19.91 -23.43 39.69
C GLY F 16 -21.17 -22.74 39.22
N LEU F 17 -21.01 -21.74 38.36
CA LEU F 17 -22.12 -21.19 37.60
C LEU F 17 -22.11 -21.91 36.26
N ILE F 18 -23.10 -22.78 36.07
CA ILE F 18 -23.09 -23.71 34.93
C ILE F 18 -23.89 -23.21 33.72
N ASN F 19 -23.27 -23.31 32.55
CA ASN F 19 -23.91 -22.96 31.28
C ASN F 19 -24.42 -21.53 31.19
N GLY F 20 -23.66 -20.60 31.76
CA GLY F 20 -24.04 -19.20 31.72
C GLY F 20 -22.96 -18.25 32.19
N TRP F 21 -23.06 -17.00 31.75
CA TRP F 21 -22.14 -15.95 32.19
C TRP F 21 -22.73 -15.15 33.33
N TYR F 22 -24.04 -14.91 33.27
CA TYR F 22 -24.74 -14.14 34.28
C TYR F 22 -25.82 -15.01 34.92
N GLY F 23 -26.05 -14.83 36.22
CA GLY F 23 -27.02 -15.67 36.91
C GLY F 23 -27.48 -15.19 38.27
N PHE F 24 -28.15 -16.09 39.00
CA PHE F 24 -28.74 -15.77 40.30
C PHE F 24 -28.32 -16.74 41.39
N GLN F 25 -28.20 -16.24 42.62
CA GLN F 25 -27.98 -17.08 43.78
C GLN F 25 -28.98 -16.73 44.87
N HIS F 26 -29.83 -17.67 45.23
CA HIS F 26 -30.86 -17.41 46.23
C HIS F 26 -30.69 -18.23 47.52
N GLN F 27 -31.45 -17.85 48.54
CA GLN F 27 -31.57 -18.66 49.75
C GLN F 27 -32.85 -18.37 50.50
N ASN F 28 -33.79 -19.30 50.43
CA ASN F 28 -34.98 -19.24 51.25
C ASN F 28 -34.89 -20.33 52.31
N GLU F 29 -35.99 -20.54 53.05
CA GLU F 29 -36.01 -21.55 54.11
C GLU F 29 -35.72 -22.95 53.60
N GLN F 30 -35.84 -23.14 52.29
CA GLN F 30 -35.78 -24.47 51.70
C GLN F 30 -34.62 -24.70 50.71
N GLY F 31 -33.54 -23.94 50.82
CA GLY F 31 -32.34 -24.28 50.08
C GLY F 31 -31.64 -23.23 49.23
N THR F 32 -30.76 -23.72 48.36
CA THR F 32 -29.86 -22.90 47.55
C THR F 32 -29.33 -23.79 46.43
N GLY F 33 -29.30 -23.28 45.20
CA GLY F 33 -29.75 -21.94 44.85
C GLY F 33 -28.78 -21.21 43.94
N ILE F 34 -28.49 -21.80 42.78
CA ILE F 34 -27.69 -21.14 41.74
C ILE F 34 -28.21 -21.50 40.35
N ALA F 35 -28.36 -20.49 39.50
CA ALA F 35 -28.89 -20.70 38.15
C ALA F 35 -28.49 -19.57 37.21
N ALA F 36 -28.12 -19.94 35.99
CA ALA F 36 -27.77 -18.95 34.98
C ALA F 36 -29.02 -18.29 34.43
N ASP F 37 -28.89 -17.05 33.97
CA ASP F 37 -29.97 -16.37 33.30
C ASP F 37 -29.82 -16.56 31.80
N LYS F 38 -30.50 -17.57 31.26
CA LYS F 38 -30.37 -17.92 29.84
C LYS F 38 -30.67 -16.74 28.91
N GLU F 39 -31.58 -15.88 29.33
CA GLU F 39 -31.96 -14.71 28.53
C GLU F 39 -30.79 -13.78 28.23
N SER F 40 -30.21 -13.19 29.27
CA SER F 40 -29.13 -12.22 29.10
C SER F 40 -27.82 -12.88 28.69
N THR F 41 -27.65 -14.15 29.06
CA THR F 41 -26.44 -14.89 28.70
C THR F 41 -26.42 -15.19 27.20
N GLN F 42 -27.53 -15.72 26.69
CA GLN F 42 -27.62 -16.05 25.27
C GLN F 42 -27.49 -14.81 24.39
N LYS F 43 -28.15 -13.73 24.80
CA LYS F 43 -28.07 -12.47 24.07
C LYS F 43 -26.63 -11.97 24.01
N ALA F 44 -25.90 -12.16 25.10
CA ALA F 44 -24.50 -11.77 25.16
C ALA F 44 -23.66 -12.68 24.28
N ILE F 45 -23.96 -13.97 24.32
CA ILE F 45 -23.28 -14.95 23.48
C ILE F 45 -23.47 -14.64 22.01
N ASP F 46 -24.69 -14.28 21.64
CA ASP F 46 -25.00 -13.92 20.26
C ASP F 46 -24.21 -12.71 19.79
N GLN F 47 -23.99 -11.75 20.69
CA GLN F 47 -23.28 -10.53 20.33
C GLN F 47 -21.79 -10.79 20.13
N ILE F 48 -21.19 -11.55 21.04
CA ILE F 48 -19.78 -11.91 20.92
C ILE F 48 -19.53 -12.73 19.65
N THR F 49 -20.46 -13.63 19.35
CA THR F 49 -20.37 -14.45 18.15
C THR F 49 -20.46 -13.58 16.90
N THR F 50 -21.38 -12.64 16.90
CA THR F 50 -21.54 -11.72 15.77
C THR F 50 -20.30 -10.86 15.59
N LYS F 51 -19.73 -10.40 16.71
CA LYS F 51 -18.53 -9.59 16.68
C LYS F 51 -17.36 -10.36 16.09
N ILE F 52 -17.11 -11.56 16.61
CA ILE F 52 -16.02 -12.40 16.14
C ILE F 52 -16.18 -12.73 14.65
N ASN F 53 -17.39 -13.12 14.26
CA ASN F 53 -17.66 -13.44 12.87
C ASN F 53 -17.45 -12.23 11.94
N ASN F 54 -17.94 -11.08 12.37
CA ASN F 54 -17.73 -9.85 11.59
C ASN F 54 -16.25 -9.55 11.37
N ILE F 55 -15.46 -9.65 12.43
CA ILE F 55 -14.03 -9.38 12.35
C ILE F 55 -13.34 -10.28 11.31
N ILE F 56 -13.73 -11.55 11.29
CA ILE F 56 -13.14 -12.54 10.42
C ILE F 56 -13.76 -12.58 9.01
N ASP F 57 -15.08 -12.57 8.92
CA ASP F 57 -15.78 -12.69 7.64
C ASP F 57 -15.55 -11.51 6.71
N LYS F 58 -15.32 -10.33 7.26
CA LYS F 58 -15.16 -9.13 6.44
C LYS F 58 -13.81 -9.06 5.74
N MET F 59 -12.85 -9.85 6.22
CA MET F 59 -11.56 -9.98 5.54
C MET F 59 -11.66 -10.97 4.38
N ASN F 60 -12.24 -10.51 3.28
CA ASN F 60 -12.53 -11.37 2.16
C ASN F 60 -11.75 -10.96 0.92
N GLY F 61 -10.63 -10.28 1.13
CA GLY F 61 -9.79 -9.83 0.05
C GLY F 61 -8.64 -10.78 -0.25
N ASN F 62 -7.64 -10.28 -0.97
CA ASN F 62 -6.46 -11.07 -1.28
C ASN F 62 -5.27 -10.65 -0.43
N TYR F 63 -4.76 -11.57 0.38
CA TYR F 63 -3.76 -11.21 1.38
C TYR F 63 -2.41 -11.94 1.26
N ASP F 64 -2.22 -12.71 0.20
CA ASP F 64 -0.90 -13.33 0.00
C ASP F 64 0.12 -12.26 -0.39
N SER F 65 1.37 -12.67 -0.54
CA SER F 65 2.46 -11.72 -0.75
C SER F 65 2.30 -10.84 -1.99
N ILE F 66 2.81 -9.61 -1.88
CA ILE F 66 3.00 -8.78 -3.04
C ILE F 66 4.44 -8.97 -3.50
N ARG F 67 4.63 -9.86 -4.47
CA ARG F 67 5.95 -10.07 -5.04
C ARG F 67 5.88 -10.69 -6.43
N GLY F 68 6.99 -10.66 -7.13
CA GLY F 68 7.09 -11.28 -8.44
C GLY F 68 8.41 -12.01 -8.58
N GLU F 69 8.72 -12.46 -9.79
CA GLU F 69 9.99 -13.11 -10.04
C GLU F 69 10.92 -12.13 -10.74
N PHE F 70 12.17 -12.10 -10.28
CA PHE F 70 13.17 -11.20 -10.84
C PHE F 70 14.52 -11.90 -10.99
N ASN F 71 15.31 -11.50 -11.98
CA ASN F 71 16.68 -11.97 -12.06
C ASN F 71 17.60 -11.08 -11.25
N GLN F 72 18.91 -11.36 -11.29
CA GLN F 72 19.86 -10.64 -10.44
C GLN F 72 20.26 -9.29 -11.03
N VAL F 73 19.72 -8.94 -12.18
CA VAL F 73 20.04 -7.66 -12.83
C VAL F 73 18.95 -6.62 -12.63
N GLU F 74 17.83 -7.04 -12.03
CA GLU F 74 16.74 -6.12 -11.75
C GLU F 74 16.51 -5.98 -10.25
N LYS F 75 17.55 -5.53 -9.56
CA LYS F 75 17.54 -5.44 -8.10
C LYS F 75 16.64 -4.33 -7.57
N ARG F 76 16.65 -3.18 -8.23
CA ARG F 76 15.85 -2.04 -7.78
C ARG F 76 14.36 -2.35 -7.73
N ILE F 77 13.82 -2.83 -8.84
CA ILE F 77 12.40 -3.17 -8.90
C ILE F 77 12.08 -4.30 -7.92
N ASN F 78 13.06 -5.17 -7.68
CA ASN F 78 12.91 -6.24 -6.72
C ASN F 78 12.83 -5.69 -5.30
N MET F 79 13.62 -4.66 -5.02
CA MET F 79 13.63 -4.04 -3.71
C MET F 79 12.37 -3.23 -3.42
N LEU F 80 11.85 -2.57 -4.45
CA LEU F 80 10.64 -1.77 -4.32
C LEU F 80 9.43 -2.68 -4.07
N ALA F 81 9.39 -3.81 -4.76
CA ALA F 81 8.32 -4.76 -4.57
C ALA F 81 8.30 -5.27 -3.13
N ASP F 82 9.49 -5.62 -2.62
CA ASP F 82 9.62 -6.09 -1.25
C ASP F 82 9.27 -5.01 -0.22
N ARG F 83 9.63 -3.77 -0.51
CA ARG F 83 9.34 -2.67 0.40
C ARG F 83 7.84 -2.39 0.46
N ILE F 84 7.19 -2.48 -0.69
CA ILE F 84 5.75 -2.23 -0.77
C ILE F 84 4.97 -3.34 -0.06
N ASP F 85 5.38 -4.59 -0.28
CA ASP F 85 4.79 -5.72 0.42
C ASP F 85 4.97 -5.57 1.92
N ASP F 86 6.14 -5.10 2.32
CA ASP F 86 6.45 -4.89 3.74
C ASP F 86 5.59 -3.78 4.34
N ALA F 87 5.37 -2.73 3.55
CA ALA F 87 4.58 -1.58 4.01
C ALA F 87 3.10 -1.95 4.19
N VAL F 88 2.57 -2.72 3.24
CA VAL F 88 1.21 -3.22 3.34
C VAL F 88 1.08 -4.11 4.57
N THR F 89 2.10 -4.92 4.80
CA THR F 89 2.17 -5.78 5.98
C THR F 89 2.19 -4.98 7.29
N ASP F 90 2.89 -3.86 7.28
CA ASP F 90 2.97 -3.00 8.47
C ASP F 90 1.64 -2.35 8.82
N ILE F 91 0.85 -2.03 7.80
CA ILE F 91 -0.48 -1.46 8.01
C ILE F 91 -1.41 -2.48 8.66
N TRP F 92 -1.42 -3.69 8.14
CA TRP F 92 -2.23 -4.76 8.70
C TRP F 92 -1.78 -5.16 10.10
N SER F 93 -0.47 -5.12 10.32
CA SER F 93 0.09 -5.47 11.62
C SER F 93 -0.40 -4.53 12.72
N TYR F 94 -0.32 -3.23 12.48
CA TYR F 94 -0.76 -2.24 13.45
C TYR F 94 -2.27 -2.30 13.69
N ASN F 95 -3.04 -2.40 12.61
CA ASN F 95 -4.49 -2.48 12.71
C ASN F 95 -4.94 -3.73 13.46
N ALA F 96 -4.27 -4.85 13.22
CA ALA F 96 -4.61 -6.10 13.89
C ALA F 96 -4.40 -5.97 15.40
N LYS F 97 -3.25 -5.45 15.80
CA LYS F 97 -2.91 -5.29 17.21
C LYS F 97 -3.85 -4.30 17.90
N LEU F 98 -4.09 -3.16 17.27
CA LEU F 98 -4.95 -2.14 17.84
C LEU F 98 -6.39 -2.59 17.93
N LEU F 99 -6.88 -3.30 16.91
CA LEU F 99 -8.26 -3.76 16.90
C LEU F 99 -8.52 -4.72 18.06
N VAL F 100 -7.56 -5.61 18.32
CA VAL F 100 -7.69 -6.57 19.40
C VAL F 100 -7.68 -5.89 20.76
N LEU F 101 -6.80 -4.91 20.93
CA LEU F 101 -6.76 -4.11 22.14
C LEU F 101 -8.07 -3.35 22.33
N LEU F 102 -8.54 -2.70 21.27
CA LEU F 102 -9.78 -1.93 21.31
C LEU F 102 -10.99 -2.80 21.63
N GLU F 103 -11.08 -3.95 20.98
CA GLU F 103 -12.24 -4.82 21.13
C GLU F 103 -12.26 -5.57 22.46
N ASN F 104 -11.08 -5.95 22.96
CA ASN F 104 -10.99 -6.57 24.27
C ASN F 104 -11.47 -5.61 25.34
N ASP F 105 -11.16 -4.33 25.15
CA ASP F 105 -11.64 -3.28 26.03
C ASP F 105 -13.16 -3.28 26.02
N LYS F 106 -13.74 -3.25 24.82
CA LYS F 106 -15.19 -3.19 24.69
C LYS F 106 -15.91 -4.47 25.10
N THR F 107 -15.27 -5.62 24.91
CA THR F 107 -15.88 -6.89 25.26
C THR F 107 -16.03 -7.02 26.77
N LEU F 108 -14.97 -6.69 27.49
CA LEU F 108 -14.99 -6.73 28.94
C LEU F 108 -16.01 -5.77 29.54
N ASP F 109 -16.11 -4.57 28.98
CA ASP F 109 -17.04 -3.57 29.45
C ASP F 109 -18.49 -3.94 29.11
N MET F 110 -18.65 -4.68 28.02
CA MET F 110 -19.96 -5.15 27.61
C MET F 110 -20.51 -6.11 28.66
N HIS F 111 -19.65 -7.01 29.13
CA HIS F 111 -20.03 -7.95 30.17
C HIS F 111 -20.37 -7.22 31.45
N ASP F 112 -19.54 -6.24 31.79
CA ASP F 112 -19.75 -5.40 32.96
C ASP F 112 -21.13 -4.73 32.87
N ALA F 113 -21.45 -4.21 31.69
CA ALA F 113 -22.73 -3.54 31.47
C ALA F 113 -23.90 -4.52 31.57
N ASN F 114 -23.70 -5.74 31.09
CA ASN F 114 -24.76 -6.73 31.08
C ASN F 114 -25.22 -7.16 32.47
N VAL F 115 -24.28 -7.41 33.38
CA VAL F 115 -24.65 -7.83 34.73
C VAL F 115 -25.16 -6.65 35.54
N LYS F 116 -24.74 -5.44 35.17
CA LYS F 116 -25.22 -4.24 35.84
C LYS F 116 -26.67 -4.01 35.46
N ASN F 117 -27.00 -4.31 34.21
CA ASN F 117 -28.35 -4.15 33.71
C ASN F 117 -29.26 -5.21 34.28
N LEU F 118 -28.69 -6.37 34.54
CA LEU F 118 -29.43 -7.47 35.17
C LEU F 118 -29.73 -7.12 36.61
N HIS F 119 -28.75 -6.54 37.30
CA HIS F 119 -28.90 -6.13 38.69
C HIS F 119 -29.98 -5.06 38.81
N GLU F 120 -29.92 -4.07 37.92
CA GLU F 120 -30.91 -3.00 37.87
C GLU F 120 -32.30 -3.54 37.56
N GLN F 121 -32.34 -4.57 36.72
CA GLN F 121 -33.60 -5.20 36.32
C GLN F 121 -34.28 -5.86 37.51
N VAL F 122 -33.48 -6.51 38.37
CA VAL F 122 -34.01 -7.16 39.56
C VAL F 122 -34.44 -6.13 40.60
N ARG F 123 -33.66 -5.07 40.71
CA ARG F 123 -33.96 -4.00 41.66
C ARG F 123 -35.29 -3.33 41.35
N ARG F 124 -35.58 -3.16 40.06
CA ARG F 124 -36.82 -2.55 39.61
C ARG F 124 -38.03 -3.45 39.87
N GLU F 125 -37.82 -4.76 39.79
CA GLU F 125 -38.86 -5.72 40.09
C GLU F 125 -39.33 -5.60 41.54
N LEU F 126 -38.36 -5.77 42.45
CA LEU F 126 -38.65 -5.86 43.88
C LEU F 126 -39.21 -4.55 44.42
N LYS F 127 -38.66 -3.43 43.96
CA LYS F 127 -39.00 -2.11 44.49
C LYS F 127 -38.79 -2.17 46.00
N ASP F 128 -39.80 -1.75 46.74
CA ASP F 128 -39.70 -1.55 48.19
C ASP F 128 -39.78 -2.87 48.94
N ASN F 129 -39.98 -3.96 48.22
CA ASN F 129 -40.11 -5.29 48.84
C ASN F 129 -38.77 -5.91 49.21
N ALA F 130 -37.68 -5.19 48.95
CA ALA F 130 -36.35 -5.70 49.23
C ALA F 130 -35.35 -4.60 49.58
N ILE F 131 -34.34 -4.95 50.36
CA ILE F 131 -33.27 -4.04 50.71
C ILE F 131 -32.08 -4.28 49.79
N ASP F 132 -31.60 -3.22 49.14
CA ASP F 132 -30.42 -3.32 48.28
C ASP F 132 -29.15 -3.24 49.13
N GLU F 133 -28.47 -4.37 49.26
CA GLU F 133 -27.30 -4.47 50.12
C GLU F 133 -26.03 -3.87 49.50
N GLY F 134 -26.11 -3.49 48.23
CA GLY F 134 -25.01 -2.84 47.55
C GLY F 134 -23.86 -3.77 47.21
N ASN F 135 -24.14 -5.06 47.13
CA ASN F 135 -23.13 -6.04 46.78
C ASN F 135 -23.63 -7.07 45.77
N GLY F 136 -24.76 -6.76 45.14
CA GLY F 136 -25.37 -7.65 44.17
C GLY F 136 -26.48 -8.48 44.79
N CYS F 137 -26.58 -8.43 46.12
CA CYS F 137 -27.59 -9.18 46.84
C CYS F 137 -28.81 -8.33 47.19
N PHE F 138 -29.95 -8.98 47.33
CA PHE F 138 -31.18 -8.33 47.76
C PHE F 138 -31.79 -9.07 48.94
N GLU F 139 -32.03 -8.34 50.03
CA GLU F 139 -32.67 -8.94 51.20
C GLU F 139 -34.18 -8.74 51.13
N LEU F 140 -34.91 -9.83 50.96
CA LEU F 140 -36.36 -9.77 50.86
C LEU F 140 -37.01 -9.45 52.21
N LEU F 141 -38.01 -8.56 52.18
CA LEU F 141 -38.71 -8.17 53.40
C LEU F 141 -39.85 -9.13 53.70
N HIS F 142 -40.19 -9.95 52.72
CA HIS F 142 -41.21 -10.99 52.90
C HIS F 142 -40.60 -12.37 52.63
N LYS F 143 -41.39 -13.41 52.81
CA LYS F 143 -40.94 -14.77 52.52
C LYS F 143 -41.02 -15.02 51.02
N CYS F 144 -40.16 -15.87 50.51
CA CYS F 144 -40.13 -16.14 49.08
C CYS F 144 -40.07 -17.64 48.76
N ASN F 145 -41.16 -18.16 48.19
CA ASN F 145 -41.22 -19.52 47.70
C ASN F 145 -40.10 -19.84 46.71
N ASP F 146 -39.94 -21.12 46.41
CA ASP F 146 -39.11 -21.52 45.28
C ASP F 146 -39.78 -20.99 44.02
N SER F 147 -41.11 -20.95 44.05
CA SER F 147 -41.90 -20.38 42.97
C SER F 147 -41.69 -18.86 42.91
N CYS F 148 -41.62 -18.23 44.07
CA CYS F 148 -41.43 -16.78 44.15
C CYS F 148 -40.08 -16.35 43.57
N MET F 149 -39.05 -17.13 43.86
CA MET F 149 -37.72 -16.86 43.34
C MET F 149 -37.72 -16.91 41.81
N GLU F 150 -38.48 -17.85 41.25
CA GLU F 150 -38.56 -18.02 39.80
C GLU F 150 -39.24 -16.82 39.13
N THR F 151 -40.24 -16.26 39.78
CA THR F 151 -40.94 -15.09 39.25
C THR F 151 -40.00 -13.88 39.22
N ILE F 152 -39.01 -13.88 40.11
CA ILE F 152 -38.01 -12.83 40.11
C ILE F 152 -37.02 -13.08 38.97
N ARG F 153 -36.62 -14.33 38.81
CA ARG F 153 -35.66 -14.70 37.78
C ARG F 153 -36.21 -14.53 36.36
N ASN F 154 -37.50 -14.79 36.18
CA ASN F 154 -38.10 -14.68 34.85
C ASN F 154 -38.77 -13.32 34.58
N GLY F 155 -38.57 -12.38 35.50
CA GLY F 155 -39.03 -11.01 35.30
C GLY F 155 -40.47 -10.73 35.69
N THR F 156 -41.24 -11.78 35.95
CA THR F 156 -42.68 -11.65 36.18
C THR F 156 -43.07 -11.39 37.63
N TYR F 157 -42.10 -11.15 38.50
CA TYR F 157 -42.37 -10.84 39.90
C TYR F 157 -43.21 -9.57 40.03
N ASP F 158 -44.30 -9.66 40.78
CA ASP F 158 -45.19 -8.52 40.99
C ASP F 158 -45.07 -8.02 42.43
N HIS F 159 -44.66 -6.77 42.58
CA HIS F 159 -44.40 -6.19 43.89
C HIS F 159 -45.67 -5.88 44.69
N THR F 160 -46.81 -5.87 44.00
CA THR F 160 -48.09 -5.57 44.65
C THR F 160 -48.59 -6.76 45.45
N GLU F 161 -48.36 -7.96 44.91
CA GLU F 161 -48.79 -9.19 45.57
C GLU F 161 -47.87 -9.62 46.72
N TYR F 162 -47.10 -8.67 47.24
CA TYR F 162 -46.18 -8.95 48.33
C TYR F 162 -45.92 -7.73 49.22
N ALA F 163 -46.33 -6.56 48.76
CA ALA F 163 -45.94 -5.29 49.39
C ALA F 163 -46.31 -5.18 50.87
N GLU F 164 -47.26 -5.98 51.32
CA GLU F 164 -47.82 -5.82 52.66
C GLU F 164 -47.06 -6.56 53.76
N GLU F 165 -46.42 -7.68 53.41
CA GLU F 165 -45.62 -8.41 54.39
C GLU F 165 -44.34 -7.62 54.69
N SER F 166 -44.00 -6.72 53.77
CA SER F 166 -42.85 -5.83 53.95
C SER F 166 -43.15 -4.77 54.99
#